data_9JBG
#
_entry.id   9JBG
#
_cell.length_a   1.00
_cell.length_b   1.00
_cell.length_c   1.00
_cell.angle_alpha   90.00
_cell.angle_beta   90.00
_cell.angle_gamma   90.00
#
_symmetry.space_group_name_H-M   'P 1'
#
loop_
_entity.id
_entity.type
_entity.pdbx_description
1 polymer 'Lysosomal cholesterol signaling protein'
2 non-polymer 1,2-Distearoyl-sn-glycerophosphoethanolamine
3 non-polymer O-[(R)-{[(2R)-2,3-bis(octadecanoyloxy)propyl]oxy}(hydroxy)phosphoryl]-L-serine
4 non-polymer 1,2-DIACYL-SN-GLYCERO-3-PHOSPHOCHOLINE
5 non-polymer 'OLEIC ACID'
#
_entity_poly.entity_id   1
_entity_poly.type   'polypeptide(L)'
_entity_poly.pdbx_seq_one_letter_code
;MNSNLPAENLTIAVNMTKTLPTAVTHGFNSTNDPPSMSITRLFPALLECFGIVLCGYIAGRANVITSTQAKGLGNFVSRF
ALPALLFKNMVVLNFSNVDWSFLYSILIAKASVFFIVCVLTLLVASPDSRFSKAGLFPIFATQSNDFALGYPIVEALYQT
TYPEYLQYIYLVAPISLMMLNPIGFIFCEIQKWKDTQNASQNKIKIVGLGLLRVLQNPIVFMVFIGIAFNFILDRKVPVY
VENFLDGLGNSFSGSALFYLGLTMVGKIKRLKKSAFVVLILLITAKLLVLPLLCREMVELLDKGDSVVNHTSLSNYAFLY
GVFPVAPGVAIFATQFNMEVEIITSGMVISTFVSAPIMYVSAWLLTFPTMDPKPLAYAIQNVSFDISIVSLISLIWSLAI
LLLSKKYKQLPHMLTTNLLIAQSIVCAGMMIWNFVKEKNFVGQILVFVLLYSSLYSTYLWTGLLAISLFLLKKRERVQIP
VGIIIISGWGIPALLVGVLLITGKHNGDSIDSAFFYGKEQMITTAVTLFCSILIAGISLMCMNQTAQAGSYEGFDQSQSH
KVVEPGNTAFEESPAPVNEPELFTSSIPETSCCSCSMGNGELHCPSIEPIANTSTSEPVIPSFEKNNHCVSRCNSQSCIL
AQEEEQYLQSGDQQLTRHVLLCLLLIIGLFANLSSCLWWLFNQEPGRLYVELQFFCAVFNFGQGFISFGIFGLDKHLIIL
PFKRRLEFLWNNKDTAENRDSPVSEEIKMTCQQFIHYHRDLCIRNIVKERRCGAKTSAGTFCGCDLVSWLIEVGLASDRG
EAVIYGDRLVQGGVIQHITNEYEFRDEYLFYRFLQKSPEQSPPAINANTLQQERYKEIEHSSPPSHSPKTSRENLYFQ
;
_entity_poly.pdbx_strand_id   A,B
#
loop_
_chem_comp.id
_chem_comp.type
_chem_comp.name
_chem_comp.formula
3PE non-polymer 1,2-Distearoyl-sn-glycerophosphoethanolamine 'C41 H82 N O8 P'
OLA non-polymer 'OLEIC ACID' 'C18 H34 O2'
P5S non-polymer O-[(R)-{[(2R)-2,3-bis(octadecanoyloxy)propyl]oxy}(hydroxy)phosphoryl]-L-serine 'C42 H82 N O10 P'
PC1 non-polymer 1,2-DIACYL-SN-GLYCERO-3-PHOSPHOCHOLINE 'C44 H88 N O8 P'
#
# COMPACT_ATOMS: atom_id res chain seq x y z
N PRO A 35 23.00 23.54 -3.00
CA PRO A 35 24.03 22.64 -2.48
C PRO A 35 23.94 21.24 -3.09
N SER A 36 24.79 20.33 -2.60
CA SER A 36 24.77 18.96 -3.11
C SER A 36 23.50 18.21 -2.70
N MET A 37 22.84 18.63 -1.63
CA MET A 37 21.64 17.98 -1.13
C MET A 37 20.49 18.97 -1.05
N SER A 38 19.28 18.43 -1.11
CA SER A 38 18.06 19.25 -0.97
C SER A 38 17.68 19.32 0.51
N ILE A 39 18.47 20.11 1.24
CA ILE A 39 18.28 20.29 2.70
C ILE A 39 16.86 20.74 3.00
N THR A 40 16.26 21.57 2.15
CA THR A 40 14.88 21.99 2.39
C THR A 40 13.93 20.81 2.36
N ARG A 41 14.21 19.81 1.52
CA ARG A 41 13.31 18.68 1.33
C ARG A 41 13.63 17.50 2.23
N LEU A 42 14.55 17.69 3.17
CA LEU A 42 14.87 16.62 4.15
C LEU A 42 13.65 16.42 5.04
N PHE A 43 13.07 17.49 5.58
CA PHE A 43 11.95 17.39 6.56
C PHE A 43 10.68 16.90 5.86
N PRO A 44 10.30 17.37 4.65
CA PRO A 44 9.15 16.76 3.96
C PRO A 44 9.29 15.26 3.76
N ALA A 45 10.48 14.79 3.37
CA ALA A 45 10.67 13.36 3.14
C ALA A 45 10.64 12.56 4.45
N LEU A 46 11.38 13.04 5.45
CA LEU A 46 11.37 12.37 6.74
C LEU A 46 9.97 12.35 7.33
N LEU A 47 9.25 13.47 7.22
CA LEU A 47 7.87 13.54 7.68
C LEU A 47 7.00 12.54 6.93
N GLU A 48 7.19 12.41 5.61
CA GLU A 48 6.43 11.43 4.84
C GLU A 48 6.64 10.02 5.39
N CYS A 49 7.90 9.57 5.41
CA CYS A 49 8.17 8.20 5.83
C CYS A 49 7.72 7.96 7.27
N PHE A 50 8.01 8.89 8.17
CA PHE A 50 7.72 8.66 9.57
C PHE A 50 6.25 8.89 9.92
N GLY A 51 5.53 9.72 9.19
CA GLY A 51 4.09 9.79 9.33
C GLY A 51 3.42 8.53 8.84
N ILE A 52 3.88 7.97 7.71
CA ILE A 52 3.30 6.71 7.25
C ILE A 52 3.57 5.59 8.25
N VAL A 53 4.80 5.54 8.77
CA VAL A 53 5.20 4.46 9.71
C VAL A 53 4.44 4.66 11.01
N LEU A 54 4.14 5.91 11.41
CA LEU A 54 3.33 6.18 12.59
C LEU A 54 1.88 5.77 12.35
N CYS A 55 1.38 5.97 11.13
CA CYS A 55 0.04 5.47 10.80
C CYS A 55 -0.03 3.96 10.96
N GLY A 56 1.01 3.26 10.48
CA GLY A 56 1.09 1.83 10.72
C GLY A 56 1.11 1.48 12.20
N TYR A 57 1.89 2.22 12.99
CA TYR A 57 1.97 1.98 14.43
C TYR A 57 0.62 2.14 15.10
N ILE A 58 -0.08 3.24 14.82
CA ILE A 58 -1.36 3.49 15.46
C ILE A 58 -2.41 2.50 14.98
N ALA A 59 -2.38 2.12 13.69
CA ALA A 59 -3.31 1.13 13.18
C ALA A 59 -3.10 -0.21 13.88
N GLY A 60 -1.84 -0.59 14.09
CA GLY A 60 -1.57 -1.80 14.86
C GLY A 60 -2.04 -1.69 16.30
N ARG A 61 -1.82 -0.52 16.92
CA ARG A 61 -2.24 -0.33 18.30
C ARG A 61 -3.74 -0.15 18.42
N ALA A 62 -4.39 0.41 17.40
CA ALA A 62 -5.83 0.58 17.42
C ALA A 62 -6.58 -0.68 17.02
N ASN A 63 -5.87 -1.77 16.71
CA ASN A 63 -6.42 -3.08 16.40
C ASN A 63 -7.29 -3.07 15.14
N VAL A 64 -7.14 -2.04 14.31
CA VAL A 64 -7.89 -1.95 13.03
C VAL A 64 -7.34 -3.05 12.11
N ILE A 65 -6.02 -3.33 12.19
CA ILE A 65 -5.36 -4.39 11.37
C ILE A 65 -4.50 -5.23 12.31
N THR A 66 -4.93 -6.44 12.68
CA THR A 66 -4.20 -7.27 13.62
C THR A 66 -2.93 -7.80 12.97
N SER A 67 -2.21 -8.63 13.72
CA SER A 67 -0.94 -9.19 13.22
C SER A 67 -1.17 -10.07 12.02
N THR A 68 -2.14 -11.00 12.12
CA THR A 68 -2.42 -11.89 11.00
C THR A 68 -2.88 -11.11 9.77
N GLN A 69 -3.67 -10.06 9.98
CA GLN A 69 -4.06 -9.21 8.86
C GLN A 69 -2.85 -8.49 8.27
N ALA A 70 -1.92 -8.05 9.12
CA ALA A 70 -0.74 -7.36 8.61
C ALA A 70 0.17 -8.31 7.85
N LYS A 71 0.07 -9.62 8.12
CA LYS A 71 0.85 -10.60 7.37
C LYS A 71 0.51 -10.53 5.88
N GLY A 72 -0.74 -10.22 5.55
CA GLY A 72 -1.11 -10.10 4.14
C GLY A 72 -0.39 -8.96 3.45
N LEU A 73 -0.34 -7.80 4.10
CA LEU A 73 0.41 -6.68 3.55
C LEU A 73 1.90 -7.00 3.45
N GLY A 74 2.43 -7.70 4.46
CA GLY A 74 3.83 -8.09 4.41
C GLY A 74 4.14 -9.01 3.24
N ASN A 75 3.29 -10.02 3.04
CA ASN A 75 3.44 -10.89 1.89
C ASN A 75 3.30 -10.16 0.57
N PHE A 76 2.36 -9.24 0.44
CA PHE A 76 2.28 -8.45 -0.78
C PHE A 76 3.55 -7.67 -1.04
N VAL A 77 4.00 -6.87 -0.06
CA VAL A 77 5.16 -6.02 -0.28
C VAL A 77 6.42 -6.82 -0.50
N SER A 78 6.49 -8.05 0.06
CA SER A 78 7.65 -8.89 -0.15
C SER A 78 7.64 -9.55 -1.54
N ARG A 79 6.56 -10.29 -1.83
CA ARG A 79 6.54 -11.11 -3.04
C ARG A 79 6.35 -10.28 -4.31
N PHE A 80 5.46 -9.29 -4.31
CA PHE A 80 5.04 -8.67 -5.57
C PHE A 80 5.60 -7.26 -5.76
N ALA A 81 5.40 -6.37 -4.79
CA ALA A 81 5.72 -4.96 -5.03
C ALA A 81 7.21 -4.72 -5.18
N LEU A 82 8.01 -5.27 -4.25
CA LEU A 82 9.45 -5.03 -4.26
C LEU A 82 10.14 -5.56 -5.51
N PRO A 83 9.93 -6.82 -5.92
CA PRO A 83 10.64 -7.30 -7.12
C PRO A 83 10.31 -6.51 -8.38
N ALA A 84 9.08 -6.02 -8.52
CA ALA A 84 8.75 -5.19 -9.68
C ALA A 84 9.54 -3.89 -9.67
N LEU A 85 9.71 -3.29 -8.49
CA LEU A 85 10.50 -2.07 -8.37
C LEU A 85 11.94 -2.35 -8.77
N LEU A 86 12.50 -3.46 -8.28
CA LEU A 86 13.87 -3.81 -8.64
C LEU A 86 14.00 -4.03 -10.15
N PHE A 87 13.02 -4.71 -10.75
CA PHE A 87 13.06 -4.97 -12.18
C PHE A 87 13.05 -3.66 -12.96
N LYS A 88 12.14 -2.76 -12.61
CA LYS A 88 12.02 -1.50 -13.34
C LYS A 88 13.29 -0.66 -13.20
N ASN A 89 13.85 -0.60 -11.99
CA ASN A 89 15.01 0.26 -11.77
C ASN A 89 16.33 -0.39 -12.14
N MET A 90 16.32 -1.70 -12.45
CA MET A 90 17.56 -2.45 -12.75
C MET A 90 17.66 -2.73 -14.26
N VAL A 91 16.54 -2.94 -14.97
CA VAL A 91 16.62 -3.24 -16.39
C VAL A 91 17.08 -2.01 -17.17
N VAL A 92 16.60 -0.83 -16.79
CA VAL A 92 17.04 0.42 -17.41
C VAL A 92 18.36 0.91 -16.82
N LEU A 93 18.96 0.14 -15.91
CA LEU A 93 20.19 0.55 -15.25
C LEU A 93 21.33 0.64 -16.26
N ASN A 94 22.00 1.80 -16.29
CA ASN A 94 23.12 2.03 -17.20
C ASN A 94 24.42 1.72 -16.47
N PHE A 95 25.08 0.63 -16.85
CA PHE A 95 26.33 0.23 -16.24
C PHE A 95 27.53 0.96 -16.82
N SER A 96 27.38 1.66 -17.94
CA SER A 96 28.52 2.31 -18.57
C SER A 96 28.96 3.56 -17.80
N ASN A 97 28.06 4.14 -17.01
CA ASN A 97 28.32 5.38 -16.29
C ASN A 97 28.19 5.18 -14.78
N VAL A 98 28.77 4.12 -14.26
CA VAL A 98 28.76 3.84 -12.83
C VAL A 98 30.18 4.02 -12.29
N ASP A 99 30.26 4.30 -10.99
CA ASP A 99 31.54 4.46 -10.31
C ASP A 99 31.75 3.27 -9.39
N TRP A 100 32.43 2.26 -9.91
CA TRP A 100 32.70 1.05 -9.14
C TRP A 100 33.60 1.32 -7.93
N SER A 101 34.39 2.39 -7.95
CA SER A 101 35.27 2.68 -6.83
C SER A 101 34.50 2.97 -5.56
N PHE A 102 33.48 3.83 -5.66
CA PHE A 102 32.61 4.23 -4.51
C PHE A 102 31.85 3.00 -4.03
N LEU A 103 31.33 2.19 -4.95
CA LEU A 103 30.65 0.94 -4.63
C LEU A 103 31.55 0.02 -3.82
N TYR A 104 32.76 -0.21 -4.33
CA TYR A 104 33.69 -1.09 -3.63
C TYR A 104 34.11 -0.48 -2.30
N SER A 105 34.16 0.85 -2.21
CA SER A 105 34.49 1.51 -0.95
C SER A 105 33.44 1.22 0.11
N ILE A 106 32.17 1.32 -0.26
CA ILE A 106 31.06 1.04 0.68
C ILE A 106 31.09 -0.45 1.03
N LEU A 107 31.52 -1.30 0.08
CA LEU A 107 31.59 -2.73 0.33
C LEU A 107 32.68 -3.06 1.34
N ILE A 108 33.85 -2.44 1.18
CA ILE A 108 35.02 -2.69 2.07
C ILE A 108 34.75 -2.09 3.45
N ALA A 109 34.01 -0.98 3.55
CA ALA A 109 33.65 -0.41 4.83
C ALA A 109 32.69 -1.31 5.59
N LYS A 110 31.67 -1.81 4.86
CA LYS A 110 30.65 -2.71 5.45
C LYS A 110 31.33 -4.02 5.87
N ALA A 111 32.29 -4.53 5.09
CA ALA A 111 33.01 -5.75 5.43
C ALA A 111 33.90 -5.53 6.64
N SER A 112 34.52 -4.35 6.75
CA SER A 112 35.36 -4.04 7.91
C SER A 112 34.53 -3.99 9.18
N VAL A 113 33.36 -3.35 9.12
CA VAL A 113 32.48 -3.31 10.28
C VAL A 113 32.05 -4.73 10.67
N PHE A 114 31.67 -5.52 9.66
CA PHE A 114 31.31 -6.92 9.90
C PHE A 114 32.43 -7.67 10.59
N PHE A 115 33.65 -7.54 10.07
CA PHE A 115 34.79 -8.27 10.62
C PHE A 115 35.11 -7.81 12.04
N ILE A 116 35.06 -6.50 12.28
CA ILE A 116 35.38 -5.98 13.61
C ILE A 116 34.38 -6.49 14.64
N VAL A 117 33.08 -6.34 14.34
CA VAL A 117 32.09 -6.79 15.31
C VAL A 117 32.15 -8.31 15.47
N CYS A 118 32.45 -9.04 14.39
CA CYS A 118 32.55 -10.49 14.49
C CYS A 118 33.70 -10.90 15.41
N VAL A 119 34.87 -10.28 15.25
CA VAL A 119 36.02 -10.68 16.06
C VAL A 119 35.80 -10.28 17.51
N LEU A 120 35.19 -9.11 17.76
CA LEU A 120 34.90 -8.74 19.15
C LEU A 120 33.90 -9.70 19.78
N THR A 121 32.86 -10.10 19.02
CA THR A 121 31.90 -11.05 19.56
C THR A 121 32.54 -12.40 19.85
N LEU A 122 33.37 -12.89 18.93
CA LEU A 122 34.05 -14.16 19.17
C LEU A 122 35.04 -14.06 20.33
N LEU A 123 35.59 -12.86 20.57
CA LEU A 123 36.49 -12.68 21.71
C LEU A 123 35.73 -12.77 23.02
N VAL A 124 34.60 -12.07 23.14
CA VAL A 124 33.79 -12.05 24.35
C VAL A 124 32.34 -12.36 23.98
N ALA A 125 31.85 -13.51 24.43
CA ALA A 125 30.46 -13.93 24.24
C ALA A 125 30.25 -15.22 25.01
N SER A 126 29.00 -15.63 25.11
CA SER A 126 28.69 -16.92 25.68
C SER A 126 29.17 -18.02 24.73
N PRO A 127 29.99 -18.97 25.21
CA PRO A 127 30.50 -20.01 24.31
C PRO A 127 29.42 -20.77 23.57
N ASP A 128 28.27 -20.97 24.22
CA ASP A 128 27.14 -21.74 23.63
C ASP A 128 26.42 -20.87 22.59
N SER A 129 26.65 -19.55 22.58
CA SER A 129 25.98 -18.65 21.65
C SER A 129 26.92 -17.69 20.95
N ARG A 130 28.24 -17.92 21.02
CA ARG A 130 29.19 -17.02 20.38
C ARG A 130 28.97 -16.99 18.87
N PHE A 131 28.75 -18.16 18.26
CA PHE A 131 28.54 -18.22 16.83
C PHE A 131 27.24 -17.54 16.42
N SER A 132 26.22 -17.66 17.27
CA SER A 132 24.89 -17.07 17.04
C SER A 132 25.08 -15.57 17.02
N LYS A 133 25.78 -15.06 18.04
CA LYS A 133 26.01 -13.63 18.16
C LYS A 133 26.85 -13.09 17.01
N ALA A 134 27.93 -13.78 16.65
CA ALA A 134 28.80 -13.36 15.57
C ALA A 134 28.19 -13.56 14.19
N GLY A 135 27.05 -14.24 14.11
CA GLY A 135 26.34 -14.34 12.86
C GLY A 135 25.17 -13.39 12.73
N LEU A 136 24.61 -12.97 13.86
CA LEU A 136 23.44 -12.10 13.86
C LEU A 136 23.77 -10.63 14.10
N PHE A 137 24.68 -10.32 15.02
CA PHE A 137 25.07 -8.93 15.22
C PHE A 137 25.74 -8.31 14.00
N PRO A 138 26.67 -8.98 13.31
CA PRO A 138 27.28 -8.31 12.14
C PRO A 138 26.29 -7.93 11.05
N ILE A 139 25.31 -8.79 10.81
CA ILE A 139 24.25 -8.52 9.78
C ILE A 139 23.40 -7.35 10.27
N PHE A 140 23.17 -7.22 11.58
CA PHE A 140 22.47 -6.09 12.17
C PHE A 140 23.26 -4.80 12.04
N ALA A 141 24.59 -4.87 12.14
CA ALA A 141 25.43 -3.68 12.04
C ALA A 141 25.85 -3.36 10.61
N THR A 142 25.54 -4.22 9.64
CA THR A 142 25.87 -3.97 8.25
C THR A 142 24.65 -3.79 7.35
N GLN A 143 23.58 -4.53 7.59
CA GLN A 143 22.37 -4.42 6.78
C GLN A 143 21.53 -3.25 7.23
N SER A 144 20.76 -2.68 6.30
CA SER A 144 19.92 -1.54 6.61
C SER A 144 18.74 -1.50 5.65
N ASN A 145 17.66 -0.84 6.08
CA ASN A 145 16.45 -0.70 5.26
C ASN A 145 16.70 0.43 4.26
N ASP A 146 17.36 0.07 3.16
CA ASP A 146 17.74 1.03 2.14
C ASP A 146 16.72 1.16 1.02
N PHE A 147 15.65 0.36 1.04
CA PHE A 147 14.63 0.43 0.00
C PHE A 147 13.41 1.22 0.47
N ALA A 148 12.79 0.79 1.58
CA ALA A 148 11.60 1.46 2.06
C ALA A 148 11.90 2.85 2.59
N LEU A 149 12.97 2.97 3.39
CA LEU A 149 13.30 4.23 4.06
C LEU A 149 14.38 5.03 3.36
N GLY A 150 15.49 4.38 2.96
CA GLY A 150 16.59 5.12 2.38
C GLY A 150 16.25 5.73 1.04
N TYR A 151 15.53 4.98 0.19
CA TYR A 151 15.26 5.46 -1.16
C TYR A 151 14.47 6.75 -1.21
N PRO A 152 13.34 6.92 -0.49
CA PRO A 152 12.65 8.22 -0.56
C PRO A 152 13.51 9.38 -0.09
N ILE A 153 14.32 9.17 0.95
CA ILE A 153 15.16 10.25 1.46
C ILE A 153 16.21 10.64 0.43
N VAL A 154 16.89 9.65 -0.14
CA VAL A 154 17.95 9.96 -1.11
C VAL A 154 17.36 10.54 -2.37
N GLU A 155 16.14 10.13 -2.74
CA GLU A 155 15.48 10.72 -3.89
C GLU A 155 15.14 12.18 -3.64
N ALA A 156 14.54 12.47 -2.48
CA ALA A 156 14.20 13.84 -2.14
C ALA A 156 15.43 14.73 -1.98
N LEU A 157 16.59 14.16 -1.63
CA LEU A 157 17.82 14.93 -1.54
C LEU A 157 18.56 15.05 -2.86
N TYR A 158 18.34 14.14 -3.82
CA TYR A 158 19.15 14.08 -5.02
C TYR A 158 18.34 13.92 -6.30
N GLN A 159 17.05 14.22 -6.31
CA GLN A 159 16.23 14.06 -7.50
C GLN A 159 16.73 14.93 -8.65
N THR A 160 17.26 16.11 -8.33
CA THR A 160 17.69 17.06 -9.34
C THR A 160 19.19 17.34 -9.32
N THR A 161 19.88 17.03 -8.22
CA THR A 161 21.30 17.33 -8.10
C THR A 161 22.17 16.18 -8.57
N TYR A 162 22.03 15.00 -7.95
CA TYR A 162 22.82 13.82 -8.28
C TYR A 162 21.87 12.66 -8.49
N PRO A 163 21.22 12.60 -9.66
CA PRO A 163 20.28 11.48 -9.92
C PRO A 163 20.95 10.12 -9.90
N GLU A 164 22.26 10.04 -10.18
CA GLU A 164 22.95 8.76 -10.22
C GLU A 164 22.94 8.05 -8.87
N TYR A 165 22.68 8.79 -7.79
CA TYR A 165 22.61 8.16 -6.47
C TYR A 165 21.45 7.18 -6.39
N LEU A 166 20.43 7.36 -7.23
CA LEU A 166 19.35 6.40 -7.31
C LEU A 166 19.84 5.07 -7.87
N GLN A 167 20.86 5.14 -8.72
CA GLN A 167 21.47 3.93 -9.30
C GLN A 167 22.35 3.33 -8.20
N TYR A 168 23.16 4.14 -7.53
CA TYR A 168 24.13 3.64 -6.51
C TYR A 168 23.41 3.07 -5.29
N ILE A 169 22.18 3.49 -4.98
CA ILE A 169 21.38 2.96 -3.83
C ILE A 169 20.92 1.54 -4.19
N TYR A 170 20.46 1.32 -5.43
CA TYR A 170 20.03 0.01 -5.89
C TYR A 170 21.17 -0.89 -6.30
N LEU A 171 22.39 -0.36 -6.35
CA LEU A 171 23.57 -1.19 -6.55
C LEU A 171 24.17 -1.70 -5.25
N VAL A 172 24.56 -0.78 -4.38
CA VAL A 172 25.27 -1.09 -3.10
C VAL A 172 24.50 -2.05 -2.20
N ALA A 173 23.19 -1.87 -2.02
CA ALA A 173 22.42 -2.71 -1.11
C ALA A 173 22.33 -4.14 -1.60
N PRO A 174 21.87 -4.42 -2.83
CA PRO A 174 21.81 -5.84 -3.26
C PRO A 174 23.17 -6.53 -3.23
N ILE A 175 24.23 -5.85 -3.68
CA ILE A 175 25.55 -6.46 -3.68
C ILE A 175 26.01 -6.74 -2.25
N SER A 176 25.78 -5.77 -1.35
CA SER A 176 26.09 -5.99 0.06
C SER A 176 25.22 -7.09 0.67
N LEU A 177 24.15 -7.48 -0.03
CA LEU A 177 23.21 -8.53 0.45
C LEU A 177 23.61 -9.89 -0.14
N MET A 178 24.78 -9.95 -0.78
CA MET A 178 25.25 -11.18 -1.45
C MET A 178 26.63 -11.57 -0.93
N MET A 179 27.25 -10.77 -0.06
CA MET A 179 28.58 -11.06 0.47
C MET A 179 28.59 -11.24 1.98
N LEU A 180 28.07 -10.27 2.74
CA LEU A 180 28.22 -10.27 4.18
C LEU A 180 27.20 -11.19 4.85
N ASN A 181 25.92 -11.01 4.55
CA ASN A 181 24.91 -11.88 5.13
C ASN A 181 25.06 -13.35 4.72
N PRO A 182 25.66 -13.72 3.58
CA PRO A 182 26.06 -15.12 3.43
C PRO A 182 26.92 -15.62 4.57
N ILE A 183 27.96 -14.87 4.93
CA ILE A 183 28.86 -15.26 6.02
C ILE A 183 28.07 -15.31 7.33
N GLY A 184 27.16 -14.37 7.52
CA GLY A 184 26.28 -14.42 8.68
C GLY A 184 25.48 -15.71 8.75
N PHE A 185 24.91 -16.13 7.62
CA PHE A 185 24.17 -17.38 7.59
C PHE A 185 25.08 -18.56 7.87
N ILE A 186 26.31 -18.49 7.35
CA ILE A 186 27.32 -19.55 7.62
C ILE A 186 27.41 -19.67 9.15
N PHE A 187 27.73 -18.57 9.86
CA PHE A 187 27.85 -18.59 11.32
C PHE A 187 26.59 -19.12 11.98
N CYS A 188 25.42 -18.81 11.41
CA CYS A 188 24.19 -19.40 11.93
C CYS A 188 24.23 -20.92 11.82
N GLU A 189 24.78 -21.44 10.71
CA GLU A 189 24.87 -22.90 10.48
C GLU A 189 25.85 -23.50 11.49
N ILE A 190 26.94 -22.79 11.81
CA ILE A 190 27.94 -23.25 12.81
C ILE A 190 27.21 -23.33 14.15
N GLN A 191 26.37 -22.34 14.44
CA GLN A 191 25.60 -22.29 15.71
C GLN A 191 24.64 -23.48 15.76
N LYS A 192 23.95 -23.79 14.67
CA LYS A 192 23.04 -24.94 14.63
C LYS A 192 23.80 -26.25 14.76
N TRP A 193 25.02 -26.31 14.21
CA TRP A 193 25.84 -27.50 14.34
C TRP A 193 26.29 -27.70 15.79
N LYS A 194 26.52 -26.60 16.51
CA LYS A 194 26.68 -26.70 17.95
C LYS A 194 25.41 -27.24 18.59
N ASP A 195 24.25 -26.87 18.05
CA ASP A 195 22.94 -27.37 18.56
C ASP A 195 22.71 -28.79 18.03
N THR A 196 23.32 -29.16 16.90
CA THR A 196 23.15 -30.50 16.28
C THR A 196 24.51 -31.03 15.82
N GLN A 197 24.97 -32.14 16.39
CA GLN A 197 26.31 -32.73 16.07
C GLN A 197 26.49 -32.80 14.55
N ASN A 198 25.41 -33.07 13.79
CA ASN A 198 25.48 -33.19 12.32
C ASN A 198 26.42 -34.35 11.96
N ALA A 199 26.89 -34.44 10.72
CA ALA A 199 27.83 -35.50 10.27
C ALA A 199 28.90 -34.88 9.37
N SER A 200 29.90 -34.20 9.95
CA SER A 200 31.01 -33.57 9.20
C SER A 200 30.47 -32.95 7.91
N GLN A 201 29.57 -31.97 8.02
CA GLN A 201 28.93 -31.32 6.85
C GLN A 201 29.67 -30.03 6.51
N ASN A 202 30.98 -30.10 6.30
CA ASN A 202 31.79 -28.92 5.96
C ASN A 202 31.21 -28.18 4.76
N LYS A 203 30.71 -28.91 3.77
CA LYS A 203 30.07 -28.31 2.61
C LYS A 203 28.61 -28.68 2.46
N ILE A 204 28.14 -29.76 3.09
CA ILE A 204 26.75 -30.17 2.94
C ILE A 204 25.82 -29.19 3.64
N LYS A 205 26.16 -28.79 4.86
CA LYS A 205 25.28 -27.95 5.67
C LYS A 205 25.90 -26.62 6.10
N ILE A 206 27.23 -26.55 6.22
CA ILE A 206 27.85 -25.31 6.68
C ILE A 206 27.67 -24.20 5.66
N VAL A 207 27.88 -24.51 4.38
CA VAL A 207 27.76 -23.51 3.32
C VAL A 207 26.61 -23.79 2.37
N GLY A 208 25.98 -24.96 2.44
CA GLY A 208 24.87 -25.26 1.55
C GLY A 208 23.68 -24.37 1.80
N LEU A 209 23.06 -24.53 2.98
CA LEU A 209 21.86 -23.76 3.38
C LEU A 209 22.27 -22.32 3.70
N GLY A 210 23.56 -22.08 3.99
CA GLY A 210 24.03 -20.73 4.21
C GLY A 210 23.94 -19.87 2.98
N LEU A 211 24.36 -20.40 1.83
CA LEU A 211 24.17 -19.68 0.58
C LEU A 211 22.74 -19.83 0.08
N LEU A 212 22.09 -20.96 0.36
CA LEU A 212 20.73 -21.19 -0.13
C LEU A 212 19.78 -20.12 0.37
N ARG A 213 19.91 -19.78 1.66
CA ARG A 213 19.07 -18.73 2.32
C ARG A 213 19.33 -17.38 1.68
N VAL A 214 20.50 -17.16 1.07
CA VAL A 214 20.80 -15.96 0.29
C VAL A 214 20.12 -15.99 -1.07
N LEU A 215 20.21 -17.10 -1.80
CA LEU A 215 19.59 -17.16 -3.13
C LEU A 215 18.08 -17.10 -3.06
N GLN A 216 17.46 -17.79 -2.09
CA GLN A 216 15.99 -17.78 -2.11
C GLN A 216 15.39 -16.45 -1.67
N ASN A 217 16.16 -15.44 -1.32
CA ASN A 217 15.56 -14.16 -0.97
C ASN A 217 15.31 -13.33 -2.22
N PRO A 218 14.20 -12.61 -2.31
CA PRO A 218 13.96 -11.74 -3.48
C PRO A 218 14.98 -10.63 -3.64
N ILE A 219 15.95 -10.55 -2.73
CA ILE A 219 17.00 -9.50 -2.75
C ILE A 219 18.23 -9.99 -3.52
N VAL A 220 18.26 -11.26 -3.95
CA VAL A 220 19.43 -11.81 -4.63
C VAL A 220 19.05 -12.40 -5.99
N PHE A 221 18.13 -13.36 -5.98
CA PHE A 221 17.76 -14.03 -7.23
C PHE A 221 17.04 -13.06 -8.17
N MET A 222 16.22 -12.17 -7.59
CA MET A 222 15.56 -11.17 -8.42
C MET A 222 16.58 -10.22 -9.03
N VAL A 223 17.63 -9.89 -8.28
CA VAL A 223 18.73 -9.09 -8.83
C VAL A 223 19.40 -9.82 -9.99
N PHE A 224 19.61 -11.13 -9.83
CA PHE A 224 20.20 -11.92 -10.89
C PHE A 224 19.34 -11.87 -12.15
N ILE A 225 18.02 -12.05 -11.99
CA ILE A 225 17.11 -12.01 -13.13
C ILE A 225 17.12 -10.63 -13.78
N GLY A 226 17.11 -9.57 -12.96
CA GLY A 226 17.11 -8.22 -13.50
C GLY A 226 18.37 -7.92 -14.27
N ILE A 227 19.53 -8.36 -13.77
CA ILE A 227 20.78 -8.19 -14.48
C ILE A 227 20.80 -8.98 -15.79
N ALA A 228 20.30 -10.22 -15.77
CA ALA A 228 20.24 -11.01 -17.00
C ALA A 228 19.38 -10.33 -18.05
N PHE A 229 18.23 -9.80 -17.64
CA PHE A 229 17.35 -9.13 -18.60
C PHE A 229 17.94 -7.80 -19.06
N ASN A 230 18.65 -7.09 -18.17
CA ASN A 230 19.32 -5.86 -18.56
C ASN A 230 20.37 -6.14 -19.63
N PHE A 231 21.09 -7.25 -19.51
CA PHE A 231 22.04 -7.62 -20.54
C PHE A 231 21.34 -8.09 -21.81
N ILE A 232 20.20 -8.78 -21.67
CA ILE A 232 19.49 -9.29 -22.83
C ILE A 232 18.92 -8.14 -23.65
N LEU A 233 18.26 -7.20 -23.00
CA LEU A 233 17.67 -6.05 -23.69
C LEU A 233 18.68 -4.90 -23.76
N ASP A 234 18.34 -3.89 -24.54
CA ASP A 234 19.17 -2.70 -24.66
C ASP A 234 18.73 -1.63 -23.66
N ARG A 235 18.61 -2.02 -22.40
CA ARG A 235 18.21 -1.12 -21.32
C ARG A 235 16.88 -0.44 -21.61
N LYS A 236 16.01 -1.11 -22.38
CA LYS A 236 14.72 -0.56 -22.78
C LYS A 236 13.64 -1.57 -22.41
N VAL A 237 13.00 -1.36 -21.27
CA VAL A 237 11.89 -2.22 -20.86
C VAL A 237 10.76 -2.07 -21.87
N PRO A 238 10.16 -3.16 -22.36
CA PRO A 238 9.11 -3.04 -23.38
C PRO A 238 7.92 -2.23 -22.86
N VAL A 239 7.31 -1.47 -23.77
CA VAL A 239 6.22 -0.57 -23.38
C VAL A 239 5.03 -1.37 -22.86
N TYR A 240 4.76 -2.52 -23.46
CA TYR A 240 3.60 -3.31 -23.07
C TYR A 240 3.72 -3.87 -21.66
N VAL A 241 4.91 -3.83 -21.07
CA VAL A 241 5.09 -4.22 -19.68
C VAL A 241 5.46 -3.03 -18.80
N GLU A 242 5.83 -1.89 -19.39
CA GLU A 242 6.27 -0.74 -18.62
C GLU A 242 5.16 -0.22 -17.72
N ASN A 243 3.92 -0.14 -18.24
CA ASN A 243 2.81 0.37 -17.43
C ASN A 243 2.53 -0.54 -16.25
N PHE A 244 2.50 -1.86 -16.47
CA PHE A 244 2.27 -2.79 -15.39
C PHE A 244 3.37 -2.70 -14.34
N LEU A 245 4.63 -2.63 -14.79
CA LEU A 245 5.73 -2.56 -13.83
C LEU A 245 5.72 -1.27 -13.05
N ASP A 246 5.40 -0.14 -13.70
CA ASP A 246 5.28 1.12 -12.98
C ASP A 246 4.15 1.06 -11.96
N GLY A 247 3.02 0.47 -12.33
CA GLY A 247 1.92 0.37 -11.39
C GLY A 247 2.24 -0.50 -10.20
N LEU A 248 2.98 -1.59 -10.41
CA LEU A 248 3.35 -2.47 -9.30
C LEU A 248 4.56 -1.97 -8.52
N GLY A 249 5.32 -1.02 -9.05
CA GLY A 249 6.49 -0.53 -8.35
C GLY A 249 6.26 0.77 -7.61
N ASN A 250 5.42 1.65 -8.16
CA ASN A 250 5.14 2.91 -7.49
C ASN A 250 4.34 2.74 -6.21
N SER A 251 3.78 1.54 -5.98
CA SER A 251 2.98 1.27 -4.80
C SER A 251 3.71 0.41 -3.78
N PHE A 252 5.03 0.51 -3.70
CA PHE A 252 5.79 -0.26 -2.73
C PHE A 252 6.35 0.57 -1.58
N SER A 253 6.73 1.83 -1.84
CA SER A 253 7.35 2.65 -0.81
C SER A 253 6.41 2.86 0.38
N GLY A 254 5.25 3.47 0.13
CA GLY A 254 4.31 3.74 1.20
C GLY A 254 3.80 2.47 1.84
N SER A 255 3.54 1.44 1.02
CA SER A 255 3.04 0.18 1.55
C SER A 255 4.04 -0.46 2.50
N ALA A 256 5.32 -0.47 2.13
CA ALA A 256 6.35 -1.07 2.97
C ALA A 256 6.56 -0.25 4.24
N LEU A 257 6.51 1.08 4.13
CA LEU A 257 6.61 1.92 5.32
C LEU A 257 5.45 1.63 6.28
N PHE A 258 4.24 1.53 5.73
CA PHE A 258 3.07 1.19 6.55
C PHE A 258 3.25 -0.16 7.22
N TYR A 259 3.74 -1.15 6.46
CA TYR A 259 3.94 -2.49 7.00
C TYR A 259 4.95 -2.47 8.15
N LEU A 260 6.01 -1.66 8.01
CA LEU A 260 7.02 -1.50 9.08
C LEU A 260 6.33 -0.89 10.29
N GLY A 261 5.40 0.03 10.07
CA GLY A 261 4.63 0.62 11.15
C GLY A 261 3.81 -0.40 11.91
N LEU A 262 3.15 -1.31 11.19
CA LEU A 262 2.29 -2.35 11.81
C LEU A 262 3.17 -3.51 12.30
N THR A 263 4.47 -3.49 11.98
CA THR A 263 5.42 -4.53 12.43
C THR A 263 6.34 -3.93 13.50
N MET A 264 6.04 -2.72 13.97
CA MET A 264 6.81 -2.06 15.06
C MET A 264 5.88 -1.97 16.27
N VAL A 265 4.87 -2.85 16.32
CA VAL A 265 3.88 -2.86 17.44
C VAL A 265 4.20 -4.04 18.36
N GLY A 266 4.18 -3.82 19.67
CA GLY A 266 4.51 -4.83 20.66
C GLY A 266 5.88 -5.43 20.50
N LYS A 267 6.90 -4.58 20.29
CA LYS A 267 8.26 -5.05 20.12
C LYS A 267 9.27 -4.47 21.09
N ILE A 268 8.99 -3.30 21.68
CA ILE A 268 9.90 -2.71 22.66
C ILE A 268 9.63 -3.33 24.03
N LYS A 269 10.30 -4.44 24.31
CA LYS A 269 10.12 -5.15 25.57
C LYS A 269 11.15 -4.65 26.59
N ARG A 270 11.27 -5.35 27.71
CA ARG A 270 12.21 -5.01 28.76
C ARG A 270 13.43 -5.91 28.64
N LEU A 271 14.61 -5.30 28.54
CA LEU A 271 15.86 -6.03 28.37
C LEU A 271 16.72 -5.86 29.61
N LYS A 272 17.52 -6.89 29.93
CA LYS A 272 18.39 -6.83 31.08
C LYS A 272 19.55 -5.88 30.83
N LYS A 273 20.36 -5.68 31.87
CA LYS A 273 21.48 -4.74 31.76
C LYS A 273 22.46 -5.16 30.68
N SER A 274 22.80 -6.46 30.63
CA SER A 274 23.67 -6.95 29.57
C SER A 274 23.03 -6.79 28.21
N ALA A 275 21.76 -7.16 28.09
CA ALA A 275 21.05 -6.99 26.82
C ALA A 275 20.97 -5.53 26.42
N PHE A 276 20.68 -4.65 27.38
CA PHE A 276 20.60 -3.22 27.08
C PHE A 276 21.94 -2.71 26.59
N VAL A 277 23.03 -3.10 27.24
CA VAL A 277 24.33 -2.53 26.86
C VAL A 277 24.76 -3.06 25.49
N VAL A 278 24.51 -4.35 25.23
CA VAL A 278 24.88 -4.97 23.92
C VAL A 278 24.06 -4.28 22.84
N LEU A 279 22.77 -3.99 23.09
CA LEU A 279 21.92 -3.29 22.14
C LEU A 279 22.43 -1.88 21.89
N ILE A 280 22.85 -1.19 22.94
CA ILE A 280 23.39 0.16 22.77
C ILE A 280 24.64 0.13 21.90
N LEU A 281 25.53 -0.82 22.18
CA LEU A 281 26.80 -0.97 21.43
C LEU A 281 26.49 -1.19 19.95
N LEU A 282 25.55 -2.08 19.64
CA LEU A 282 25.20 -2.40 18.25
C LEU A 282 24.55 -1.20 17.56
N ILE A 283 23.68 -0.49 18.27
CA ILE A 283 22.98 0.65 17.65
C ILE A 283 23.96 1.77 17.33
N THR A 284 24.81 2.10 18.31
CA THR A 284 25.84 3.16 18.16
C THR A 284 26.77 2.75 17.02
N ALA A 285 27.13 1.47 16.92
CA ALA A 285 27.95 0.98 15.82
C ALA A 285 27.26 1.26 14.49
N LYS A 286 26.10 0.65 14.26
CA LYS A 286 25.37 0.76 12.97
C LYS A 286 25.11 2.22 12.59
N LEU A 287 24.89 3.14 13.55
CA LEU A 287 24.48 4.50 13.19
C LEU A 287 25.62 5.52 13.25
N LEU A 288 26.77 5.19 13.83
CA LEU A 288 27.89 6.12 13.86
C LEU A 288 29.14 5.53 13.21
N VAL A 289 29.53 4.33 13.61
CA VAL A 289 30.84 3.79 13.27
C VAL A 289 30.91 3.50 11.79
N LEU A 290 30.02 2.63 11.30
CA LEU A 290 29.94 2.34 9.87
C LEU A 290 29.75 3.57 9.01
N PRO A 291 28.91 4.56 9.36
CA PRO A 291 28.85 5.80 8.56
C PRO A 291 30.19 6.51 8.42
N LEU A 292 30.90 6.74 9.52
CA LEU A 292 32.21 7.39 9.43
C LEU A 292 33.22 6.52 8.69
N LEU A 293 33.12 5.19 8.86
CA LEU A 293 34.01 4.30 8.12
C LEU A 293 33.80 4.45 6.62
N CYS A 294 32.54 4.49 6.19
CA CYS A 294 32.26 4.72 4.77
C CYS A 294 32.76 6.07 4.32
N ARG A 295 32.58 7.10 5.17
CA ARG A 295 33.04 8.44 4.82
C ARG A 295 34.55 8.45 4.58
N GLU A 296 35.30 7.84 5.50
CA GLU A 296 36.76 7.83 5.36
C GLU A 296 37.21 6.99 4.18
N MET A 297 36.57 5.83 3.95
CA MET A 297 36.92 5.01 2.79
C MET A 297 36.67 5.76 1.49
N VAL A 298 35.55 6.48 1.39
CA VAL A 298 35.29 7.26 0.18
C VAL A 298 36.29 8.41 0.07
N GLU A 299 36.68 9.00 1.20
CA GLU A 299 37.63 10.10 1.18
C GLU A 299 38.98 9.65 0.64
N LEU A 300 39.44 8.46 1.05
CA LEU A 300 40.79 8.05 0.65
C LEU A 300 40.83 7.30 -0.67
N LEU A 301 39.82 6.47 -0.97
CA LEU A 301 39.85 5.68 -2.20
C LEU A 301 39.57 6.54 -3.43
N ASP A 302 38.61 7.47 -3.35
CA ASP A 302 38.21 8.23 -4.51
C ASP A 302 39.35 9.10 -5.01
N LYS A 303 39.59 9.07 -6.32
CA LYS A 303 40.65 9.85 -6.96
C LYS A 303 40.08 10.73 -8.07
N GLY A 304 38.82 11.13 -7.93
CA GLY A 304 38.22 11.96 -8.96
C GLY A 304 38.85 13.33 -9.06
N ASP A 305 38.90 13.86 -10.28
CA ASP A 305 39.47 15.18 -10.50
C ASP A 305 38.65 16.26 -9.81
N SER A 306 37.33 16.15 -9.90
CA SER A 306 36.43 17.13 -9.30
C SER A 306 36.37 16.91 -7.80
N VAL A 307 37.02 17.78 -7.03
CA VAL A 307 37.03 17.65 -5.58
C VAL A 307 35.65 17.90 -5.00
N VAL A 308 34.89 18.82 -5.58
CA VAL A 308 33.55 19.13 -5.08
C VAL A 308 32.64 17.90 -5.18
N ASN A 309 32.68 17.22 -6.33
CA ASN A 309 31.90 16.00 -6.47
C ASN A 309 32.39 14.90 -5.55
N HIS A 310 33.70 14.86 -5.30
CA HIS A 310 34.23 13.86 -4.36
C HIS A 310 33.69 14.11 -2.95
N THR A 311 33.68 15.36 -2.51
CA THR A 311 33.13 15.67 -1.20
C THR A 311 31.62 15.38 -1.14
N SER A 312 30.91 15.70 -2.22
CA SER A 312 29.49 15.40 -2.29
C SER A 312 29.26 13.89 -2.15
N LEU A 313 30.06 13.10 -2.87
CA LEU A 313 29.92 11.66 -2.83
C LEU A 313 30.25 11.12 -1.45
N SER A 314 31.27 11.69 -0.80
CA SER A 314 31.67 11.25 0.53
C SER A 314 30.56 11.54 1.55
N ASN A 315 30.00 12.74 1.51
CA ASN A 315 28.93 13.02 2.48
C ASN A 315 27.69 12.20 2.18
N TYR A 316 27.44 11.91 0.89
CA TYR A 316 26.38 10.97 0.54
C TYR A 316 26.63 9.60 1.15
N ALA A 317 27.87 9.13 1.11
CA ALA A 317 28.21 7.88 1.79
C ALA A 317 27.97 8.00 3.29
N PHE A 318 28.15 9.21 3.85
CA PHE A 318 27.93 9.37 5.28
C PHE A 318 26.45 9.27 5.63
N LEU A 319 25.60 9.82 4.75
CA LEU A 319 24.12 9.69 4.91
C LEU A 319 23.80 8.21 4.74
N TYR A 320 24.58 7.48 3.93
CA TYR A 320 24.46 6.03 3.89
C TYR A 320 24.96 5.45 5.21
N GLY A 321 24.32 4.37 5.65
CA GLY A 321 24.69 3.77 6.92
C GLY A 321 23.84 4.19 8.10
N VAL A 322 23.54 5.48 8.24
CA VAL A 322 22.75 5.92 9.39
C VAL A 322 21.33 5.37 9.30
N PHE A 323 20.96 4.82 8.14
CA PHE A 323 19.65 4.20 7.94
C PHE A 323 19.47 3.05 8.92
N PRO A 324 18.26 2.86 9.44
CA PRO A 324 18.03 1.75 10.37
C PRO A 324 18.12 0.41 9.65
N VAL A 325 18.19 -0.65 10.46
CA VAL A 325 18.30 -1.99 9.91
C VAL A 325 17.06 -2.33 9.09
N ALA A 326 17.21 -3.29 8.18
CA ALA A 326 16.11 -3.70 7.32
C ALA A 326 15.24 -4.75 8.00
N PRO A 327 13.99 -4.91 7.58
CA PRO A 327 13.21 -6.08 7.97
C PRO A 327 13.99 -7.38 7.84
N GLY A 328 14.96 -7.42 6.92
CA GLY A 328 15.65 -8.68 6.64
C GLY A 328 16.32 -9.29 7.85
N VAL A 329 16.98 -8.46 8.66
CA VAL A 329 17.65 -9.01 9.84
C VAL A 329 16.62 -9.55 10.83
N ALA A 330 15.48 -8.89 10.95
CA ALA A 330 14.43 -9.37 11.86
C ALA A 330 13.91 -10.72 11.41
N ILE A 331 13.58 -10.86 10.12
CA ILE A 331 13.06 -12.15 9.67
C ILE A 331 14.14 -13.22 9.71
N PHE A 332 15.40 -12.85 9.44
CA PHE A 332 16.49 -13.81 9.52
C PHE A 332 16.62 -14.36 10.93
N ALA A 333 16.53 -13.48 11.93
CA ALA A 333 16.50 -13.96 13.31
C ALA A 333 15.28 -14.82 13.58
N THR A 334 14.14 -14.44 13.01
CA THR A 334 12.89 -15.16 13.29
C THR A 334 12.96 -16.60 12.80
N GLN A 335 13.38 -16.81 11.54
CA GLN A 335 13.39 -18.15 10.99
C GLN A 335 14.38 -19.05 11.72
N PHE A 336 15.57 -18.53 12.03
CA PHE A 336 16.58 -19.34 12.70
C PHE A 336 16.24 -19.63 14.15
N ASN A 337 15.30 -18.87 14.74
CA ASN A 337 14.88 -19.05 16.13
C ASN A 337 16.03 -18.78 17.10
N MET A 338 16.69 -17.65 16.89
CA MET A 338 17.66 -17.11 17.84
C MET A 338 16.93 -16.19 18.83
N GLU A 339 17.69 -15.38 19.58
CA GLU A 339 17.10 -14.55 20.60
C GLU A 339 16.00 -13.64 20.05
N VAL A 340 16.14 -13.20 18.80
CA VAL A 340 15.11 -12.44 18.08
C VAL A 340 14.81 -11.12 18.76
N GLU A 341 14.41 -11.17 20.04
CA GLU A 341 14.09 -9.98 20.87
C GLU A 341 15.13 -8.88 20.70
N ILE A 342 16.42 -9.21 20.80
CA ILE A 342 17.47 -8.21 20.68
C ILE A 342 17.45 -7.59 19.29
N ILE A 343 17.29 -8.42 18.26
CA ILE A 343 17.36 -7.92 16.88
C ILE A 343 16.21 -6.97 16.60
N THR A 344 14.98 -7.35 16.98
CA THR A 344 13.83 -6.50 16.68
C THR A 344 13.81 -5.26 17.56
N SER A 345 14.25 -5.36 18.82
CA SER A 345 14.38 -4.17 19.64
C SER A 345 15.41 -3.22 19.05
N GLY A 346 16.52 -3.76 18.57
CA GLY A 346 17.49 -2.92 17.89
C GLY A 346 16.91 -2.26 16.65
N MET A 347 16.01 -2.99 15.97
CA MET A 347 15.36 -2.47 14.75
C MET A 347 14.44 -1.30 15.11
N VAL A 348 13.71 -1.38 16.23
CA VAL A 348 12.79 -0.31 16.63
C VAL A 348 13.58 0.90 17.11
N ILE A 349 14.53 0.67 18.00
CA ILE A 349 15.35 1.76 18.59
C ILE A 349 16.21 2.39 17.49
N SER A 350 16.67 1.63 16.50
CA SER A 350 17.48 2.16 15.41
C SER A 350 16.66 3.09 14.52
N THR A 351 15.43 2.71 14.19
CA THR A 351 14.58 3.61 13.42
C THR A 351 14.28 4.89 14.20
N PHE A 352 13.87 4.73 15.47
CA PHE A 352 13.45 5.88 16.27
C PHE A 352 14.59 6.89 16.43
N VAL A 353 15.80 6.41 16.74
CA VAL A 353 16.94 7.31 16.87
C VAL A 353 17.59 7.63 15.54
N SER A 354 17.21 6.95 14.46
CA SER A 354 17.78 7.22 13.11
C SER A 354 17.05 8.39 12.46
N ALA A 355 15.82 8.69 12.89
CA ALA A 355 15.05 9.84 12.37
C ALA A 355 15.75 11.17 12.73
N PRO A 356 16.08 11.46 14.00
CA PRO A 356 16.80 12.70 14.34
C PRO A 356 18.27 12.65 13.93
N ILE A 357 18.89 11.46 13.97
CA ILE A 357 20.34 11.31 13.63
C ILE A 357 20.53 11.63 12.15
N MET A 358 19.59 11.20 11.29
CA MET A 358 19.65 11.49 9.84
C MET A 358 19.46 12.99 9.65
N TYR A 359 18.60 13.61 10.47
CA TYR A 359 18.31 15.05 10.35
C TYR A 359 19.56 15.86 10.72
N VAL A 360 20.15 15.61 11.89
CA VAL A 360 21.34 16.37 12.37
C VAL A 360 22.57 16.06 11.50
N SER A 361 22.75 14.81 11.05
CA SER A 361 23.91 14.46 10.26
C SER A 361 23.89 15.16 8.90
N ALA A 362 22.75 15.12 8.22
CA ALA A 362 22.65 15.79 6.93
C ALA A 362 22.86 17.29 7.07
N TRP A 363 22.25 17.89 8.10
CA TRP A 363 22.41 19.33 8.26
C TRP A 363 23.86 19.70 8.57
N LEU A 364 24.49 18.97 9.50
CA LEU A 364 25.90 19.20 9.80
C LEU A 364 26.79 18.95 8.59
N LEU A 365 26.34 18.11 7.66
CA LEU A 365 27.09 17.87 6.45
C LEU A 365 26.95 18.99 5.44
N THR A 366 25.82 19.69 5.46
CA THR A 366 25.62 20.87 4.59
C THR A 366 26.22 22.09 5.31
N PHE A 367 26.37 22.03 6.63
CA PHE A 367 26.86 23.18 7.40
C PHE A 367 28.20 23.75 6.93
N PRO A 368 29.22 22.95 6.59
CA PRO A 368 30.56 23.54 6.39
C PRO A 368 30.63 24.67 5.36
N THR A 369 29.80 24.67 4.33
CA THR A 369 29.96 25.64 3.25
C THR A 369 28.67 26.43 3.02
N MET A 370 28.45 27.45 3.86
CA MET A 370 27.67 28.65 3.52
C MET A 370 28.20 29.80 4.37
N ASP A 371 27.80 31.01 4.00
CA ASP A 371 28.19 32.20 4.74
C ASP A 371 27.51 32.22 6.11
N PRO A 372 28.05 32.98 7.07
CA PRO A 372 27.45 32.97 8.42
C PRO A 372 25.98 33.34 8.45
N LYS A 373 25.57 34.31 7.63
CA LYS A 373 24.16 34.70 7.61
C LYS A 373 23.24 33.56 7.13
N PRO A 374 23.53 32.87 6.03
CA PRO A 374 22.73 31.67 5.73
C PRO A 374 22.82 30.57 6.79
N LEU A 375 23.93 30.52 7.54
CA LEU A 375 24.05 29.57 8.68
C LEU A 375 22.95 29.91 9.68
N ALA A 376 22.84 31.18 10.07
CA ALA A 376 21.86 31.62 11.05
C ALA A 376 20.44 31.43 10.52
N TYR A 377 20.22 31.75 9.24
CA TYR A 377 18.90 31.59 8.66
C TYR A 377 18.48 30.12 8.62
N ALA A 378 19.41 29.23 8.28
CA ALA A 378 19.11 27.80 8.27
C ALA A 378 18.82 27.28 9.67
N ILE A 379 19.56 27.76 10.67
CA ILE A 379 19.26 27.38 12.04
C ILE A 379 17.85 27.82 12.42
N GLN A 380 17.50 29.06 12.05
CA GLN A 380 16.16 29.56 12.32
C GLN A 380 15.11 28.70 11.63
N ASN A 381 15.36 28.31 10.37
CA ASN A 381 14.40 27.53 9.61
C ASN A 381 14.19 26.15 10.22
N VAL A 382 15.29 25.46 10.55
CA VAL A 382 15.15 24.11 11.10
C VAL A 382 14.48 24.16 12.46
N SER A 383 14.81 25.19 13.26
CA SER A 383 14.16 25.36 14.54
C SER A 383 12.67 25.58 14.36
N PHE A 384 12.28 26.41 13.39
CA PHE A 384 10.88 26.65 13.10
C PHE A 384 10.16 25.36 12.75
N ASP A 385 10.77 24.56 11.87
CA ASP A 385 10.12 23.34 11.40
C ASP A 385 9.95 22.32 12.53
N ILE A 386 11.03 22.07 13.27
CA ILE A 386 11.02 21.09 14.39
C ILE A 386 10.06 21.61 15.47
N SER A 387 9.94 22.94 15.63
CA SER A 387 9.05 23.53 16.62
C SER A 387 7.59 23.33 16.24
N ILE A 388 7.24 23.58 14.97
CA ILE A 388 5.83 23.48 14.57
C ILE A 388 5.37 22.02 14.63
N VAL A 389 6.21 21.09 14.15
CA VAL A 389 5.79 19.69 14.20
C VAL A 389 5.69 19.20 15.64
N SER A 390 6.66 19.61 16.45
CA SER A 390 6.73 19.21 17.88
C SER A 390 5.56 19.86 18.64
N LEU A 391 5.05 21.00 18.19
CA LEU A 391 3.89 21.63 18.81
C LEU A 391 2.59 20.94 18.41
N ILE A 392 2.51 20.47 17.16
CA ILE A 392 1.34 19.66 16.79
C ILE A 392 1.30 18.39 17.64
N SER A 393 2.43 17.71 17.78
CA SER A 393 2.47 16.50 18.60
C SER A 393 2.11 16.81 20.05
N LEU A 394 2.61 17.93 20.57
CA LEU A 394 2.36 18.30 21.96
C LEU A 394 0.93 18.76 22.18
N ILE A 395 0.28 19.37 21.19
CA ILE A 395 -1.12 19.71 21.32
C ILE A 395 -1.95 18.44 21.34
N TRP A 396 -1.57 17.44 20.56
CA TRP A 396 -2.23 16.14 20.65
C TRP A 396 -2.05 15.54 22.04
N SER A 397 -0.82 15.60 22.56
CA SER A 397 -0.56 15.05 23.90
C SER A 397 -1.34 15.80 24.96
N LEU A 398 -1.43 17.13 24.86
CA LEU A 398 -2.18 17.92 25.81
C LEU A 398 -3.67 17.58 25.77
N ALA A 399 -4.21 17.41 24.55
CA ALA A 399 -5.61 17.02 24.43
C ALA A 399 -5.86 15.66 25.06
N ILE A 400 -4.97 14.70 24.81
CA ILE A 400 -5.17 13.37 25.38
C ILE A 400 -4.99 13.39 26.90
N LEU A 401 -4.13 14.26 27.42
CA LEU A 401 -3.98 14.38 28.86
C LEU A 401 -5.22 15.01 29.50
N LEU A 402 -5.78 16.03 28.85
CA LEU A 402 -7.01 16.63 29.37
C LEU A 402 -8.16 15.63 29.34
N LEU A 403 -8.25 14.84 28.28
CA LEU A 403 -9.26 13.78 28.23
C LEU A 403 -9.02 12.75 29.33
N SER A 404 -7.76 12.38 29.55
CA SER A 404 -7.43 11.33 30.51
C SER A 404 -7.77 11.72 31.95
N LYS A 405 -7.78 13.03 32.24
CA LYS A 405 -8.02 13.51 33.62
C LYS A 405 -7.16 12.70 34.58
N LYS A 406 -5.83 12.78 34.46
CA LYS A 406 -4.88 12.07 35.35
C LYS A 406 -4.38 13.06 36.40
N TYR A 407 -4.96 14.26 36.45
CA TYR A 407 -4.57 15.32 37.43
C TYR A 407 -5.35 15.07 38.72
N LYS A 408 -5.06 13.99 39.44
CA LYS A 408 -5.79 13.62 40.68
C LYS A 408 -4.83 13.70 41.87
N GLN A 409 -4.14 12.61 42.20
CA GLN A 409 -3.17 12.57 43.34
C GLN A 409 -1.81 12.13 42.78
N LEU A 410 -1.63 12.20 41.46
CA LEU A 410 -0.36 11.80 40.79
C LEU A 410 0.46 13.04 40.46
N PRO A 411 1.78 12.93 40.23
CA PRO A 411 2.59 14.08 39.81
C PRO A 411 2.26 14.46 38.37
N HIS A 412 1.30 13.78 37.75
CA HIS A 412 0.93 14.01 36.36
C HIS A 412 0.63 15.48 36.08
N MET A 413 0.13 16.20 37.09
CA MET A 413 -0.17 17.61 36.94
C MET A 413 1.08 18.42 36.54
N LEU A 414 2.18 18.21 37.26
CA LEU A 414 3.37 18.99 36.97
C LEU A 414 4.01 18.57 35.65
N THR A 415 3.87 17.28 35.31
CA THR A 415 4.40 16.75 34.04
C THR A 415 3.64 17.46 32.91
N THR A 416 2.29 17.48 32.95
CA THR A 416 1.52 18.07 31.87
C THR A 416 1.69 19.57 31.83
N ASN A 417 1.93 20.21 32.97
CA ASN A 417 2.23 21.64 32.95
C ASN A 417 3.56 21.88 32.24
N LEU A 418 4.55 21.01 32.47
CA LEU A 418 5.81 21.12 31.76
C LEU A 418 5.63 20.99 30.26
N LEU A 419 4.79 20.04 29.82
CA LEU A 419 4.50 19.94 28.39
C LEU A 419 3.76 21.17 27.87
N ILE A 420 2.93 21.77 28.73
CA ILE A 420 2.22 23.03 28.38
C ILE A 420 3.26 24.11 28.17
N ALA A 421 4.30 24.15 29.01
CA ALA A 421 5.38 25.11 28.87
C ALA A 421 6.18 24.87 27.59
N GLN A 422 6.43 23.61 27.26
CA GLN A 422 7.13 23.28 26.03
C GLN A 422 6.34 23.74 24.81
N SER A 423 5.04 23.52 24.82
CA SER A 423 4.20 23.99 23.72
C SER A 423 4.21 25.51 23.63
N ILE A 424 4.25 26.19 24.78
CA ILE A 424 4.39 27.64 24.77
C ILE A 424 5.70 28.05 24.13
N VAL A 425 6.76 27.28 24.42
CA VAL A 425 8.10 27.53 23.85
C VAL A 425 8.02 27.40 22.33
N CYS A 426 7.30 26.38 21.83
CA CYS A 426 7.15 26.17 20.39
C CYS A 426 6.34 27.30 19.75
N ALA A 427 5.23 27.69 20.40
CA ALA A 427 4.41 28.77 19.86
C ALA A 427 5.20 30.06 19.78
N GLY A 428 5.98 30.35 20.82
CA GLY A 428 6.89 31.47 20.76
C GLY A 428 7.86 31.35 19.60
N MET A 429 8.30 30.13 19.31
CA MET A 429 9.19 29.93 18.17
C MET A 429 8.55 30.36 16.87
N MET A 430 7.29 29.95 16.66
CA MET A 430 6.58 30.26 15.39
C MET A 430 6.31 31.76 15.30
N ILE A 431 5.96 32.42 16.41
CA ILE A 431 5.66 33.85 16.34
C ILE A 431 6.94 34.65 16.15
N TRP A 432 8.03 34.21 16.80
CA TRP A 432 9.34 34.79 16.53
C TRP A 432 9.76 34.59 15.09
N ASN A 433 9.35 33.47 14.48
CA ASN A 433 9.70 33.20 13.09
C ASN A 433 9.14 34.26 12.15
N PHE A 434 7.81 34.40 12.15
CA PHE A 434 7.16 35.30 11.19
C PHE A 434 7.47 36.77 11.45
N VAL A 435 7.78 37.14 12.69
CA VAL A 435 8.06 38.53 13.05
C VAL A 435 9.45 38.56 13.68
N LYS A 436 10.44 39.02 12.92
CA LYS A 436 11.80 39.18 13.42
C LYS A 436 12.50 40.23 12.57
N GLU A 437 13.58 40.78 13.13
CA GLU A 437 14.36 41.88 12.55
C GLU A 437 13.46 42.92 11.88
N LYS A 438 12.32 43.20 12.52
CA LYS A 438 11.35 44.21 12.04
C LYS A 438 10.47 44.55 13.24
N ASN A 439 9.29 45.16 13.04
CA ASN A 439 8.37 45.50 14.14
C ASN A 439 9.06 46.54 15.03
N PHE A 440 8.58 46.75 16.26
CA PHE A 440 9.19 47.69 17.24
C PHE A 440 9.83 46.88 18.36
N VAL A 441 10.70 47.49 19.17
CA VAL A 441 11.37 46.80 20.27
C VAL A 441 10.34 46.21 21.23
N GLY A 442 9.26 46.93 21.50
CA GLY A 442 8.23 46.44 22.40
C GLY A 442 7.74 45.06 22.02
N GLN A 443 7.08 44.95 20.86
CA GLN A 443 6.60 43.65 20.40
C GLN A 443 7.73 42.64 20.31
N ILE A 444 8.94 43.10 19.99
CA ILE A 444 10.08 42.19 19.92
C ILE A 444 10.25 41.46 21.25
N LEU A 445 10.29 42.20 22.36
CA LEU A 445 10.35 41.52 23.66
C LEU A 445 9.06 40.77 23.99
N VAL A 446 7.93 41.24 23.45
CA VAL A 446 6.61 40.58 23.66
C VAL A 446 6.71 39.14 23.14
N PHE A 447 7.56 38.90 22.12
CA PHE A 447 7.73 37.55 21.53
C PHE A 447 9.05 36.95 22.02
N VAL A 448 9.89 37.74 22.71
CA VAL A 448 11.19 37.25 23.26
C VAL A 448 10.86 36.67 24.64
N LEU A 449 9.66 36.93 25.18
CA LEU A 449 9.25 36.34 26.45
C LEU A 449 9.10 34.82 26.36
N LEU A 450 9.19 34.23 25.16
CA LEU A 450 9.28 32.78 25.05
C LEU A 450 10.50 32.25 25.78
N TYR A 451 11.54 33.06 25.96
CA TYR A 451 12.70 32.63 26.72
C TYR A 451 12.34 32.36 28.17
N SER A 452 11.36 33.10 28.71
CA SER A 452 10.88 32.79 30.06
C SER A 452 10.29 31.39 30.12
N SER A 453 9.46 31.05 29.14
CA SER A 453 8.92 29.69 29.07
C SER A 453 10.02 28.66 28.90
N LEU A 454 11.10 29.03 28.20
CA LEU A 454 12.16 28.07 27.93
C LEU A 454 12.99 27.83 29.20
N TYR A 455 13.27 28.90 29.96
CA TYR A 455 13.87 28.74 31.28
C TYR A 455 12.99 27.86 32.16
N SER A 456 11.68 28.10 32.11
CA SER A 456 10.76 27.29 32.90
C SER A 456 10.83 25.84 32.47
N THR A 457 11.07 25.59 31.18
CA THR A 457 11.18 24.19 30.75
C THR A 457 12.41 23.53 31.36
N TYR A 458 13.56 24.17 31.24
CA TYR A 458 14.81 23.65 31.85
C TYR A 458 14.51 23.33 33.31
N LEU A 459 14.09 24.32 34.09
CA LEU A 459 13.91 24.15 35.55
C LEU A 459 12.65 23.33 35.89
N TRP A 460 11.77 23.04 34.93
CA TRP A 460 10.65 22.17 35.22
C TRP A 460 11.08 20.72 35.07
N THR A 461 12.21 20.50 34.40
CA THR A 461 12.83 19.17 34.34
C THR A 461 13.43 18.95 35.73
N GLY A 462 14.03 19.98 36.33
CA GLY A 462 14.53 19.88 37.70
C GLY A 462 13.41 19.73 38.71
N LEU A 463 12.28 20.38 38.45
CA LEU A 463 11.12 20.23 39.31
C LEU A 463 10.61 18.80 39.26
N LEU A 464 10.66 18.20 38.06
CA LEU A 464 10.27 16.78 37.90
C LEU A 464 11.25 15.95 38.72
N ALA A 465 12.54 16.30 38.74
CA ALA A 465 13.54 15.58 39.53
C ALA A 465 13.23 15.65 41.02
N ILE A 466 12.94 16.84 41.54
CA ILE A 466 12.69 16.96 42.98
C ILE A 466 11.36 16.30 43.34
N SER A 467 10.37 16.31 42.44
CA SER A 467 9.12 15.63 42.74
C SER A 467 9.32 14.13 42.83
N LEU A 468 10.15 13.57 41.94
CA LEU A 468 10.52 12.17 42.10
C LEU A 468 11.30 11.94 43.38
N PHE A 469 12.10 12.93 43.80
CA PHE A 469 12.78 12.85 45.09
C PHE A 469 11.77 12.74 46.24
N LEU A 470 10.70 13.54 46.18
CA LEU A 470 9.63 13.42 47.17
C LEU A 470 8.94 12.06 47.08
N LEU A 471 8.75 11.56 45.86
CA LEU A 471 8.13 10.25 45.69
C LEU A 471 8.97 9.15 46.34
N LYS A 472 10.30 9.29 46.29
CA LYS A 472 11.15 8.36 47.02
C LYS A 472 11.03 8.54 48.53
N LYS A 473 10.64 9.73 48.98
CA LYS A 473 10.45 9.97 50.40
C LYS A 473 9.15 9.33 50.88
N ARG A 474 8.93 9.41 52.20
CA ARG A 474 7.72 8.85 52.83
C ARG A 474 6.46 9.46 52.22
N GLU A 475 5.29 8.89 52.51
CA GLU A 475 4.00 9.43 52.01
C GLU A 475 3.82 10.86 52.55
N ARG A 476 2.83 11.60 52.04
CA ARG A 476 2.54 12.98 52.50
C ARG A 476 3.86 13.75 52.65
N VAL A 477 4.57 13.98 51.56
CA VAL A 477 5.89 14.70 51.58
C VAL A 477 5.65 16.16 51.95
N GLN A 478 6.45 16.72 52.87
CA GLN A 478 6.33 18.14 53.30
C GLN A 478 6.01 19.03 52.10
N ILE A 479 6.78 18.91 51.00
CA ILE A 479 6.58 19.75 49.79
C ILE A 479 5.22 19.42 49.18
N PRO A 480 4.26 20.38 49.15
CA PRO A 480 2.96 20.14 48.52
C PRO A 480 3.09 20.33 47.00
N VAL A 481 1.97 20.30 46.28
CA VAL A 481 1.98 20.42 44.78
C VAL A 481 1.74 21.89 44.40
N GLY A 482 1.04 22.66 45.22
CA GLY A 482 0.71 24.04 44.89
C GLY A 482 1.92 24.96 44.88
N ILE A 483 2.74 24.89 45.94
CA ILE A 483 3.95 25.70 45.98
C ILE A 483 4.92 25.22 44.91
N ILE A 484 4.88 23.93 44.57
CA ILE A 484 5.74 23.42 43.51
C ILE A 484 5.40 24.09 42.18
N ILE A 485 4.11 24.17 41.84
CA ILE A 485 3.69 24.84 40.62
C ILE A 485 4.00 26.33 40.69
N ILE A 486 3.75 26.96 41.84
CA ILE A 486 3.99 28.40 41.97
C ILE A 486 5.46 28.72 41.76
N SER A 487 6.35 27.94 42.35
CA SER A 487 7.79 28.09 42.13
C SER A 487 8.20 27.77 40.71
N GLY A 488 7.59 26.76 40.09
CA GLY A 488 7.90 26.42 38.72
C GLY A 488 7.58 27.53 37.75
N TRP A 489 6.30 27.88 37.62
CA TRP A 489 5.93 28.98 36.74
C TRP A 489 6.29 30.34 37.34
N GLY A 490 6.59 30.41 38.63
CA GLY A 490 7.28 31.55 39.18
C GLY A 490 8.78 31.54 38.93
N ILE A 491 9.18 30.83 37.87
CA ILE A 491 10.60 30.72 37.44
C ILE A 491 11.27 32.09 37.52
N PRO A 492 12.52 32.18 38.02
CA PRO A 492 13.24 33.46 38.05
C PRO A 492 13.51 34.04 36.68
N ALA A 493 12.94 33.44 35.63
CA ALA A 493 12.96 34.08 34.32
C ALA A 493 12.25 35.43 34.35
N LEU A 494 11.35 35.64 35.32
CA LEU A 494 10.84 36.98 35.56
C LEU A 494 11.96 37.91 36.03
N LEU A 495 12.85 37.40 36.89
CA LEU A 495 14.03 38.17 37.24
C LEU A 495 14.94 38.37 36.04
N VAL A 496 14.94 37.42 35.11
CA VAL A 496 15.68 37.62 33.85
C VAL A 496 15.04 38.74 33.05
N GLY A 497 13.72 38.84 33.07
CA GLY A 497 13.05 39.97 32.44
C GLY A 497 13.42 41.29 33.09
N VAL A 498 13.49 41.30 34.42
CA VAL A 498 13.94 42.49 35.13
C VAL A 498 15.37 42.86 34.70
N LEU A 499 16.24 41.85 34.60
CA LEU A 499 17.62 42.10 34.19
C LEU A 499 17.68 42.66 32.78
N LEU A 500 16.91 42.11 31.84
CA LEU A 500 16.93 42.63 30.48
C LEU A 500 16.32 44.02 30.41
N ILE A 501 15.37 44.34 31.29
CA ILE A 501 14.92 45.71 31.41
C ILE A 501 16.06 46.61 31.87
N THR A 502 16.82 46.16 32.86
CA THR A 502 17.98 46.92 33.33
C THR A 502 19.16 46.78 32.37
N GLY A 503 19.28 45.63 31.70
CA GLY A 503 20.43 45.36 30.85
C GLY A 503 20.39 46.07 29.52
N LYS A 504 21.43 45.83 28.73
CA LYS A 504 21.59 46.49 27.44
C LYS A 504 20.50 46.01 26.48
N HIS A 505 20.11 46.89 25.57
CA HIS A 505 19.09 46.58 24.59
C HIS A 505 19.69 45.85 23.39
N ASN A 506 18.82 45.30 22.54
CA ASN A 506 19.28 44.55 21.38
C ASN A 506 19.87 45.49 20.33
N GLY A 507 20.98 45.08 19.74
CA GLY A 507 21.62 45.86 18.70
C GLY A 507 21.44 45.28 17.32
N ASP A 508 21.52 43.96 17.21
CA ASP A 508 21.34 43.26 15.94
C ASP A 508 20.19 42.27 15.95
N SER A 509 20.11 41.43 16.98
CA SER A 509 19.05 40.43 17.14
C SER A 509 18.88 39.58 15.88
N ILE A 510 19.97 38.87 15.53
CA ILE A 510 19.93 37.94 14.42
C ILE A 510 19.37 36.58 14.81
N ASP A 511 19.29 36.29 16.11
CA ASP A 511 18.77 35.02 16.61
C ASP A 511 18.35 35.19 18.05
N SER A 512 17.66 34.18 18.57
CA SER A 512 17.24 34.20 19.97
C SER A 512 18.44 34.21 20.90
N ALA A 513 19.48 33.43 20.58
CA ALA A 513 20.65 33.35 21.44
C ALA A 513 21.36 34.70 21.54
N PHE A 514 21.79 35.24 20.41
CA PHE A 514 22.49 36.52 20.40
C PHE A 514 21.51 37.68 20.28
N PHE A 515 20.49 37.70 21.15
CA PHE A 515 19.39 38.65 20.96
C PHE A 515 19.79 40.06 21.39
N TYR A 516 20.04 40.24 22.69
CA TYR A 516 20.36 41.58 23.26
C TYR A 516 21.67 41.60 24.04
N GLY A 517 22.67 40.76 23.75
CA GLY A 517 23.96 40.85 24.40
C GLY A 517 24.46 39.48 24.81
N LYS A 518 25.28 39.47 25.87
CA LYS A 518 25.84 38.25 26.42
C LYS A 518 25.43 37.97 27.86
N GLU A 519 24.78 38.91 28.53
CA GLU A 519 24.32 38.67 29.89
C GLU A 519 23.26 37.58 29.92
N GLN A 520 22.40 37.51 28.90
CA GLN A 520 21.43 36.44 28.82
C GLN A 520 22.11 35.08 28.76
N MET A 521 23.30 35.02 28.15
CA MET A 521 24.05 33.78 28.14
C MET A 521 24.41 33.35 29.56
N ILE A 522 24.85 34.30 30.39
CA ILE A 522 25.15 34.00 31.78
C ILE A 522 23.90 33.54 32.50
N THR A 523 22.77 34.19 32.18
CA THR A 523 21.47 33.86 32.83
C THR A 523 21.11 32.41 32.49
N THR A 524 21.22 32.01 31.22
CA THR A 524 20.91 30.64 30.74
C THR A 524 21.87 29.63 31.35
N ALA A 525 23.15 29.95 31.40
CA ALA A 525 24.15 29.03 31.94
C ALA A 525 23.89 28.78 33.42
N VAL A 526 23.64 29.84 34.18
CA VAL A 526 23.43 29.70 35.61
C VAL A 526 22.18 28.88 35.89
N THR A 527 21.05 29.30 35.31
CA THR A 527 19.74 28.64 35.54
C THR A 527 19.84 27.16 35.19
N LEU A 528 20.39 26.84 34.01
CA LEU A 528 20.51 25.45 33.52
C LEU A 528 21.47 24.68 34.42
N PHE A 529 22.49 25.33 34.96
CA PHE A 529 23.40 24.70 35.91
C PHE A 529 22.65 24.29 37.18
N CYS A 530 21.79 25.17 37.68
CA CYS A 530 20.96 24.80 38.83
C CYS A 530 20.06 23.62 38.49
N SER A 531 19.47 23.64 37.29
CA SER A 531 18.59 22.54 36.89
C SER A 531 19.34 21.21 36.84
N ILE A 532 20.54 21.20 36.24
CA ILE A 532 21.28 19.94 36.11
C ILE A 532 21.81 19.49 37.47
N LEU A 533 22.14 20.44 38.34
CA LEU A 533 22.55 20.06 39.70
C LEU A 533 21.40 19.42 40.45
N ILE A 534 20.19 19.96 40.30
CA ILE A 534 19.01 19.36 40.92
C ILE A 534 18.77 17.97 40.36
N ALA A 535 18.95 17.81 39.05
CA ALA A 535 18.78 16.50 38.42
C ALA A 535 19.79 15.50 38.98
N GLY A 536 21.04 15.94 39.16
CA GLY A 536 22.05 15.07 39.74
C GLY A 536 21.73 14.69 41.17
N ILE A 537 21.22 15.64 41.96
CA ILE A 537 20.81 15.33 43.32
C ILE A 537 19.69 14.30 43.32
N SER A 538 18.72 14.45 42.41
CA SER A 538 17.64 13.49 42.31
C SER A 538 18.15 12.12 41.89
N LEU A 539 19.12 12.07 40.98
CA LEU A 539 19.70 10.79 40.60
C LEU A 539 20.43 10.15 41.77
N MET A 540 21.13 10.95 42.58
CA MET A 540 21.76 10.42 43.79
C MET A 540 20.71 9.84 44.73
N CYS A 541 19.60 10.55 44.92
CA CYS A 541 18.53 10.04 45.76
C CYS A 541 17.92 8.76 45.17
N MET A 542 17.90 8.66 43.84
CA MET A 542 17.54 7.40 43.20
C MET A 542 18.50 6.29 43.60
N ASN A 543 19.80 6.60 43.62
CA ASN A 543 20.78 5.64 44.13
C ASN A 543 20.54 5.36 45.61
N GLN A 544 20.16 6.38 46.38
CA GLN A 544 19.87 6.20 47.80
C GLN A 544 18.67 5.28 48.01
N HIS A 628 -26.37 -14.00 48.69
CA HIS A 628 -25.39 -14.37 47.67
C HIS A 628 -26.03 -14.37 46.29
N CYS A 629 -25.82 -13.30 45.54
CA CYS A 629 -26.36 -13.14 44.19
C CYS A 629 -25.20 -13.19 43.20
N VAL A 630 -24.98 -14.36 42.59
CA VAL A 630 -23.90 -14.50 41.63
C VAL A 630 -24.24 -13.75 40.34
N SER A 631 -25.50 -13.84 39.90
CA SER A 631 -25.89 -13.26 38.61
C SER A 631 -25.71 -11.74 38.61
N ARG A 632 -26.12 -11.07 39.67
CA ARG A 632 -26.07 -9.62 39.76
C ARG A 632 -25.03 -9.19 40.78
N CYS A 633 -24.12 -8.31 40.37
CA CYS A 633 -23.06 -7.78 41.23
C CYS A 633 -23.01 -6.27 41.04
N ASN A 634 -23.83 -5.55 41.81
CA ASN A 634 -23.83 -4.09 41.77
C ASN A 634 -23.45 -3.48 43.12
N SER A 635 -24.15 -3.83 44.19
CA SER A 635 -23.88 -3.28 45.51
C SER A 635 -23.51 -4.34 46.53
N GLN A 636 -24.30 -5.42 46.62
CA GLN A 636 -23.96 -6.49 47.55
C GLN A 636 -22.65 -7.17 47.16
N SER A 637 -22.33 -7.19 45.88
CA SER A 637 -21.06 -7.65 45.35
C SER A 637 -20.40 -6.49 44.61
N CYS A 638 -19.32 -6.79 43.90
CA CYS A 638 -18.59 -5.81 43.10
C CYS A 638 -18.06 -4.66 43.97
N ILE A 639 -17.61 -4.99 45.18
CA ILE A 639 -16.87 -4.02 45.98
C ILE A 639 -15.39 -4.03 45.64
N LEU A 640 -14.93 -5.02 44.88
CA LEU A 640 -13.57 -5.05 44.37
C LEU A 640 -13.38 -4.14 43.17
N ALA A 641 -14.45 -3.53 42.66
CA ALA A 641 -14.32 -2.55 41.59
C ALA A 641 -13.49 -1.36 42.05
N GLN A 642 -13.67 -0.93 43.29
CA GLN A 642 -12.84 0.14 43.83
C GLN A 642 -11.38 -0.26 43.88
N GLU A 643 -11.10 -1.50 44.30
CA GLU A 643 -9.72 -1.99 44.31
C GLU A 643 -9.15 -2.03 42.90
N GLU A 644 -9.95 -2.47 41.93
CA GLU A 644 -9.46 -2.56 40.55
C GLU A 644 -9.20 -1.17 39.96
N GLU A 645 -10.06 -0.20 40.27
CA GLU A 645 -9.81 1.15 39.77
C GLU A 645 -8.63 1.79 40.49
N GLN A 646 -8.40 1.46 41.76
CA GLN A 646 -7.19 1.90 42.43
C GLN A 646 -5.95 1.30 41.78
N TYR A 647 -6.02 0.02 41.39
CA TYR A 647 -4.94 -0.60 40.65
C TYR A 647 -4.73 0.09 39.31
N LEU A 648 -5.81 0.46 38.64
CA LEU A 648 -5.70 1.16 37.37
C LEU A 648 -5.05 2.53 37.55
N GLN A 649 -5.38 3.24 38.63
CA GLN A 649 -4.72 4.50 38.93
C GLN A 649 -3.25 4.31 39.25
N SER A 650 -2.92 3.23 39.97
CA SER A 650 -1.52 2.94 40.27
C SER A 650 -0.74 2.66 38.99
N GLY A 651 -1.34 1.91 38.06
CA GLY A 651 -0.74 1.75 36.76
C GLY A 651 -0.64 3.05 35.98
N ASP A 652 -1.62 3.94 36.17
CA ASP A 652 -1.55 5.28 35.58
C ASP A 652 -0.37 6.04 36.15
N GLN A 653 -0.02 5.78 37.41
CA GLN A 653 1.15 6.38 38.02
C GLN A 653 2.39 5.80 37.35
N GLN A 654 2.95 6.55 36.41
CA GLN A 654 3.99 6.05 35.51
C GLN A 654 5.27 6.87 35.66
N LEU A 655 5.70 7.08 36.90
CA LEU A 655 6.89 7.91 37.19
C LEU A 655 8.13 7.32 36.52
N THR A 656 8.13 6.04 36.12
CA THR A 656 9.27 5.46 35.42
C THR A 656 9.52 6.15 34.08
N ARG A 657 8.45 6.46 33.35
CA ARG A 657 8.62 7.19 32.09
C ARG A 657 9.08 8.63 32.35
N HIS A 658 8.68 9.23 33.46
CA HIS A 658 9.22 10.54 33.82
C HIS A 658 10.72 10.44 34.09
N VAL A 659 11.16 9.35 34.74
CA VAL A 659 12.58 9.13 34.96
C VAL A 659 13.30 8.99 33.61
N LEU A 660 12.74 8.19 32.71
CA LEU A 660 13.30 8.09 31.37
C LEU A 660 13.42 9.47 30.73
N LEU A 661 12.38 10.29 30.88
CA LEU A 661 12.38 11.64 30.34
C LEU A 661 13.57 12.44 30.88
N CYS A 662 13.65 12.60 32.19
CA CYS A 662 14.69 13.46 32.81
C CYS A 662 16.09 12.94 32.46
N LEU A 663 16.39 11.66 32.66
CA LEU A 663 17.72 11.15 32.31
C LEU A 663 17.98 11.08 30.80
N LEU A 664 16.94 11.24 29.98
CA LEU A 664 17.19 11.49 28.57
C LEU A 664 17.52 12.94 28.26
N LEU A 665 16.94 13.87 29.02
CA LEU A 665 17.14 15.33 28.79
C LEU A 665 18.51 15.75 29.33
N ILE A 666 18.94 15.18 30.46
CA ILE A 666 20.18 15.60 31.19
C ILE A 666 21.32 15.79 30.20
N ILE A 667 21.56 14.86 29.28
CA ILE A 667 22.69 14.92 28.35
C ILE A 667 22.60 16.18 27.50
N GLY A 668 21.41 16.47 26.98
CA GLY A 668 21.23 17.68 26.19
C GLY A 668 21.44 18.94 27.01
N LEU A 669 20.98 18.93 28.27
CA LEU A 669 21.23 20.08 29.14
C LEU A 669 22.74 20.30 29.31
N PHE A 670 23.47 19.20 29.51
CA PHE A 670 24.92 19.28 29.50
C PHE A 670 25.42 19.92 28.22
N ALA A 671 24.81 19.56 27.09
CA ALA A 671 25.22 20.14 25.81
C ALA A 671 25.03 21.65 25.78
N ASN A 672 23.86 22.14 26.21
CA ASN A 672 23.62 23.58 26.14
C ASN A 672 24.55 24.32 27.10
N LEU A 673 24.74 23.80 28.31
CA LEU A 673 25.62 24.50 29.24
C LEU A 673 27.06 24.50 28.74
N SER A 674 27.47 23.40 28.10
CA SER A 674 28.81 23.35 27.50
C SER A 674 28.95 24.39 26.40
N SER A 675 27.92 24.52 25.56
CA SER A 675 27.92 25.52 24.45
C SER A 675 28.08 26.91 25.04
N CYS A 676 27.29 27.25 26.06
CA CYS A 676 27.35 28.58 26.66
C CYS A 676 28.70 28.84 27.31
N LEU A 677 29.21 27.85 28.05
CA LEU A 677 30.51 28.01 28.67
C LEU A 677 31.61 28.19 27.63
N TRP A 678 31.47 27.52 26.48
CA TRP A 678 32.41 27.74 25.38
C TRP A 678 32.33 29.17 24.89
N TRP A 679 31.12 29.71 24.73
CA TRP A 679 31.00 31.05 24.15
C TRP A 679 31.57 32.12 25.09
N LEU A 680 31.15 32.11 26.36
CA LEU A 680 31.67 33.14 27.27
C LEU A 680 33.13 32.87 27.65
N PHE A 681 33.53 31.60 27.73
CA PHE A 681 34.92 31.21 28.08
C PHE A 681 35.88 31.82 27.07
N ASN A 682 35.60 31.64 25.77
CA ASN A 682 36.46 32.13 24.71
C ASN A 682 35.60 32.54 23.51
N GLN A 683 35.98 33.63 22.87
CA GLN A 683 35.24 34.16 21.73
C GLN A 683 35.79 33.63 20.41
N GLU A 684 35.90 32.31 20.30
CA GLU A 684 36.42 31.65 19.10
C GLU A 684 35.42 30.58 18.68
N PRO A 685 34.47 30.91 17.80
CA PRO A 685 33.49 29.92 17.36
C PRO A 685 34.11 28.74 16.64
N GLY A 686 34.85 29.02 15.56
CA GLY A 686 35.49 27.95 14.81
C GLY A 686 34.54 26.97 14.16
N ARG A 687 33.28 27.37 13.96
CA ARG A 687 32.24 26.58 13.30
C ARG A 687 31.79 25.42 14.20
N LEU A 688 32.51 25.18 15.30
CA LEU A 688 32.08 24.18 16.27
C LEU A 688 30.90 24.69 17.10
N TYR A 689 30.96 25.97 17.50
CA TYR A 689 29.83 26.54 18.22
C TYR A 689 28.58 26.59 17.35
N VAL A 690 28.73 26.57 16.03
CA VAL A 690 27.55 26.51 15.16
C VAL A 690 26.82 25.18 15.35
N GLU A 691 27.57 24.07 15.39
CA GLU A 691 26.92 22.79 15.63
C GLU A 691 26.43 22.66 17.06
N LEU A 692 27.11 23.31 18.01
CA LEU A 692 26.58 23.34 19.38
C LEU A 692 25.26 24.09 19.45
N GLN A 693 25.16 25.22 18.72
CA GLN A 693 23.90 25.93 18.60
C GLN A 693 22.84 25.05 17.96
N PHE A 694 23.23 24.27 16.96
CA PHE A 694 22.29 23.36 16.33
C PHE A 694 21.74 22.35 17.32
N PHE A 695 22.62 21.75 18.13
CA PHE A 695 22.15 20.78 19.11
C PHE A 695 21.26 21.43 20.15
N CYS A 696 21.61 22.63 20.60
CA CYS A 696 20.76 23.35 21.55
C CYS A 696 19.39 23.62 20.94
N ALA A 697 19.36 24.03 19.67
CA ALA A 697 18.10 24.32 19.01
C ALA A 697 17.24 23.06 18.86
N VAL A 698 17.85 21.96 18.45
CA VAL A 698 17.06 20.74 18.25
C VAL A 698 16.50 20.26 19.59
N PHE A 699 17.29 20.36 20.66
CA PHE A 699 16.72 20.13 21.99
C PHE A 699 15.51 21.01 22.27
N ASN A 700 15.75 22.32 22.31
CA ASN A 700 14.74 23.25 22.82
C ASN A 700 13.47 23.23 21.99
N PHE A 701 13.57 22.91 20.70
CA PHE A 701 12.41 22.95 19.83
C PHE A 701 12.06 21.58 19.25
N GLY A 702 12.55 20.50 19.84
CA GLY A 702 12.07 19.17 19.52
C GLY A 702 11.73 18.43 20.79
N GLN A 703 11.79 19.13 21.93
CA GLN A 703 11.16 18.63 23.15
C GLN A 703 9.78 18.05 22.90
N GLY A 704 9.01 18.65 22.00
CA GLY A 704 7.71 18.09 21.68
C GLY A 704 7.80 16.67 21.15
N PHE A 705 8.83 16.40 20.34
CA PHE A 705 8.98 15.07 19.75
C PHE A 705 9.20 14.01 20.82
N ILE A 706 10.11 14.27 21.76
CA ILE A 706 10.38 13.29 22.81
C ILE A 706 9.19 13.16 23.75
N SER A 707 8.53 14.28 24.06
CA SER A 707 7.34 14.19 24.91
C SER A 707 6.25 13.35 24.25
N PHE A 708 6.04 13.52 22.94
CA PHE A 708 5.11 12.66 22.23
C PHE A 708 5.60 11.22 22.23
N GLY A 709 6.91 11.01 22.17
CA GLY A 709 7.45 9.68 22.30
C GLY A 709 7.19 9.03 23.65
N ILE A 710 6.95 9.85 24.68
CA ILE A 710 6.64 9.35 26.01
C ILE A 710 5.14 9.38 26.29
N PHE A 711 4.44 10.43 25.88
CA PHE A 711 3.01 10.56 26.11
C PHE A 711 2.28 10.80 24.80
N GLY A 712 1.02 10.43 24.77
CA GLY A 712 0.22 10.48 23.55
C GLY A 712 0.25 9.19 22.78
N LEU A 713 1.45 8.60 22.63
CA LEU A 713 1.61 7.26 22.09
C LEU A 713 1.84 6.23 23.19
N ASP A 714 1.21 6.42 24.35
CA ASP A 714 1.42 5.59 25.52
C ASP A 714 0.13 4.88 25.91
N LYS A 715 0.26 3.93 26.84
CA LYS A 715 -0.89 3.21 27.35
C LYS A 715 -1.68 4.10 28.32
N HIS A 716 -2.72 3.51 28.89
CA HIS A 716 -3.63 4.17 29.84
C HIS A 716 -3.92 5.63 29.52
N SER A 744 -23.22 -6.48 11.89
CA SER A 744 -24.17 -6.80 12.95
C SER A 744 -24.31 -8.31 13.14
N GLU A 745 -24.52 -9.01 12.03
CA GLU A 745 -24.73 -10.46 12.09
C GLU A 745 -23.49 -11.19 12.56
N GLU A 746 -22.32 -10.74 12.09
CA GLU A 746 -21.00 -11.34 12.45
C GLU A 746 -20.94 -11.52 13.97
N ILE A 747 -21.39 -10.53 14.73
CA ILE A 747 -21.48 -10.64 16.19
C ILE A 747 -22.39 -11.80 16.57
N LYS A 748 -23.49 -11.99 15.83
CA LYS A 748 -24.43 -13.05 16.19
C LYS A 748 -23.81 -14.44 16.00
N MET A 749 -23.16 -14.68 14.85
CA MET A 749 -22.48 -15.97 14.73
C MET A 749 -21.33 -16.11 15.71
N THR A 750 -20.61 -15.01 15.99
CA THR A 750 -19.49 -15.02 16.96
C THR A 750 -20.01 -15.50 18.31
N CYS A 751 -21.10 -14.90 18.81
CA CYS A 751 -21.68 -15.26 20.09
C CYS A 751 -22.28 -16.66 20.10
N GLN A 752 -22.98 -17.05 19.03
CA GLN A 752 -23.60 -18.36 18.97
C GLN A 752 -22.56 -19.47 18.97
N GLN A 753 -21.55 -19.36 18.10
CA GLN A 753 -20.45 -20.36 18.02
C GLN A 753 -19.78 -20.48 19.38
N PHE A 754 -19.47 -19.34 20.01
CA PHE A 754 -18.85 -19.33 21.33
C PHE A 754 -19.72 -20.08 22.34
N ILE A 755 -20.94 -19.60 22.57
CA ILE A 755 -21.80 -20.18 23.59
C ILE A 755 -22.15 -21.63 23.29
N HIS A 756 -22.01 -22.08 22.04
CA HIS A 756 -22.38 -23.46 21.73
C HIS A 756 -21.21 -24.43 21.84
N TYR A 757 -19.99 -23.99 21.56
CA TYR A 757 -18.85 -24.90 21.62
C TYR A 757 -17.82 -24.52 22.68
N HIS A 758 -17.38 -23.26 22.70
CA HIS A 758 -16.32 -22.87 23.63
C HIS A 758 -16.83 -22.83 25.07
N ARG A 759 -18.12 -22.56 25.27
CA ARG A 759 -18.68 -22.63 26.61
C ARG A 759 -18.59 -24.04 27.17
N ASP A 760 -18.82 -25.04 26.32
CA ASP A 760 -18.73 -26.42 26.76
C ASP A 760 -17.30 -26.82 27.12
N LEU A 761 -16.31 -26.07 26.66
CA LEU A 761 -14.90 -26.37 26.94
C LEU A 761 -14.49 -25.83 28.31
N CYS A 762 -15.20 -26.28 29.34
CA CYS A 762 -14.93 -25.93 30.73
C CYS A 762 -14.92 -24.41 30.92
N ILE A 763 -16.06 -23.78 30.64
CA ILE A 763 -16.21 -22.30 30.79
C ILE A 763 -16.21 -21.97 32.28
N ARG A 764 -16.54 -22.92 33.16
CA ARG A 764 -16.40 -22.70 34.60
C ARG A 764 -14.93 -22.65 34.98
N ASN A 765 -14.12 -23.57 34.43
CA ASN A 765 -12.69 -23.54 34.69
C ASN A 765 -12.04 -22.29 34.11
N ILE A 766 -12.46 -21.89 32.91
CA ILE A 766 -11.88 -20.71 32.27
C ILE A 766 -12.29 -19.44 33.03
N VAL A 767 -13.57 -19.31 33.36
CA VAL A 767 -14.02 -18.14 34.10
C VAL A 767 -13.65 -18.33 35.56
N LYS A 768 -12.45 -17.87 35.93
CA LYS A 768 -11.91 -18.06 37.27
C LYS A 768 -12.28 -16.85 38.11
N GLU A 769 -13.20 -17.04 39.05
CA GLU A 769 -13.74 -15.96 39.86
C GLU A 769 -13.41 -16.21 41.33
N ARG A 770 -12.90 -15.18 42.01
CA ARG A 770 -12.44 -15.29 43.39
C ARG A 770 -13.00 -14.13 44.20
N ARG A 771 -13.90 -14.45 45.13
CA ARG A 771 -14.43 -13.48 46.09
C ARG A 771 -15.04 -12.27 45.38
N CYS A 772 -16.10 -12.53 44.61
CA CYS A 772 -16.77 -11.49 43.86
C CYS A 772 -17.48 -10.54 44.82
N GLY A 773 -16.91 -9.37 45.04
CA GLY A 773 -17.51 -8.43 45.96
C GLY A 773 -17.43 -8.93 47.40
N ALA A 774 -18.52 -8.70 48.14
CA ALA A 774 -18.57 -9.08 49.55
C ALA A 774 -19.67 -10.10 49.86
N LYS A 775 -20.34 -10.61 48.83
CA LYS A 775 -21.41 -11.60 49.02
C LYS A 775 -21.10 -12.92 48.34
N THR A 776 -20.63 -12.91 47.10
CA THR A 776 -20.38 -14.12 46.34
C THR A 776 -18.88 -14.35 46.18
N SER A 777 -18.53 -15.61 45.95
CA SER A 777 -17.13 -15.98 45.73
C SER A 777 -16.78 -16.16 44.27
N ALA A 778 -17.76 -16.53 43.42
CA ALA A 778 -17.52 -16.80 42.01
C ALA A 778 -18.50 -15.99 41.17
N GLY A 779 -18.17 -14.72 40.91
CA GLY A 779 -19.01 -13.89 40.07
C GLY A 779 -18.36 -13.27 38.85
N THR A 780 -17.06 -12.96 38.93
CA THR A 780 -16.38 -12.19 37.88
C THR A 780 -14.94 -12.67 37.74
N PHE A 781 -14.44 -12.63 36.50
CA PHE A 781 -13.13 -13.20 36.19
C PHE A 781 -12.31 -12.22 35.34
N CYS A 782 -11.00 -12.38 35.41
CA CYS A 782 -10.09 -11.48 34.70
C CYS A 782 -10.04 -11.82 33.21
N GLY A 783 -9.93 -10.78 32.37
CA GLY A 783 -9.86 -10.99 30.93
C GLY A 783 -8.52 -11.46 30.41
N CYS A 784 -7.45 -11.25 31.18
CA CYS A 784 -6.15 -11.74 30.75
C CYS A 784 -6.13 -13.26 30.66
N ASP A 785 -6.72 -13.94 31.65
CA ASP A 785 -6.85 -15.39 31.58
C ASP A 785 -7.74 -15.80 30.42
N LEU A 786 -8.75 -14.98 30.10
CA LEU A 786 -9.61 -15.29 28.96
C LEU A 786 -8.82 -15.28 27.66
N VAL A 787 -8.06 -14.20 27.43
CA VAL A 787 -7.26 -14.12 26.20
C VAL A 787 -6.21 -15.22 26.17
N SER A 788 -5.67 -15.58 27.34
CA SER A 788 -4.75 -16.70 27.42
C SER A 788 -5.44 -18.00 26.99
N TRP A 789 -6.69 -18.18 27.41
CA TRP A 789 -7.43 -19.37 27.01
C TRP A 789 -7.66 -19.41 25.52
N LEU A 790 -7.99 -18.26 24.92
CA LEU A 790 -8.18 -18.20 23.46
C LEU A 790 -6.86 -18.54 22.77
N ILE A 791 -5.72 -18.01 23.22
CA ILE A 791 -4.46 -18.14 22.49
C ILE A 791 -3.62 -19.32 22.95
N GLU A 792 -4.14 -20.17 23.84
CA GLU A 792 -3.39 -21.33 24.30
C GLU A 792 -3.93 -22.66 23.76
N VAL A 793 -5.21 -22.71 23.38
CA VAL A 793 -5.77 -23.92 22.80
C VAL A 793 -5.94 -23.82 21.29
N GLY A 794 -5.76 -22.63 20.72
CA GLY A 794 -6.01 -22.42 19.30
C GLY A 794 -7.33 -21.77 18.97
N LEU A 795 -8.08 -21.32 19.97
CA LEU A 795 -9.36 -20.66 19.72
C LEU A 795 -9.16 -19.36 18.95
N ALA A 796 -8.13 -18.59 19.30
CA ALA A 796 -7.80 -17.35 18.61
C ALA A 796 -6.32 -17.35 18.26
N SER A 797 -5.99 -16.70 17.14
CA SER A 797 -4.61 -16.66 16.67
C SER A 797 -3.70 -15.97 17.68
N ASP A 798 -3.94 -14.68 17.93
CA ASP A 798 -3.16 -13.92 18.90
C ASP A 798 -4.12 -13.07 19.73
N ARG A 799 -3.56 -12.14 20.50
CA ARG A 799 -4.36 -11.35 21.42
C ARG A 799 -5.19 -10.28 20.71
N GLY A 800 -4.85 -9.91 19.48
CA GLY A 800 -5.63 -8.91 18.78
C GLY A 800 -6.98 -9.43 18.33
N GLU A 801 -6.98 -10.51 17.56
CA GLU A 801 -8.26 -11.12 17.18
C GLU A 801 -9.00 -11.64 18.39
N ALA A 802 -8.28 -12.00 19.47
CA ALA A 802 -8.95 -12.44 20.68
C ALA A 802 -9.66 -11.29 21.38
N VAL A 803 -9.04 -10.11 21.43
CA VAL A 803 -9.72 -8.96 22.04
C VAL A 803 -10.89 -8.52 21.16
N ILE A 804 -10.76 -8.65 19.84
CA ILE A 804 -11.91 -8.37 18.97
C ILE A 804 -13.02 -9.37 19.21
N TYR A 805 -12.66 -10.65 19.42
CA TYR A 805 -13.65 -11.67 19.76
C TYR A 805 -14.37 -11.35 21.06
N GLY A 806 -13.61 -10.91 22.07
CA GLY A 806 -14.23 -10.52 23.33
C GLY A 806 -15.16 -9.33 23.17
N ASP A 807 -14.78 -8.38 22.32
CA ASP A 807 -15.68 -7.29 21.99
C ASP A 807 -16.97 -7.82 21.34
N ARG A 808 -16.84 -8.82 20.47
CA ARG A 808 -18.02 -9.44 19.86
C ARG A 808 -18.91 -10.06 20.94
N LEU A 809 -18.31 -10.76 21.89
CA LEU A 809 -19.09 -11.38 22.96
C LEU A 809 -19.77 -10.32 23.82
N VAL A 810 -19.11 -9.19 24.04
CA VAL A 810 -19.73 -8.08 24.77
C VAL A 810 -20.94 -7.58 24.01
N GLN A 811 -20.79 -7.38 22.69
CA GLN A 811 -21.89 -6.92 21.87
C GLN A 811 -22.96 -7.99 21.66
N GLY A 812 -22.70 -9.23 22.02
CA GLY A 812 -23.65 -10.30 21.86
C GLY A 812 -24.37 -10.67 23.15
N GLY A 813 -24.00 -10.01 24.25
CA GLY A 813 -24.63 -10.29 25.52
C GLY A 813 -24.24 -11.59 26.16
N VAL A 814 -23.05 -12.13 25.84
CA VAL A 814 -22.60 -13.38 26.43
C VAL A 814 -21.60 -13.16 27.55
N ILE A 815 -20.85 -12.06 27.54
CA ILE A 815 -19.90 -11.74 28.60
C ILE A 815 -20.21 -10.34 29.11
N GLN A 816 -19.89 -10.11 30.38
CA GLN A 816 -20.24 -8.82 31.01
C GLN A 816 -19.06 -8.25 31.77
N HIS A 817 -19.31 -7.33 32.68
CA HIS A 817 -18.31 -6.63 33.49
C HIS A 817 -18.75 -6.66 34.95
N ILE A 818 -17.84 -6.25 35.84
CA ILE A 818 -18.17 -6.19 37.26
C ILE A 818 -19.33 -5.24 37.50
N THR A 819 -19.31 -4.05 36.89
CA THR A 819 -20.34 -3.01 37.12
C THR A 819 -21.46 -3.12 36.09
N ASN A 820 -21.34 -4.00 35.08
CA ASN A 820 -22.29 -4.18 33.99
C ASN A 820 -22.31 -2.98 33.05
N GLU A 821 -21.56 -1.92 33.34
CA GLU A 821 -21.54 -0.71 32.52
C GLU A 821 -20.31 -0.63 31.61
N TYR A 822 -19.17 -1.16 32.06
CA TYR A 822 -17.94 -1.05 31.32
C TYR A 822 -17.91 -2.07 30.17
N GLU A 823 -16.86 -2.01 29.36
CA GLU A 823 -16.73 -2.82 28.16
C GLU A 823 -15.38 -3.55 28.19
N PHE A 824 -15.35 -4.72 27.59
CA PHE A 824 -14.22 -5.62 27.72
C PHE A 824 -12.96 -5.04 27.08
N ARG A 825 -11.84 -5.10 27.82
CA ARG A 825 -10.58 -4.53 27.36
C ARG A 825 -9.38 -5.44 27.63
N ASP A 826 -9.61 -6.69 28.03
CA ASP A 826 -8.55 -7.68 28.22
C ASP A 826 -7.52 -7.20 29.25
N GLU A 827 -7.99 -7.08 30.49
CA GLU A 827 -7.15 -6.62 31.58
C GLU A 827 -7.47 -7.45 32.82
N TYR A 828 -6.60 -7.32 33.84
CA TYR A 828 -6.78 -8.00 35.12
C TYR A 828 -8.13 -7.73 35.76
N LEU A 829 -8.87 -6.71 35.30
CA LEU A 829 -10.18 -6.43 35.85
C LEU A 829 -11.08 -7.65 35.75
N PHE A 830 -11.87 -7.88 36.80
CA PHE A 830 -12.77 -9.01 36.85
C PHE A 830 -13.98 -8.74 35.95
N TYR A 831 -14.46 -9.78 35.26
CA TYR A 831 -15.49 -9.65 34.25
C TYR A 831 -16.62 -10.63 34.53
N ARG A 832 -17.86 -10.17 34.43
CA ARG A 832 -19.00 -11.03 34.69
C ARG A 832 -19.33 -11.88 33.47
N PHE A 833 -20.18 -12.88 33.70
CA PHE A 833 -20.63 -13.81 32.67
C PHE A 833 -22.14 -13.61 32.51
N LEU A 834 -22.54 -12.97 31.42
CA LEU A 834 -23.94 -12.66 31.17
C LEU A 834 -24.57 -13.80 30.36
N GLN A 835 -25.50 -14.53 30.97
CA GLN A 835 -26.18 -15.63 30.29
C GLN A 835 -27.56 -15.19 29.82
N PRO B 35 -5.88 11.28 -33.46
CA PRO B 35 -6.77 10.66 -32.46
C PRO B 35 -6.40 11.15 -31.06
N SER B 36 -7.33 11.87 -30.43
CA SER B 36 -7.06 12.45 -29.12
C SER B 36 -6.80 11.35 -28.09
N MET B 37 -7.53 10.25 -28.16
CA MET B 37 -7.31 9.10 -27.25
C MET B 37 -6.12 8.29 -27.78
N SER B 38 -5.06 8.12 -26.99
CA SER B 38 -3.86 7.38 -27.40
C SER B 38 -4.14 5.89 -27.19
N ILE B 39 -4.85 5.30 -28.15
CA ILE B 39 -5.25 3.92 -28.05
C ILE B 39 -4.05 2.98 -28.02
N THR B 40 -2.90 3.43 -28.52
CA THR B 40 -1.69 2.62 -28.42
C THR B 40 -1.35 2.34 -26.97
N ARG B 41 -1.65 3.27 -26.06
CA ARG B 41 -1.45 3.06 -24.64
C ARG B 41 -2.67 2.45 -23.95
N LEU B 42 -3.74 2.17 -24.69
CA LEU B 42 -4.91 1.54 -24.07
C LEU B 42 -4.58 0.12 -23.62
N PHE B 43 -3.94 -0.66 -24.49
CA PHE B 43 -3.58 -2.03 -24.11
C PHE B 43 -2.61 -2.09 -22.95
N PRO B 44 -1.51 -1.31 -22.90
CA PRO B 44 -0.67 -1.35 -21.70
C PRO B 44 -1.42 -0.97 -20.43
N ALA B 45 -2.35 -0.03 -20.51
CA ALA B 45 -3.16 0.30 -19.34
C ALA B 45 -4.03 -0.89 -18.93
N LEU B 46 -4.66 -1.54 -19.91
CA LEU B 46 -5.47 -2.72 -19.59
C LEU B 46 -4.63 -3.86 -19.05
N LEU B 47 -3.40 -4.00 -19.55
CA LEU B 47 -2.51 -5.03 -19.03
C LEU B 47 -2.10 -4.77 -17.59
N GLU B 48 -2.15 -3.52 -17.13
CA GLU B 48 -1.79 -3.18 -15.77
C GLU B 48 -2.96 -3.35 -14.81
N CYS B 49 -4.14 -2.83 -15.17
CA CYS B 49 -5.30 -2.92 -14.29
C CYS B 49 -5.73 -4.37 -14.10
N PHE B 50 -5.74 -5.15 -15.17
CA PHE B 50 -6.20 -6.53 -15.10
C PHE B 50 -5.06 -7.52 -14.84
N GLY B 51 -3.82 -7.15 -15.14
CA GLY B 51 -2.70 -8.00 -14.77
C GLY B 51 -2.49 -8.06 -13.27
N ILE B 52 -2.61 -6.91 -12.59
CA ILE B 52 -2.35 -6.86 -11.16
C ILE B 52 -3.42 -7.63 -10.39
N VAL B 53 -4.69 -7.41 -10.74
CA VAL B 53 -5.76 -8.13 -10.04
C VAL B 53 -5.65 -9.63 -10.30
N LEU B 54 -5.23 -10.00 -11.52
CA LEU B 54 -4.94 -11.40 -11.79
C LEU B 54 -3.77 -11.88 -10.94
N CYS B 55 -2.75 -11.03 -10.77
CA CYS B 55 -1.66 -11.37 -9.86
C CYS B 55 -2.17 -11.55 -8.44
N GLY B 56 -3.09 -10.68 -8.01
CA GLY B 56 -3.74 -10.89 -6.72
C GLY B 56 -4.62 -12.12 -6.72
N TYR B 57 -5.38 -12.34 -7.80
CA TYR B 57 -6.28 -13.48 -7.86
C TYR B 57 -5.51 -14.80 -7.80
N ILE B 58 -4.40 -14.90 -8.54
CA ILE B 58 -3.59 -16.10 -8.47
C ILE B 58 -2.93 -16.23 -7.11
N ALA B 59 -2.63 -15.10 -6.45
CA ALA B 59 -2.12 -15.15 -5.09
C ALA B 59 -3.19 -15.71 -4.14
N GLY B 60 -4.43 -15.28 -4.30
CA GLY B 60 -5.51 -15.82 -3.50
C GLY B 60 -5.76 -17.29 -3.79
N ARG B 61 -5.66 -17.69 -5.07
CA ARG B 61 -5.81 -19.09 -5.43
C ARG B 61 -4.71 -19.94 -4.80
N ALA B 62 -3.48 -19.45 -4.83
CA ALA B 62 -2.37 -20.18 -4.22
C ALA B 62 -2.43 -20.16 -2.70
N ASN B 63 -3.32 -19.36 -2.12
CA ASN B 63 -3.49 -19.21 -0.68
C ASN B 63 -2.26 -18.64 0.01
N VAL B 64 -1.42 -17.94 -0.75
CA VAL B 64 -0.23 -17.25 -0.17
C VAL B 64 -0.76 -16.14 0.74
N ILE B 65 -1.82 -15.44 0.34
CA ILE B 65 -2.47 -14.36 1.14
C ILE B 65 -3.92 -14.78 1.31
N THR B 66 -4.28 -15.45 2.42
CA THR B 66 -5.60 -16.01 2.61
C THR B 66 -6.64 -14.90 2.74
N SER B 67 -7.91 -15.32 2.76
CA SER B 67 -9.02 -14.38 2.83
C SER B 67 -8.97 -13.57 4.12
N THR B 68 -8.70 -14.24 5.25
CA THR B 68 -8.60 -13.54 6.52
C THR B 68 -7.45 -12.53 6.51
N GLN B 69 -6.31 -12.92 5.94
CA GLN B 69 -5.16 -12.03 5.84
C GLN B 69 -5.34 -10.96 4.77
N ALA B 70 -6.38 -11.05 3.94
CA ALA B 70 -6.60 -10.05 2.91
C ALA B 70 -7.08 -8.73 3.50
N LYS B 71 -7.80 -8.78 4.63
CA LYS B 71 -8.37 -7.56 5.18
C LYS B 71 -7.30 -6.58 5.63
N GLY B 72 -6.08 -7.07 5.90
CA GLY B 72 -5.00 -6.17 6.25
C GLY B 72 -4.69 -5.18 5.16
N LEU B 73 -4.70 -5.63 3.91
CA LEU B 73 -4.55 -4.71 2.78
C LEU B 73 -5.82 -3.92 2.52
N GLY B 74 -6.99 -4.51 2.82
CA GLY B 74 -8.24 -3.84 2.54
C GLY B 74 -8.41 -2.56 3.34
N ASN B 75 -7.99 -2.57 4.61
CA ASN B 75 -8.10 -1.37 5.42
C ASN B 75 -7.10 -0.30 5.00
N PHE B 76 -5.93 -0.72 4.51
CA PHE B 76 -4.92 0.26 4.11
C PHE B 76 -5.41 1.11 2.94
N VAL B 77 -5.99 0.47 1.93
CA VAL B 77 -6.47 1.23 0.77
C VAL B 77 -7.70 2.05 1.13
N SER B 78 -8.64 1.45 1.86
CA SER B 78 -9.90 2.14 2.14
C SER B 78 -9.71 3.32 3.08
N ARG B 79 -8.97 3.13 4.16
CA ARG B 79 -8.88 4.15 5.20
C ARG B 79 -7.72 5.12 5.01
N PHE B 80 -6.65 4.71 4.34
CA PHE B 80 -5.46 5.56 4.23
C PHE B 80 -5.14 5.94 2.79
N ALA B 81 -5.03 4.97 1.90
CA ALA B 81 -4.60 5.27 0.53
C ALA B 81 -5.64 6.09 -0.21
N LEU B 82 -6.91 5.66 -0.16
CA LEU B 82 -7.96 6.38 -0.87
C LEU B 82 -8.14 7.80 -0.34
N PRO B 83 -8.30 8.05 0.97
CA PRO B 83 -8.49 9.44 1.42
C PRO B 83 -7.34 10.36 1.05
N ALA B 84 -6.10 9.86 1.10
CA ALA B 84 -4.96 10.71 0.75
C ALA B 84 -4.94 11.00 -0.74
N LEU B 85 -5.30 10.02 -1.57
CA LEU B 85 -5.34 10.25 -3.01
C LEU B 85 -6.38 11.31 -3.38
N LEU B 86 -7.56 11.24 -2.76
CA LEU B 86 -8.58 12.26 -2.99
C LEU B 86 -8.14 13.61 -2.43
N PHE B 87 -7.51 13.60 -1.26
CA PHE B 87 -7.15 14.86 -0.60
C PHE B 87 -6.20 15.68 -1.47
N LYS B 88 -5.20 15.03 -2.07
CA LYS B 88 -4.19 15.75 -2.82
C LYS B 88 -4.78 16.42 -4.05
N ASN B 89 -5.54 15.67 -4.85
CA ASN B 89 -6.00 16.19 -6.13
C ASN B 89 -7.03 17.29 -5.96
N MET B 90 -8.03 17.02 -5.11
CA MET B 90 -9.13 17.97 -4.83
C MET B 90 -8.52 19.31 -4.41
N VAL B 91 -7.52 19.32 -3.54
CA VAL B 91 -6.91 20.55 -3.04
C VAL B 91 -6.36 21.36 -4.20
N VAL B 92 -5.66 20.71 -5.13
CA VAL B 92 -5.16 21.38 -6.32
C VAL B 92 -6.23 21.54 -7.40
N LEU B 93 -7.44 21.03 -7.14
CA LEU B 93 -8.54 21.07 -8.14
C LEU B 93 -9.06 22.48 -8.32
N ASN B 94 -9.17 22.97 -9.55
CA ASN B 94 -9.72 24.28 -9.86
C ASN B 94 -11.16 24.10 -10.34
N PHE B 95 -12.07 24.90 -9.80
CA PHE B 95 -13.48 24.80 -10.16
C PHE B 95 -13.89 25.81 -11.22
N SER B 96 -13.18 26.93 -11.35
CA SER B 96 -13.51 27.90 -12.38
C SER B 96 -13.33 27.31 -13.77
N ASN B 97 -12.26 26.54 -13.97
CA ASN B 97 -11.97 25.93 -15.26
C ASN B 97 -12.52 24.51 -15.33
N VAL B 98 -13.84 24.41 -15.24
CA VAL B 98 -14.54 23.14 -15.29
C VAL B 98 -15.75 23.29 -16.21
N ASP B 99 -15.93 22.33 -17.11
CA ASP B 99 -17.11 22.29 -17.98
C ASP B 99 -18.21 21.56 -17.21
N TRP B 100 -19.16 22.32 -16.68
CA TRP B 100 -20.20 21.74 -15.84
C TRP B 100 -21.24 20.96 -16.63
N SER B 101 -21.32 21.19 -17.95
CA SER B 101 -22.28 20.45 -18.77
C SER B 101 -21.96 18.95 -18.77
N PHE B 102 -20.68 18.60 -18.93
CA PHE B 102 -20.29 17.19 -18.93
C PHE B 102 -20.57 16.54 -17.58
N LEU B 103 -20.30 17.25 -16.50
CA LEU B 103 -20.58 16.72 -15.16
C LEU B 103 -22.06 16.46 -14.97
N TYR B 104 -22.91 17.38 -15.43
CA TYR B 104 -24.35 17.17 -15.35
C TYR B 104 -24.78 15.98 -16.20
N SER B 105 -24.22 15.86 -17.40
CA SER B 105 -24.68 14.87 -18.37
C SER B 105 -24.61 13.45 -17.79
N ILE B 106 -23.47 13.10 -17.20
CA ILE B 106 -23.32 11.76 -16.63
C ILE B 106 -24.23 11.59 -15.42
N LEU B 107 -24.43 12.67 -14.66
CA LEU B 107 -25.25 12.58 -13.44
C LEU B 107 -26.69 12.21 -13.77
N ILE B 108 -27.27 12.92 -14.75
CA ILE B 108 -28.67 12.69 -15.21
C ILE B 108 -28.73 11.42 -16.03
N ALA B 109 -27.62 10.99 -16.64
CA ALA B 109 -27.51 9.69 -17.30
C ALA B 109 -27.46 8.57 -16.27
N LYS B 110 -26.77 8.82 -15.17
CA LYS B 110 -26.72 7.84 -14.05
C LYS B 110 -28.08 7.87 -13.39
N ALA B 111 -28.75 9.04 -13.35
CA ALA B 111 -30.09 9.14 -12.79
C ALA B 111 -31.15 8.53 -13.71
N SER B 112 -31.01 8.71 -15.02
CA SER B 112 -32.00 8.14 -15.94
C SER B 112 -32.03 6.62 -15.84
N VAL B 113 -30.86 5.99 -15.82
CA VAL B 113 -30.80 4.56 -15.56
C VAL B 113 -31.35 4.26 -14.17
N PHE B 114 -31.09 5.15 -13.21
CA PHE B 114 -31.54 4.91 -11.84
C PHE B 114 -33.05 4.81 -11.75
N PHE B 115 -33.75 5.71 -12.46
CA PHE B 115 -35.24 5.78 -12.42
C PHE B 115 -35.84 4.68 -13.29
N ILE B 116 -35.09 4.12 -14.22
CA ILE B 116 -35.62 3.12 -15.15
C ILE B 116 -35.62 1.76 -14.48
N VAL B 117 -34.48 1.34 -13.93
CA VAL B 117 -34.34 -0.02 -13.44
C VAL B 117 -35.22 -0.26 -12.22
N CYS B 118 -35.36 0.74 -11.35
CA CYS B 118 -36.10 0.55 -10.11
C CYS B 118 -37.57 0.23 -10.38
N VAL B 119 -38.18 0.97 -11.30
CA VAL B 119 -39.61 0.78 -11.56
C VAL B 119 -39.86 -0.59 -12.20
N LEU B 120 -38.92 -1.04 -13.06
CA LEU B 120 -39.07 -2.35 -13.68
C LEU B 120 -39.06 -3.46 -12.62
N THR B 121 -38.17 -3.33 -11.64
CA THR B 121 -38.04 -4.35 -10.57
C THR B 121 -39.15 -4.12 -9.53
N LEU B 122 -39.72 -2.91 -9.46
CA LEU B 122 -40.75 -2.62 -8.47
C LEU B 122 -42.11 -3.20 -8.82
N LEU B 123 -42.26 -3.79 -10.01
CA LEU B 123 -43.51 -4.40 -10.42
C LEU B 123 -43.36 -5.87 -10.77
N VAL B 124 -42.25 -6.28 -11.40
CA VAL B 124 -42.09 -7.66 -11.83
C VAL B 124 -41.45 -8.55 -10.77
N ALA B 125 -40.69 -7.98 -9.83
CA ALA B 125 -40.04 -8.78 -8.81
C ALA B 125 -41.03 -9.15 -7.72
N SER B 126 -40.60 -10.07 -6.86
CA SER B 126 -41.45 -10.50 -5.76
C SER B 126 -41.67 -9.34 -4.78
N PRO B 127 -42.90 -9.13 -4.32
CA PRO B 127 -43.16 -8.03 -3.38
C PRO B 127 -42.44 -8.18 -2.06
N ASP B 128 -41.99 -9.39 -1.72
CA ASP B 128 -41.26 -9.59 -0.47
C ASP B 128 -39.94 -8.83 -0.47
N SER B 129 -39.33 -8.63 -1.63
CA SER B 129 -38.04 -7.95 -1.70
C SER B 129 -37.96 -6.98 -2.87
N ARG B 130 -39.09 -6.36 -3.23
CA ARG B 130 -39.08 -5.37 -4.31
C ARG B 130 -38.17 -4.20 -3.99
N PHE B 131 -38.25 -3.70 -2.75
CA PHE B 131 -37.43 -2.54 -2.38
C PHE B 131 -35.95 -2.86 -2.39
N SER B 132 -35.58 -4.06 -1.93
CA SER B 132 -34.17 -4.47 -1.97
C SER B 132 -33.67 -4.53 -3.40
N LYS B 133 -34.45 -5.14 -4.29
CA LYS B 133 -34.09 -5.18 -5.70
C LYS B 133 -34.21 -3.81 -6.36
N ALA B 134 -34.97 -2.89 -5.77
CA ALA B 134 -35.02 -1.52 -6.22
C ALA B 134 -34.17 -0.59 -5.36
N GLY B 135 -33.33 -1.15 -4.49
CA GLY B 135 -32.49 -0.34 -3.64
C GLY B 135 -31.02 -0.59 -3.80
N LEU B 136 -30.67 -1.78 -4.29
CA LEU B 136 -29.27 -2.15 -4.47
C LEU B 136 -28.93 -2.52 -5.90
N PHE B 137 -29.85 -3.13 -6.64
CA PHE B 137 -29.68 -3.24 -8.09
C PHE B 137 -29.57 -1.89 -8.80
N PRO B 138 -30.45 -0.90 -8.56
CA PRO B 138 -30.25 0.37 -9.27
C PRO B 138 -28.98 1.08 -8.88
N ILE B 139 -28.45 0.81 -7.68
CA ILE B 139 -27.13 1.33 -7.33
C ILE B 139 -26.03 0.38 -7.79
N PHE B 140 -26.36 -0.87 -8.10
CA PHE B 140 -25.45 -1.80 -8.75
C PHE B 140 -25.29 -1.52 -10.23
N ALA B 141 -26.21 -0.75 -10.82
CA ALA B 141 -26.16 -0.45 -12.25
C ALA B 141 -25.74 1.00 -12.51
N THR B 142 -25.23 1.70 -11.51
CA THR B 142 -24.78 3.08 -11.71
C THR B 142 -23.44 3.41 -11.05
N GLN B 143 -22.96 2.60 -10.11
CA GLN B 143 -21.65 2.80 -9.52
C GLN B 143 -20.58 2.17 -10.41
N SER B 144 -19.35 2.61 -10.24
CA SER B 144 -18.25 2.13 -11.06
C SER B 144 -16.95 2.19 -10.27
N ASN B 145 -15.98 1.38 -10.71
CA ASN B 145 -14.64 1.38 -10.12
C ASN B 145 -13.82 2.50 -10.76
N ASP B 146 -14.16 3.73 -10.39
CA ASP B 146 -13.50 4.89 -10.95
C ASP B 146 -12.10 5.08 -10.39
N PHE B 147 -11.90 4.76 -9.11
CA PHE B 147 -10.62 4.99 -8.46
C PHE B 147 -9.66 3.82 -8.62
N ALA B 148 -10.15 2.59 -8.63
CA ALA B 148 -9.29 1.42 -8.75
C ALA B 148 -9.01 1.07 -10.21
N LEU B 149 -10.04 0.77 -10.98
CA LEU B 149 -9.87 0.35 -12.36
C LEU B 149 -10.04 1.49 -13.36
N GLY B 150 -10.41 2.69 -12.91
CA GLY B 150 -10.74 3.75 -13.83
C GLY B 150 -9.66 4.80 -14.03
N TYR B 151 -9.04 5.24 -12.95
CA TYR B 151 -8.07 6.33 -13.04
C TYR B 151 -6.87 6.01 -13.94
N PRO B 152 -6.21 4.86 -13.82
CA PRO B 152 -5.08 4.60 -14.74
C PRO B 152 -5.48 4.59 -16.19
N ILE B 153 -6.66 4.04 -16.51
CA ILE B 153 -7.07 3.94 -17.91
C ILE B 153 -7.38 5.31 -18.49
N VAL B 154 -8.14 6.13 -17.75
CA VAL B 154 -8.46 7.46 -18.24
C VAL B 154 -7.21 8.32 -18.29
N GLU B 155 -6.26 8.10 -17.37
CA GLU B 155 -5.00 8.82 -17.43
C GLU B 155 -4.17 8.41 -18.64
N ALA B 156 -4.11 7.11 -18.93
CA ALA B 156 -3.25 6.63 -20.00
C ALA B 156 -3.67 7.15 -21.36
N LEU B 157 -4.94 7.52 -21.51
CA LEU B 157 -5.45 8.02 -22.78
C LEU B 157 -5.52 9.54 -22.85
N TYR B 158 -5.43 10.23 -21.72
CA TYR B 158 -5.62 11.68 -21.70
C TYR B 158 -4.62 12.37 -20.78
N GLN B 159 -3.47 11.75 -20.52
CA GLN B 159 -2.48 12.37 -19.65
C GLN B 159 -1.89 13.62 -20.29
N THR B 160 -1.90 13.70 -21.62
CA THR B 160 -1.29 14.83 -22.36
C THR B 160 -2.34 15.54 -23.23
N THR B 161 -3.20 14.79 -23.93
CA THR B 161 -4.14 15.39 -24.87
C THR B 161 -5.20 16.20 -24.13
N TYR B 162 -5.83 15.60 -23.12
CA TYR B 162 -6.91 16.24 -22.38
C TYR B 162 -6.63 16.11 -20.88
N PRO B 163 -5.76 16.97 -20.33
CA PRO B 163 -5.52 16.94 -18.89
C PRO B 163 -6.75 17.23 -18.06
N GLU B 164 -7.74 17.92 -18.61
CA GLU B 164 -8.97 18.20 -17.86
C GLU B 164 -9.76 16.94 -17.59
N TYR B 165 -9.61 15.91 -18.44
CA TYR B 165 -10.39 14.69 -18.26
C TYR B 165 -10.04 13.95 -16.98
N LEU B 166 -8.92 14.28 -16.35
CA LEU B 166 -8.53 13.68 -15.09
C LEU B 166 -9.12 14.38 -13.88
N GLN B 167 -9.96 15.40 -14.11
CA GLN B 167 -10.70 16.03 -13.02
C GLN B 167 -12.11 15.50 -12.89
N TYR B 168 -12.84 15.38 -14.01
CA TYR B 168 -14.21 14.89 -13.95
C TYR B 168 -14.28 13.47 -13.40
N ILE B 169 -13.20 12.70 -13.53
CA ILE B 169 -13.15 11.38 -12.89
C ILE B 169 -13.24 11.54 -11.38
N TYR B 170 -12.75 12.65 -10.84
CA TYR B 170 -12.81 12.93 -9.42
C TYR B 170 -13.97 13.83 -9.04
N LEU B 171 -14.84 14.15 -10.01
CA LEU B 171 -16.06 14.96 -9.74
C LEU B 171 -17.29 14.09 -10.02
N VAL B 172 -17.38 13.45 -11.19
CA VAL B 172 -18.54 12.62 -11.60
C VAL B 172 -18.83 11.59 -10.51
N ALA B 173 -17.82 10.81 -10.11
CA ALA B 173 -18.04 9.75 -9.12
C ALA B 173 -18.43 10.29 -7.75
N PRO B 174 -17.65 11.17 -7.10
CA PRO B 174 -18.05 11.61 -5.75
C PRO B 174 -19.41 12.27 -5.71
N ILE B 175 -19.78 13.02 -6.75
CA ILE B 175 -21.13 13.57 -6.83
C ILE B 175 -22.15 12.45 -6.96
N SER B 176 -21.79 11.38 -7.66
CA SER B 176 -22.65 10.21 -7.71
C SER B 176 -22.83 9.59 -6.33
N LEU B 177 -21.80 9.66 -5.48
CA LEU B 177 -21.97 9.26 -4.09
C LEU B 177 -22.84 10.23 -3.31
N MET B 178 -23.09 11.41 -3.86
CA MET B 178 -23.98 12.38 -3.20
C MET B 178 -25.45 12.13 -3.46
N MET B 179 -25.82 11.65 -4.66
CA MET B 179 -27.23 11.61 -5.06
C MET B 179 -27.86 10.23 -4.98
N LEU B 180 -27.27 9.25 -5.67
CA LEU B 180 -28.02 8.03 -5.99
C LEU B 180 -28.06 7.04 -4.84
N ASN B 181 -26.94 6.93 -4.13
CA ASN B 181 -26.79 5.96 -3.00
C ASN B 181 -27.75 6.28 -1.87
N PRO B 182 -28.10 7.54 -1.55
CA PRO B 182 -29.13 7.86 -0.55
C PRO B 182 -30.52 7.37 -0.94
N ILE B 183 -30.87 7.48 -2.23
CA ILE B 183 -32.14 6.90 -2.68
C ILE B 183 -32.11 5.39 -2.52
N GLY B 184 -30.99 4.76 -2.87
CA GLY B 184 -30.87 3.33 -2.65
C GLY B 184 -30.82 2.95 -1.19
N PHE B 185 -30.12 3.73 -0.37
CA PHE B 185 -30.03 3.41 1.05
C PHE B 185 -31.38 3.49 1.74
N ILE B 186 -32.16 4.54 1.45
CA ILE B 186 -33.49 4.62 2.06
C ILE B 186 -34.39 3.52 1.53
N PHE B 187 -34.14 3.03 0.31
CA PHE B 187 -34.95 1.95 -0.25
C PHE B 187 -34.78 0.67 0.54
N CYS B 188 -33.58 0.42 1.06
CA CYS B 188 -33.37 -0.79 1.87
C CYS B 188 -34.08 -0.68 3.21
N GLU B 189 -34.44 0.53 3.64
CA GLU B 189 -35.06 0.71 4.94
C GLU B 189 -36.46 0.11 5.00
N ILE B 190 -37.19 0.21 3.87
CA ILE B 190 -38.56 -0.39 3.75
C ILE B 190 -38.41 -1.90 3.88
N GLN B 191 -37.26 -2.43 3.45
CA GLN B 191 -36.93 -3.87 3.58
C GLN B 191 -36.83 -4.13 5.08
N LYS B 192 -36.11 -3.29 5.81
CA LYS B 192 -36.08 -3.38 7.26
C LYS B 192 -37.44 -3.08 7.87
N TRP B 193 -38.20 -2.20 7.22
CA TRP B 193 -39.57 -1.84 7.68
C TRP B 193 -40.44 -3.09 7.54
N LYS B 194 -40.11 -3.98 6.59
CA LYS B 194 -40.87 -5.22 6.40
C LYS B 194 -40.66 -6.08 7.65
N ASP B 195 -39.42 -6.15 8.16
CA ASP B 195 -39.14 -6.93 9.37
C ASP B 195 -39.70 -6.24 10.60
N THR B 196 -39.50 -4.93 10.71
CA THR B 196 -39.97 -4.13 11.85
C THR B 196 -40.93 -3.08 11.31
N GLN B 197 -42.22 -3.40 11.31
CA GLN B 197 -43.22 -2.50 10.74
C GLN B 197 -43.31 -1.21 11.53
N ASN B 198 -43.51 -1.31 12.85
CA ASN B 198 -43.72 -0.16 13.74
C ASN B 198 -44.81 0.72 13.11
N ALA B 199 -44.61 2.03 12.96
CA ALA B 199 -45.57 2.90 12.29
C ALA B 199 -44.84 4.05 11.61
N SER B 200 -44.48 3.86 10.34
CA SER B 200 -43.92 4.90 9.47
C SER B 200 -42.81 5.69 10.17
N GLN B 201 -41.71 4.99 10.46
CA GLN B 201 -40.55 5.62 11.10
C GLN B 201 -39.73 6.39 10.08
N ASN B 202 -40.38 7.40 9.49
CA ASN B 202 -39.77 8.17 8.41
C ASN B 202 -38.49 8.84 8.90
N LYS B 203 -38.61 9.76 9.86
CA LYS B 203 -37.45 10.48 10.37
C LYS B 203 -36.55 9.60 11.23
N ILE B 204 -37.04 8.46 11.70
CA ILE B 204 -36.28 7.64 12.64
C ILE B 204 -35.19 6.87 11.92
N LYS B 205 -35.59 5.99 10.98
CA LYS B 205 -34.62 5.09 10.30
C LYS B 205 -34.67 5.25 8.77
N ILE B 206 -35.84 5.51 8.17
CA ILE B 206 -35.92 5.60 6.72
C ILE B 206 -34.96 6.66 6.18
N VAL B 207 -34.95 7.84 6.81
CA VAL B 207 -33.95 8.85 6.50
C VAL B 207 -32.96 9.06 7.64
N GLY B 208 -33.23 8.50 8.83
CA GLY B 208 -32.28 8.58 9.91
C GLY B 208 -31.08 7.67 9.76
N LEU B 209 -31.18 6.66 8.90
CA LEU B 209 -30.07 5.76 8.61
C LEU B 209 -29.69 5.70 7.15
N GLY B 210 -30.56 6.15 6.24
CA GLY B 210 -30.21 6.14 4.83
C GLY B 210 -29.06 7.09 4.52
N LEU B 211 -29.10 8.29 5.09
CA LEU B 211 -27.97 9.21 4.92
C LEU B 211 -26.77 8.79 5.75
N LEU B 212 -27.00 8.17 6.91
CA LEU B 212 -25.87 7.71 7.71
C LEU B 212 -25.02 6.68 6.97
N ARG B 213 -25.63 5.93 6.06
CA ARG B 213 -24.85 5.05 5.19
C ARG B 213 -24.08 5.82 4.13
N VAL B 214 -24.30 7.13 4.03
CA VAL B 214 -23.60 7.97 3.01
C VAL B 214 -22.35 8.55 3.67
N LEU B 215 -22.51 9.49 4.61
CA LEU B 215 -21.40 10.21 5.29
C LEU B 215 -20.39 9.22 5.86
N GLN B 216 -20.83 8.09 6.44
CA GLN B 216 -19.90 7.18 7.08
C GLN B 216 -18.96 6.52 6.09
N ASN B 217 -19.33 6.50 4.81
CA ASN B 217 -18.46 5.92 3.79
C ASN B 217 -17.22 6.79 3.64
N PRO B 218 -16.01 6.21 3.74
CA PRO B 218 -14.79 7.03 3.80
C PRO B 218 -14.60 7.97 2.62
N ILE B 219 -14.96 7.56 1.40
CA ILE B 219 -14.71 8.39 0.23
C ILE B 219 -15.54 9.66 0.28
N VAL B 220 -16.82 9.53 0.66
CA VAL B 220 -17.77 10.63 0.48
C VAL B 220 -17.47 11.77 1.43
N PHE B 221 -17.12 11.43 2.68
CA PHE B 221 -16.78 12.42 3.72
C PHE B 221 -15.52 13.16 3.29
N MET B 222 -14.58 12.46 2.66
CA MET B 222 -13.34 13.06 2.19
C MET B 222 -13.60 14.15 1.18
N VAL B 223 -14.71 14.07 0.44
CA VAL B 223 -15.07 15.12 -0.50
C VAL B 223 -15.32 16.44 0.22
N PHE B 224 -16.12 16.40 1.30
CA PHE B 224 -16.41 17.63 2.04
C PHE B 224 -15.15 18.22 2.66
N ILE B 225 -14.31 17.37 3.26
CA ILE B 225 -13.07 17.86 3.84
C ILE B 225 -12.15 18.41 2.75
N GLY B 226 -12.05 17.71 1.63
CA GLY B 226 -11.28 18.22 0.50
C GLY B 226 -11.85 19.52 -0.03
N ILE B 227 -13.18 19.63 -0.08
CA ILE B 227 -13.81 20.87 -0.49
C ILE B 227 -13.51 21.97 0.52
N ALA B 228 -13.60 21.66 1.81
CA ALA B 228 -13.36 22.65 2.85
C ALA B 228 -11.94 23.20 2.77
N PHE B 229 -10.96 22.31 2.64
CA PHE B 229 -9.57 22.75 2.57
C PHE B 229 -9.25 23.36 1.20
N ASN B 230 -10.10 23.12 0.21
CA ASN B 230 -9.91 23.71 -1.14
C ASN B 230 -10.09 25.22 -1.01
N PHE B 231 -10.89 25.68 -0.04
CA PHE B 231 -11.15 27.11 0.16
C PHE B 231 -10.35 27.71 1.31
N ILE B 232 -10.04 26.92 2.34
CA ILE B 232 -9.21 27.42 3.43
C ILE B 232 -7.83 27.80 2.92
N LEU B 233 -7.23 26.93 2.11
CA LEU B 233 -5.96 27.19 1.46
C LEU B 233 -6.21 27.63 0.02
N ASP B 234 -5.25 28.37 -0.53
CA ASP B 234 -5.40 28.85 -1.90
C ASP B 234 -5.12 27.73 -2.90
N ARG B 235 -5.93 26.66 -2.82
CA ARG B 235 -5.80 25.48 -3.73
C ARG B 235 -4.36 24.98 -3.74
N LYS B 236 -3.69 24.95 -2.58
CA LYS B 236 -2.34 24.43 -2.47
C LYS B 236 -2.24 23.54 -1.24
N VAL B 237 -1.36 22.54 -1.32
CA VAL B 237 -1.15 21.61 -0.22
C VAL B 237 0.12 22.02 0.51
N PRO B 238 0.13 22.03 1.85
CA PRO B 238 1.36 22.36 2.57
C PRO B 238 2.49 21.39 2.24
N VAL B 239 3.70 21.93 2.12
CA VAL B 239 4.86 21.12 1.73
C VAL B 239 5.16 20.07 2.79
N TYR B 240 4.85 20.36 4.06
CA TYR B 240 5.22 19.46 5.13
C TYR B 240 4.48 18.12 5.05
N VAL B 241 3.32 18.09 4.41
CA VAL B 241 2.58 16.85 4.18
C VAL B 241 2.37 16.58 2.70
N GLU B 242 2.91 17.42 1.81
CA GLU B 242 2.77 17.17 0.38
C GLU B 242 3.40 15.84 -0.02
N ASN B 243 4.60 15.57 0.49
CA ASN B 243 5.23 14.28 0.22
C ASN B 243 4.55 13.16 0.99
N PHE B 244 3.95 13.47 2.14
CA PHE B 244 3.16 12.47 2.87
C PHE B 244 1.96 12.04 2.05
N LEU B 245 1.24 12.99 1.47
CA LEU B 245 0.08 12.65 0.64
C LEU B 245 0.52 11.97 -0.65
N ASP B 246 1.50 12.55 -1.33
CA ASP B 246 1.99 11.97 -2.58
C ASP B 246 2.58 10.58 -2.35
N GLY B 247 3.33 10.42 -1.26
CA GLY B 247 3.86 9.11 -0.93
C GLY B 247 2.78 8.09 -0.63
N LEU B 248 1.66 8.54 -0.07
CA LEU B 248 0.53 7.65 0.21
C LEU B 248 -0.48 7.61 -0.93
N GLY B 249 -0.61 8.70 -1.68
CA GLY B 249 -1.54 8.71 -2.79
C GLY B 249 -1.15 7.76 -3.90
N ASN B 250 0.15 7.74 -4.26
CA ASN B 250 0.62 6.87 -5.32
C ASN B 250 0.49 5.39 -4.97
N SER B 251 0.38 5.06 -3.69
CA SER B 251 0.35 3.68 -3.24
C SER B 251 -1.07 3.10 -3.22
N PHE B 252 -2.01 3.72 -3.95
CA PHE B 252 -3.37 3.21 -4.02
C PHE B 252 -3.64 2.41 -5.28
N SER B 253 -3.18 2.90 -6.43
CA SER B 253 -3.49 2.24 -7.70
C SER B 253 -3.01 0.79 -7.68
N GLY B 254 -1.74 0.56 -7.34
CA GLY B 254 -1.23 -0.79 -7.32
C GLY B 254 -1.90 -1.67 -6.27
N SER B 255 -2.13 -1.10 -5.10
CA SER B 255 -2.68 -1.85 -3.94
C SER B 255 -4.17 -2.14 -4.12
N ALA B 256 -4.94 -1.20 -4.67
CA ALA B 256 -6.37 -1.39 -4.86
C ALA B 256 -6.66 -2.45 -5.92
N LEU B 257 -5.93 -2.42 -7.03
CA LEU B 257 -6.07 -3.45 -8.03
C LEU B 257 -5.73 -4.82 -7.47
N PHE B 258 -4.66 -4.89 -6.67
CA PHE B 258 -4.26 -6.16 -6.08
C PHE B 258 -5.31 -6.68 -5.10
N TYR B 259 -5.85 -5.79 -4.26
CA TYR B 259 -6.83 -6.22 -3.27
C TYR B 259 -8.08 -6.81 -3.93
N LEU B 260 -8.43 -6.33 -5.11
CA LEU B 260 -9.59 -6.87 -5.82
C LEU B 260 -9.40 -8.35 -6.14
N GLY B 261 -8.16 -8.80 -6.32
CA GLY B 261 -7.92 -10.18 -6.65
C GLY B 261 -8.33 -11.14 -5.55
N LEU B 262 -8.01 -10.81 -4.30
CA LEU B 262 -8.33 -11.70 -3.19
C LEU B 262 -9.81 -11.65 -2.83
N THR B 263 -10.52 -10.60 -3.24
CA THR B 263 -11.97 -10.53 -3.05
C THR B 263 -12.74 -11.22 -4.17
N MET B 264 -12.04 -11.81 -5.14
CA MET B 264 -12.66 -12.47 -6.27
C MET B 264 -12.57 -13.99 -6.22
N VAL B 265 -11.70 -14.55 -5.39
CA VAL B 265 -11.55 -15.99 -5.28
C VAL B 265 -12.73 -16.55 -4.50
N GLY B 266 -13.35 -17.59 -5.05
CA GLY B 266 -14.50 -18.22 -4.39
C GLY B 266 -15.73 -17.35 -4.32
N LYS B 267 -16.05 -16.63 -5.40
CA LYS B 267 -17.23 -15.79 -5.46
C LYS B 267 -18.26 -16.25 -6.48
N ILE B 268 -17.81 -16.76 -7.62
CA ILE B 268 -18.72 -17.23 -8.65
C ILE B 268 -19.34 -18.55 -8.21
N LYS B 269 -20.66 -18.62 -8.20
CA LYS B 269 -21.40 -19.82 -7.81
C LYS B 269 -22.38 -20.20 -8.91
N ARG B 270 -23.14 -21.26 -8.67
CA ARG B 270 -24.13 -21.76 -9.63
C ARG B 270 -25.51 -21.24 -9.24
N LEU B 271 -26.11 -20.41 -10.08
CA LEU B 271 -27.42 -19.77 -9.79
C LEU B 271 -28.25 -19.80 -11.06
N LYS B 272 -28.04 -20.78 -11.93
CA LYS B 272 -28.69 -20.82 -13.24
C LYS B 272 -30.18 -21.11 -13.18
N LYS B 273 -30.73 -21.34 -11.99
CA LYS B 273 -32.15 -21.59 -11.82
C LYS B 273 -32.95 -20.43 -12.40
N SER B 274 -32.75 -19.24 -11.86
CA SER B 274 -33.37 -18.03 -12.39
C SER B 274 -32.51 -16.79 -12.26
N ALA B 275 -31.23 -16.91 -11.88
CA ALA B 275 -30.40 -15.72 -11.59
C ALA B 275 -29.64 -15.25 -12.83
N PHE B 276 -28.93 -16.13 -13.52
CA PHE B 276 -28.11 -15.72 -14.66
C PHE B 276 -28.84 -14.72 -15.54
N VAL B 277 -30.12 -14.96 -15.82
CA VAL B 277 -30.87 -14.11 -16.72
C VAL B 277 -30.89 -12.66 -16.21
N VAL B 278 -31.02 -12.48 -14.89
CA VAL B 278 -31.06 -11.12 -14.39
C VAL B 278 -29.65 -10.51 -14.33
N LEU B 279 -28.61 -11.36 -14.27
CA LEU B 279 -27.24 -10.83 -14.28
C LEU B 279 -26.94 -10.05 -15.56
N ILE B 280 -27.38 -10.57 -16.71
CA ILE B 280 -27.10 -9.93 -18.02
C ILE B 280 -27.94 -8.66 -18.13
N LEU B 281 -29.09 -8.56 -17.45
CA LEU B 281 -29.91 -7.36 -17.42
C LEU B 281 -29.23 -6.27 -16.59
N LEU B 282 -28.76 -6.60 -15.40
CA LEU B 282 -28.01 -5.63 -14.60
C LEU B 282 -26.67 -5.30 -15.24
N ILE B 283 -25.98 -6.31 -15.77
CA ILE B 283 -24.66 -6.07 -16.35
C ILE B 283 -24.77 -5.25 -17.63
N THR B 284 -25.71 -5.61 -18.50
CA THR B 284 -25.88 -4.83 -19.72
C THR B 284 -26.41 -3.43 -19.44
N ALA B 285 -27.00 -3.21 -18.26
CA ALA B 285 -27.38 -1.86 -17.88
C ALA B 285 -26.15 -0.98 -17.72
N LYS B 286 -25.16 -1.46 -16.97
CA LYS B 286 -23.92 -0.72 -16.78
C LYS B 286 -22.99 -0.79 -17.98
N LEU B 287 -22.99 -1.91 -18.70
CA LEU B 287 -22.06 -2.08 -19.81
C LEU B 287 -22.62 -1.58 -21.14
N LEU B 288 -23.94 -1.68 -21.36
CA LEU B 288 -24.54 -1.23 -22.60
C LEU B 288 -25.54 -0.10 -22.41
N VAL B 289 -26.52 -0.26 -21.52
CA VAL B 289 -27.58 0.73 -21.41
C VAL B 289 -27.04 2.06 -20.91
N LEU B 290 -26.28 2.04 -19.82
CA LEU B 290 -25.73 3.27 -19.27
C LEU B 290 -24.76 3.95 -20.22
N PRO B 291 -23.76 3.26 -20.81
CA PRO B 291 -22.84 3.97 -21.71
C PRO B 291 -23.52 4.59 -22.91
N LEU B 292 -24.58 3.97 -23.42
CA LEU B 292 -25.23 4.49 -24.61
C LEU B 292 -25.83 5.87 -24.37
N LEU B 293 -26.58 6.02 -23.27
CA LEU B 293 -27.18 7.32 -22.99
C LEU B 293 -26.12 8.39 -22.77
N CYS B 294 -25.10 8.08 -21.97
CA CYS B 294 -24.06 9.06 -21.64
C CYS B 294 -23.48 9.69 -22.90
N ARG B 295 -23.19 8.87 -23.91
CA ARG B 295 -22.73 9.40 -25.18
C ARG B 295 -23.83 10.23 -25.85
N GLU B 296 -25.08 9.78 -25.77
CA GLU B 296 -26.14 10.44 -26.50
C GLU B 296 -26.52 11.79 -25.87
N MET B 297 -26.77 11.77 -24.55
CA MET B 297 -27.26 12.95 -23.80
C MET B 297 -26.20 14.06 -23.75
N VAL B 298 -24.93 13.71 -23.73
CA VAL B 298 -23.88 14.73 -23.74
C VAL B 298 -23.84 15.43 -25.10
N GLU B 299 -24.27 14.74 -26.16
CA GLU B 299 -24.36 15.36 -27.47
C GLU B 299 -25.38 16.50 -27.47
N LEU B 300 -26.54 16.27 -26.84
CA LEU B 300 -27.57 17.29 -26.79
C LEU B 300 -27.40 18.27 -25.63
N LEU B 301 -26.44 18.03 -24.74
CA LEU B 301 -26.18 18.93 -23.62
C LEU B 301 -24.98 19.83 -23.90
N ASP B 302 -23.83 19.26 -24.21
CA ASP B 302 -22.63 20.04 -24.47
C ASP B 302 -22.81 20.85 -25.75
N LYS B 303 -22.48 22.14 -25.68
CA LYS B 303 -22.57 23.04 -26.82
C LYS B 303 -21.22 23.66 -27.16
N GLY B 304 -20.15 22.90 -26.96
CA GLY B 304 -18.83 23.43 -27.27
C GLY B 304 -18.67 23.68 -28.77
N ASP B 305 -17.93 24.74 -29.09
CA ASP B 305 -17.72 25.10 -30.49
C ASP B 305 -16.92 24.04 -31.22
N SER B 306 -15.88 23.50 -30.59
CA SER B 306 -15.00 22.53 -31.23
C SER B 306 -15.71 21.18 -31.29
N VAL B 307 -16.06 20.74 -32.49
CA VAL B 307 -16.71 19.44 -32.65
C VAL B 307 -15.75 18.32 -32.24
N VAL B 308 -14.47 18.45 -32.62
CA VAL B 308 -13.48 17.43 -32.27
C VAL B 308 -13.37 17.31 -30.76
N ASN B 309 -13.31 18.45 -30.06
CA ASN B 309 -13.32 18.40 -28.60
C ASN B 309 -14.61 17.80 -28.09
N HIS B 310 -15.75 18.20 -28.67
CA HIS B 310 -17.02 17.60 -28.28
C HIS B 310 -17.07 16.13 -28.66
N THR B 311 -16.46 15.76 -29.78
CA THR B 311 -16.35 14.34 -30.13
C THR B 311 -15.54 13.59 -29.08
N SER B 312 -14.45 14.20 -28.61
CA SER B 312 -13.67 13.59 -27.52
C SER B 312 -14.52 13.49 -26.26
N LEU B 313 -15.32 14.51 -26.00
CA LEU B 313 -16.21 14.54 -24.81
C LEU B 313 -17.34 13.52 -25.02
N SER B 314 -17.76 13.28 -26.27
CA SER B 314 -18.81 12.30 -26.57
C SER B 314 -18.33 10.88 -26.29
N ASN B 315 -17.14 10.57 -26.83
CA ASN B 315 -16.51 9.23 -26.72
C ASN B 315 -15.99 9.02 -25.30
N TYR B 316 -15.65 10.08 -24.57
CA TYR B 316 -15.30 10.02 -23.15
C TYR B 316 -16.53 9.71 -22.31
N ALA B 317 -17.66 10.34 -22.65
CA ALA B 317 -18.91 9.97 -22.00
C ALA B 317 -19.25 8.51 -22.25
N PHE B 318 -18.96 7.99 -23.45
CA PHE B 318 -19.07 6.56 -23.69
C PHE B 318 -17.99 5.81 -22.90
N LEU B 319 -16.75 6.29 -22.97
CA LEU B 319 -15.66 5.63 -22.24
C LEU B 319 -15.90 5.63 -20.74
N TYR B 320 -16.74 6.54 -20.23
CA TYR B 320 -17.21 6.46 -18.87
C TYR B 320 -18.49 5.64 -18.85
N GLY B 321 -18.60 4.73 -17.87
CA GLY B 321 -19.74 3.85 -17.74
C GLY B 321 -19.44 2.42 -18.11
N VAL B 322 -18.56 2.20 -19.09
CA VAL B 322 -18.11 0.85 -19.40
C VAL B 322 -17.26 0.29 -18.28
N PHE B 323 -16.81 1.15 -17.37
CA PHE B 323 -16.01 0.68 -16.21
C PHE B 323 -16.84 -0.41 -15.52
N PRO B 324 -16.22 -1.40 -14.87
CA PRO B 324 -16.96 -2.34 -14.04
C PRO B 324 -17.40 -1.70 -12.74
N VAL B 325 -18.53 -2.21 -12.22
CA VAL B 325 -19.07 -1.67 -10.99
C VAL B 325 -18.12 -1.94 -9.82
N ALA B 326 -18.06 -0.94 -8.87
CA ALA B 326 -17.14 -0.91 -7.74
C ALA B 326 -17.55 -1.93 -6.68
N PRO B 327 -16.56 -2.51 -5.96
CA PRO B 327 -16.90 -3.47 -4.90
C PRO B 327 -17.57 -2.86 -3.70
N GLY B 328 -17.67 -1.53 -3.63
CA GLY B 328 -18.48 -0.92 -2.59
C GLY B 328 -19.91 -1.41 -2.63
N VAL B 329 -20.47 -1.56 -3.83
CA VAL B 329 -21.78 -2.16 -3.98
C VAL B 329 -21.75 -3.61 -3.51
N ALA B 330 -20.68 -4.33 -3.84
CA ALA B 330 -20.56 -5.72 -3.43
C ALA B 330 -20.51 -5.85 -1.91
N ILE B 331 -19.89 -4.88 -1.23
CA ILE B 331 -19.89 -4.89 0.22
C ILE B 331 -21.08 -4.16 0.83
N PHE B 332 -21.71 -3.24 0.08
CA PHE B 332 -22.92 -2.59 0.58
C PHE B 332 -23.98 -3.62 0.96
N ALA B 333 -24.11 -4.67 0.14
CA ALA B 333 -25.03 -5.75 0.47
C ALA B 333 -24.59 -6.50 1.72
N THR B 334 -23.28 -6.58 1.96
CA THR B 334 -22.79 -7.27 3.14
C THR B 334 -23.24 -6.57 4.42
N GLN B 335 -23.13 -5.25 4.47
CA GLN B 335 -23.64 -4.51 5.62
C GLN B 335 -25.17 -4.49 5.66
N PHE B 336 -25.84 -4.65 4.53
CA PHE B 336 -27.29 -4.74 4.50
C PHE B 336 -27.80 -6.18 4.57
N ASN B 337 -26.89 -7.16 4.59
CA ASN B 337 -27.16 -8.57 4.86
C ASN B 337 -28.33 -9.13 4.05
N MET B 338 -28.57 -8.53 2.88
CA MET B 338 -29.65 -9.01 1.98
C MET B 338 -29.00 -9.90 0.92
N GLU B 339 -29.72 -10.25 -0.14
CA GLU B 339 -29.22 -11.07 -1.28
C GLU B 339 -27.91 -10.48 -1.79
N VAL B 340 -26.81 -11.21 -1.69
CA VAL B 340 -25.49 -10.73 -2.10
C VAL B 340 -25.04 -11.39 -3.40
N GLU B 341 -25.34 -12.69 -3.52
CA GLU B 341 -24.89 -13.52 -4.67
C GLU B 341 -25.03 -12.78 -5.99
N ILE B 342 -26.15 -12.12 -6.25
CA ILE B 342 -26.35 -11.42 -7.52
C ILE B 342 -25.35 -10.29 -7.68
N ILE B 343 -24.96 -9.66 -6.58
CA ILE B 343 -24.04 -8.52 -6.64
C ILE B 343 -22.58 -8.97 -6.59
N THR B 344 -22.23 -9.87 -5.67
CA THR B 344 -20.85 -10.36 -5.60
C THR B 344 -20.47 -11.11 -6.87
N SER B 345 -21.35 -11.94 -7.41
CA SER B 345 -21.11 -12.50 -8.73
C SER B 345 -21.12 -11.39 -9.79
N GLY B 346 -22.00 -10.41 -9.64
CA GLY B 346 -21.96 -9.25 -10.52
C GLY B 346 -20.64 -8.50 -10.42
N MET B 347 -19.94 -8.65 -9.29
CA MET B 347 -18.62 -7.99 -9.11
C MET B 347 -17.58 -8.71 -9.96
N VAL B 348 -17.58 -10.05 -10.00
CA VAL B 348 -16.55 -10.79 -10.70
C VAL B 348 -16.78 -10.75 -12.20
N ILE B 349 -18.01 -11.02 -12.64
CA ILE B 349 -18.30 -11.09 -14.07
C ILE B 349 -18.10 -9.73 -14.72
N SER B 350 -18.62 -8.67 -14.09
CA SER B 350 -18.49 -7.33 -14.66
C SER B 350 -17.04 -6.93 -14.80
N THR B 351 -16.18 -7.37 -13.88
CA THR B 351 -14.76 -7.07 -14.00
C THR B 351 -14.15 -7.74 -15.24
N PHE B 352 -14.51 -8.99 -15.50
CA PHE B 352 -13.98 -9.68 -16.68
C PHE B 352 -14.59 -9.13 -17.96
N VAL B 353 -15.92 -8.99 -18.00
CA VAL B 353 -16.58 -8.58 -19.24
C VAL B 353 -16.28 -7.13 -19.59
N SER B 354 -15.84 -6.33 -18.61
CA SER B 354 -15.50 -4.91 -18.84
C SER B 354 -14.20 -4.81 -19.62
N ALA B 355 -13.28 -5.77 -19.46
CA ALA B 355 -11.97 -5.73 -20.11
C ALA B 355 -12.02 -5.72 -21.63
N PRO B 356 -12.78 -6.60 -22.31
CA PRO B 356 -12.84 -6.47 -23.77
C PRO B 356 -13.65 -5.28 -24.22
N ILE B 357 -14.82 -5.03 -23.60
CA ILE B 357 -15.70 -3.98 -24.06
C ILE B 357 -15.00 -2.62 -24.03
N MET B 358 -14.21 -2.40 -22.98
CA MET B 358 -13.42 -1.16 -22.85
C MET B 358 -12.39 -1.12 -23.98
N TYR B 359 -12.01 -2.29 -24.52
CA TYR B 359 -11.01 -2.34 -25.58
C TYR B 359 -11.65 -2.27 -26.96
N VAL B 360 -12.50 -3.24 -27.30
CA VAL B 360 -13.11 -3.32 -28.66
C VAL B 360 -13.90 -2.04 -28.92
N SER B 361 -14.81 -1.65 -28.03
CA SER B 361 -15.72 -0.51 -28.23
C SER B 361 -14.90 0.76 -28.47
N ALA B 362 -13.90 1.04 -27.65
CA ALA B 362 -13.09 2.24 -27.78
C ALA B 362 -12.43 2.33 -29.15
N TRP B 363 -12.09 1.18 -29.73
CA TRP B 363 -11.53 1.17 -31.09
C TRP B 363 -12.59 1.58 -32.11
N LEU B 364 -13.85 1.19 -31.89
CA LEU B 364 -14.89 1.43 -32.89
C LEU B 364 -15.10 2.91 -33.14
N LEU B 365 -15.16 3.70 -32.06
CA LEU B 365 -15.38 5.17 -32.15
C LEU B 365 -14.19 5.80 -32.86
N THR B 366 -12.98 5.26 -32.68
CA THR B 366 -11.78 5.81 -33.29
C THR B 366 -11.67 5.45 -34.76
N PHE B 367 -12.39 4.42 -35.20
CA PHE B 367 -12.29 3.97 -36.58
C PHE B 367 -12.72 5.00 -37.62
N PRO B 368 -13.88 5.67 -37.50
CA PRO B 368 -14.24 6.65 -38.54
C PRO B 368 -13.30 7.82 -38.64
N THR B 369 -12.60 8.17 -37.56
CA THR B 369 -11.75 9.35 -37.57
C THR B 369 -10.57 9.19 -38.52
N MET B 370 -9.94 8.02 -38.51
CA MET B 370 -8.70 7.84 -39.26
C MET B 370 -8.96 7.33 -40.67
N ASP B 371 -8.00 7.62 -41.55
CA ASP B 371 -7.99 7.12 -42.92
C ASP B 371 -7.72 5.62 -42.88
N PRO B 372 -7.88 4.91 -44.03
CA PRO B 372 -7.71 3.45 -44.07
C PRO B 372 -6.26 2.98 -44.08
N LYS B 373 -5.29 3.89 -44.14
CA LYS B 373 -3.85 3.54 -44.10
C LYS B 373 -3.53 3.20 -42.64
N PRO B 374 -3.83 4.06 -41.65
CA PRO B 374 -3.62 3.69 -40.24
C PRO B 374 -4.64 2.68 -39.75
N LEU B 375 -5.84 2.68 -40.34
CA LEU B 375 -6.82 1.67 -40.01
C LEU B 375 -6.32 0.28 -40.39
N ALA B 376 -5.66 0.16 -41.54
CA ALA B 376 -5.01 -1.09 -41.90
C ALA B 376 -3.89 -1.43 -40.91
N TYR B 377 -3.26 -0.40 -40.33
CA TYR B 377 -2.31 -0.64 -39.26
C TYR B 377 -3.04 -0.93 -37.95
N ALA B 378 -4.18 -0.27 -37.73
CA ALA B 378 -4.95 -0.50 -36.51
C ALA B 378 -5.45 -1.93 -36.41
N ILE B 379 -5.98 -2.46 -37.52
CA ILE B 379 -6.42 -3.85 -37.52
C ILE B 379 -5.23 -4.79 -37.34
N GLN B 380 -4.09 -4.36 -37.88
CA GLN B 380 -2.83 -5.14 -37.71
C GLN B 380 -2.44 -5.06 -36.24
N ASN B 381 -2.56 -3.88 -35.62
CA ASN B 381 -2.18 -3.66 -34.20
C ASN B 381 -3.13 -4.44 -33.30
N VAL B 382 -4.44 -4.35 -33.55
CA VAL B 382 -5.46 -5.01 -32.69
C VAL B 382 -5.29 -6.51 -32.80
N SER B 383 -4.93 -7.05 -33.98
CA SER B 383 -4.65 -8.47 -34.13
C SER B 383 -3.44 -8.87 -33.31
N PHE B 384 -2.39 -8.03 -33.33
CA PHE B 384 -1.20 -8.28 -32.53
C PHE B 384 -1.46 -8.17 -31.04
N ASP B 385 -2.50 -7.45 -30.64
CA ASP B 385 -2.78 -7.23 -29.22
C ASP B 385 -3.59 -8.36 -28.60
N ILE B 386 -4.69 -8.73 -29.25
CA ILE B 386 -5.59 -9.82 -28.77
C ILE B 386 -4.79 -11.12 -28.71
N SER B 387 -3.81 -11.31 -29.61
CA SER B 387 -3.05 -12.54 -29.66
C SER B 387 -2.24 -12.77 -28.41
N ILE B 388 -1.64 -11.70 -27.86
CA ILE B 388 -0.76 -11.84 -26.69
C ILE B 388 -1.55 -12.37 -25.50
N VAL B 389 -2.70 -11.77 -25.21
CA VAL B 389 -3.47 -12.19 -24.05
C VAL B 389 -4.04 -13.59 -24.25
N SER B 390 -4.45 -13.93 -25.47
CA SER B 390 -5.00 -15.24 -25.73
C SER B 390 -3.96 -16.34 -25.55
N LEU B 391 -2.69 -16.04 -25.86
CA LEU B 391 -1.65 -17.04 -25.72
C LEU B 391 -1.52 -17.52 -24.28
N ILE B 392 -1.75 -16.65 -23.32
CA ILE B 392 -1.68 -17.03 -21.91
C ILE B 392 -2.71 -18.12 -21.61
N SER B 393 -3.92 -17.96 -22.14
CA SER B 393 -4.96 -18.96 -21.91
C SER B 393 -4.60 -20.29 -22.56
N LEU B 394 -4.06 -20.22 -23.78
CA LEU B 394 -3.66 -21.42 -24.56
C LEU B 394 -2.61 -22.20 -23.77
N ILE B 395 -1.60 -21.54 -23.21
CA ILE B 395 -0.58 -22.16 -22.37
C ILE B 395 -1.21 -22.76 -21.13
N TRP B 396 -2.13 -22.03 -20.49
CA TRP B 396 -2.84 -22.55 -19.33
C TRP B 396 -3.63 -23.80 -19.68
N SER B 397 -4.37 -23.75 -20.80
CA SER B 397 -5.23 -24.87 -21.17
C SER B 397 -4.45 -26.06 -21.71
N LEU B 398 -3.44 -25.82 -22.55
CA LEU B 398 -2.70 -26.94 -23.12
C LEU B 398 -1.80 -27.61 -22.11
N ALA B 399 -1.44 -26.92 -21.03
CA ALA B 399 -0.61 -27.53 -20.00
C ALA B 399 -1.46 -28.34 -19.01
N ILE B 400 -2.65 -27.84 -18.66
CA ILE B 400 -3.47 -28.55 -17.69
C ILE B 400 -3.99 -29.86 -18.27
N LEU B 401 -4.28 -29.88 -19.58
CA LEU B 401 -4.72 -31.13 -20.19
C LEU B 401 -3.60 -32.15 -20.23
N LEU B 402 -2.35 -31.70 -20.42
CA LEU B 402 -1.22 -32.62 -20.38
C LEU B 402 -1.05 -33.22 -18.99
N LEU B 403 -1.17 -32.40 -17.95
CA LEU B 403 -1.06 -32.92 -16.59
C LEU B 403 -2.27 -33.76 -16.20
N SER B 404 -3.43 -33.47 -16.79
CA SER B 404 -4.63 -34.26 -16.56
C SER B 404 -4.76 -35.42 -17.53
N LYS B 405 -3.79 -35.58 -18.44
CA LYS B 405 -3.76 -36.73 -19.38
C LYS B 405 -5.04 -36.75 -20.23
N LYS B 406 -5.26 -35.72 -21.05
CA LYS B 406 -6.41 -35.62 -21.93
C LYS B 406 -6.19 -36.29 -23.28
N TYR B 407 -5.26 -37.24 -23.36
CA TYR B 407 -5.11 -38.05 -24.56
C TYR B 407 -6.07 -39.24 -24.60
N LYS B 408 -7.07 -39.24 -23.73
CA LYS B 408 -8.02 -40.34 -23.64
C LYS B 408 -8.79 -40.49 -24.94
N GLN B 409 -9.33 -41.70 -25.16
CA GLN B 409 -9.98 -42.04 -26.42
C GLN B 409 -11.16 -41.13 -26.73
N LEU B 410 -11.72 -40.45 -25.72
CA LEU B 410 -12.73 -39.43 -25.96
C LEU B 410 -12.19 -38.36 -26.90
N PRO B 411 -13.08 -37.53 -27.48
CA PRO B 411 -12.62 -36.49 -28.41
C PRO B 411 -11.73 -35.44 -27.75
N HIS B 412 -11.39 -35.64 -26.47
CA HIS B 412 -10.54 -34.70 -25.77
C HIS B 412 -9.19 -34.56 -26.46
N MET B 413 -8.58 -35.67 -26.88
CA MET B 413 -7.26 -35.61 -27.48
C MET B 413 -7.28 -34.81 -28.79
N LEU B 414 -8.41 -34.76 -29.48
CA LEU B 414 -8.55 -33.85 -30.61
C LEU B 414 -8.49 -32.40 -30.16
N THR B 415 -9.16 -32.09 -29.05
CA THR B 415 -9.24 -30.70 -28.60
C THR B 415 -7.87 -30.19 -28.16
N THR B 416 -7.02 -31.07 -27.64
CA THR B 416 -5.65 -30.65 -27.31
C THR B 416 -4.93 -30.16 -28.55
N ASN B 417 -5.05 -30.89 -29.66
CA ASN B 417 -4.41 -30.47 -30.89
C ASN B 417 -4.95 -29.14 -31.40
N LEU B 418 -6.18 -28.81 -31.03
CA LEU B 418 -6.69 -27.47 -31.32
C LEU B 418 -5.83 -26.41 -30.65
N LEU B 419 -5.51 -26.61 -29.38
CA LEU B 419 -4.68 -25.64 -28.65
C LEU B 419 -3.28 -25.56 -29.26
N ILE B 420 -2.71 -26.71 -29.64
CA ILE B 420 -1.42 -26.69 -30.33
C ILE B 420 -1.54 -25.95 -31.65
N ALA B 421 -2.62 -26.19 -32.40
CA ALA B 421 -2.85 -25.43 -33.62
C ALA B 421 -3.12 -23.96 -33.30
N GLN B 422 -3.88 -23.68 -32.24
CA GLN B 422 -4.20 -22.29 -31.91
C GLN B 422 -3.02 -21.56 -31.28
N SER B 423 -2.07 -22.29 -30.68
CA SER B 423 -0.89 -21.63 -30.14
C SER B 423 -0.07 -21.01 -31.26
N ILE B 424 0.09 -21.73 -32.37
CA ILE B 424 0.77 -21.17 -33.53
C ILE B 424 -0.02 -20.00 -34.11
N VAL B 425 -1.35 -19.99 -33.91
CA VAL B 425 -2.18 -18.95 -34.48
C VAL B 425 -1.76 -17.58 -33.94
N CYS B 426 -1.51 -17.50 -32.64
CA CYS B 426 -1.05 -16.25 -32.06
C CYS B 426 0.46 -16.14 -32.08
N ALA B 427 1.16 -17.26 -32.28
CA ALA B 427 2.62 -17.24 -32.27
C ALA B 427 3.16 -16.37 -33.39
N GLY B 428 2.60 -16.49 -34.58
CA GLY B 428 3.03 -15.67 -35.71
C GLY B 428 2.55 -14.24 -35.63
N MET B 429 1.61 -13.94 -34.73
CA MET B 429 1.06 -12.60 -34.65
C MET B 429 2.08 -11.60 -34.12
N MET B 430 2.95 -12.03 -33.21
CA MET B 430 4.06 -11.18 -32.82
C MET B 430 5.06 -11.03 -33.95
N ILE B 431 5.23 -12.07 -34.77
CA ILE B 431 6.13 -12.00 -35.92
C ILE B 431 5.66 -10.95 -36.93
N TRP B 432 4.42 -10.48 -36.79
CA TRP B 432 3.93 -9.38 -37.63
C TRP B 432 4.79 -8.14 -37.45
N ASN B 433 5.04 -7.75 -36.19
CA ASN B 433 5.54 -6.42 -35.91
C ASN B 433 7.05 -6.31 -36.14
N PHE B 434 7.84 -7.17 -35.49
CA PHE B 434 9.28 -7.02 -35.49
C PHE B 434 9.97 -7.80 -36.62
N VAL B 435 9.21 -8.49 -37.46
CA VAL B 435 9.80 -9.22 -38.57
C VAL B 435 9.11 -8.82 -39.86
N LYS B 436 7.79 -8.92 -39.90
CA LYS B 436 7.08 -8.66 -41.13
C LYS B 436 6.85 -7.15 -41.26
N GLU B 437 6.53 -6.72 -42.49
CA GLU B 437 6.52 -5.33 -42.95
C GLU B 437 7.93 -4.82 -43.25
N LYS B 438 8.92 -5.70 -43.27
CA LYS B 438 10.29 -5.34 -43.53
C LYS B 438 11.05 -6.62 -43.92
N ASN B 439 12.38 -6.52 -43.95
CA ASN B 439 13.26 -7.66 -44.21
C ASN B 439 13.08 -8.23 -45.60
N PHE B 440 12.79 -9.52 -45.69
CA PHE B 440 12.81 -10.24 -46.96
C PHE B 440 11.61 -11.17 -47.01
N VAL B 441 11.28 -11.63 -48.22
CA VAL B 441 10.17 -12.56 -48.42
C VAL B 441 10.39 -13.85 -47.62
N GLY B 442 11.65 -14.22 -47.40
CA GLY B 442 11.93 -15.34 -46.52
C GLY B 442 11.40 -15.12 -45.13
N GLN B 443 11.57 -13.91 -44.60
CA GLN B 443 10.91 -13.56 -43.33
C GLN B 443 9.40 -13.56 -43.47
N ILE B 444 8.88 -13.13 -44.63
CA ILE B 444 7.46 -13.26 -44.89
C ILE B 444 7.07 -14.72 -44.99
N LEU B 445 7.94 -15.56 -45.54
CA LEU B 445 7.64 -16.97 -45.74
C LEU B 445 7.62 -17.78 -44.44
N VAL B 446 8.09 -17.22 -43.32
CA VAL B 446 7.93 -17.93 -42.05
C VAL B 446 6.47 -17.94 -41.63
N PHE B 447 5.68 -17.07 -42.24
CA PHE B 447 4.23 -16.96 -41.96
C PHE B 447 3.51 -18.20 -42.47
N VAL B 448 4.01 -18.91 -43.48
CA VAL B 448 3.30 -20.04 -44.09
C VAL B 448 2.95 -21.08 -43.04
N LEU B 449 3.79 -21.22 -42.01
CA LEU B 449 3.46 -22.13 -40.91
C LEU B 449 2.22 -21.63 -40.17
N LEU B 450 2.13 -20.31 -39.99
CA LEU B 450 0.98 -19.66 -39.27
C LEU B 450 -0.24 -19.57 -40.18
N TYR B 451 -0.06 -19.49 -41.50
CA TYR B 451 -1.18 -19.54 -42.44
C TYR B 451 -1.73 -20.96 -42.55
N SER B 452 -0.83 -21.95 -42.59
CA SER B 452 -1.28 -23.33 -42.49
C SER B 452 -1.93 -23.60 -41.13
N SER B 453 -1.33 -23.08 -40.06
CA SER B 453 -1.94 -23.21 -38.74
C SER B 453 -3.26 -22.47 -38.66
N LEU B 454 -3.35 -21.30 -39.29
CA LEU B 454 -4.62 -20.58 -39.34
C LEU B 454 -5.67 -21.39 -40.08
N TYR B 455 -5.27 -22.03 -41.18
CA TYR B 455 -6.14 -22.97 -41.87
C TYR B 455 -6.31 -24.27 -41.10
N SER B 456 -5.29 -24.68 -40.33
CA SER B 456 -5.39 -25.93 -39.59
C SER B 456 -6.55 -25.90 -38.61
N THR B 457 -6.71 -24.79 -37.88
CA THR B 457 -7.82 -24.67 -36.96
C THR B 457 -9.16 -24.73 -37.69
N TYR B 458 -9.22 -24.17 -38.90
CA TYR B 458 -10.44 -24.25 -39.70
C TYR B 458 -10.81 -25.70 -39.98
N LEU B 459 -9.82 -26.50 -40.41
CA LEU B 459 -10.08 -27.90 -40.67
C LEU B 459 -10.18 -28.72 -39.39
N TRP B 460 -9.39 -28.36 -38.36
CA TRP B 460 -9.32 -29.20 -37.18
C TRP B 460 -10.65 -29.25 -36.43
N THR B 461 -11.35 -28.12 -36.41
CA THR B 461 -12.70 -28.08 -35.79
C THR B 461 -13.63 -28.88 -36.71
N GLY B 462 -13.31 -28.95 -38.01
CA GLY B 462 -14.13 -29.70 -38.96
C GLY B 462 -14.03 -31.19 -38.77
N LEU B 463 -12.79 -31.72 -38.69
CA LEU B 463 -12.64 -33.16 -38.52
C LEU B 463 -12.91 -33.58 -37.08
N LEU B 464 -12.88 -32.61 -36.15
CA LEU B 464 -13.35 -32.89 -34.79
C LEU B 464 -14.81 -33.32 -34.81
N ALA B 465 -15.60 -32.75 -35.74
CA ALA B 465 -16.98 -33.17 -35.90
C ALA B 465 -17.07 -34.61 -36.42
N ILE B 466 -16.12 -35.02 -37.25
CA ILE B 466 -16.13 -36.38 -37.79
C ILE B 466 -16.06 -37.40 -36.66
N SER B 467 -15.26 -37.12 -35.63
CA SER B 467 -15.19 -38.04 -34.49
C SER B 467 -16.52 -38.08 -33.75
N LEU B 468 -17.07 -36.91 -33.41
CA LEU B 468 -18.39 -36.84 -32.73
C LEU B 468 -19.44 -37.40 -33.69
N PHE B 469 -19.22 -37.32 -35.00
CA PHE B 469 -20.15 -37.92 -35.99
C PHE B 469 -20.20 -39.42 -35.71
N LEU B 470 -19.04 -40.05 -35.49
CA LEU B 470 -18.98 -41.48 -35.20
C LEU B 470 -19.46 -41.78 -33.79
N LEU B 471 -19.23 -40.86 -32.84
CA LEU B 471 -19.66 -41.10 -31.47
C LEU B 471 -21.17 -41.21 -31.36
N LYS B 472 -21.90 -40.33 -32.05
CA LYS B 472 -23.36 -40.35 -32.01
C LYS B 472 -23.95 -41.41 -32.95
N LYS B 473 -23.14 -42.03 -33.79
CA LYS B 473 -23.59 -43.10 -34.68
C LYS B 473 -23.09 -44.43 -34.14
N ARG B 474 -23.98 -45.17 -33.50
CA ARG B 474 -23.67 -46.46 -32.89
C ARG B 474 -22.54 -46.35 -31.88
N PRO B 480 -13.55 -44.85 -38.06
CA PRO B 480 -12.69 -45.01 -36.88
C PRO B 480 -11.80 -43.80 -36.66
N VAL B 481 -11.27 -43.67 -35.43
CA VAL B 481 -10.40 -42.54 -35.12
C VAL B 481 -9.09 -42.64 -35.88
N GLY B 482 -8.63 -43.86 -36.18
CA GLY B 482 -7.38 -44.02 -36.91
C GLY B 482 -7.41 -43.36 -38.27
N ILE B 483 -8.54 -43.45 -38.96
CA ILE B 483 -8.71 -42.74 -40.22
C ILE B 483 -8.66 -41.23 -39.98
N ILE B 484 -9.30 -40.76 -38.90
CA ILE B 484 -9.24 -39.35 -38.56
C ILE B 484 -7.84 -38.96 -38.11
N ILE B 485 -7.14 -39.85 -37.40
CA ILE B 485 -5.80 -39.55 -36.92
C ILE B 485 -4.85 -39.33 -38.08
N ILE B 486 -4.92 -40.20 -39.10
CA ILE B 486 -4.04 -40.05 -40.26
C ILE B 486 -4.36 -38.76 -41.00
N SER B 487 -5.59 -38.27 -40.89
CA SER B 487 -5.95 -36.96 -41.43
C SER B 487 -5.85 -35.86 -40.38
N GLY B 488 -5.61 -36.20 -39.12
CA GLY B 488 -5.48 -35.21 -38.07
C GLY B 488 -4.32 -34.26 -38.30
N TRP B 489 -3.16 -34.81 -38.65
CA TRP B 489 -2.00 -34.01 -39.01
C TRP B 489 -1.76 -33.99 -40.51
N GLY B 490 -2.69 -34.53 -41.30
CA GLY B 490 -2.54 -34.46 -42.75
C GLY B 490 -2.47 -33.03 -43.26
N ILE B 491 -3.29 -32.15 -42.71
CA ILE B 491 -3.28 -30.71 -43.00
C ILE B 491 -3.35 -30.47 -44.51
N PRO B 492 -4.52 -30.65 -45.15
CA PRO B 492 -4.65 -30.30 -46.57
C PRO B 492 -4.25 -28.86 -46.87
N ALA B 493 -4.15 -28.02 -45.84
CA ALA B 493 -3.61 -26.68 -46.02
C ALA B 493 -2.20 -26.70 -46.56
N LEU B 494 -1.47 -27.81 -46.37
CA LEU B 494 -0.16 -27.94 -47.00
C LEU B 494 -0.29 -28.08 -48.52
N LEU B 495 -1.44 -28.57 -49.01
CA LEU B 495 -1.68 -28.50 -50.45
C LEU B 495 -1.80 -27.06 -50.91
N VAL B 496 -2.39 -26.18 -50.07
CA VAL B 496 -2.30 -24.76 -50.33
C VAL B 496 -0.84 -24.31 -50.27
N GLY B 497 0.02 -25.10 -49.61
CA GLY B 497 1.43 -24.78 -49.57
C GLY B 497 2.03 -24.57 -50.95
N VAL B 498 1.59 -25.38 -51.92
CA VAL B 498 2.01 -25.15 -53.30
C VAL B 498 1.48 -23.82 -53.79
N LEU B 499 0.27 -23.43 -53.35
CA LEU B 499 -0.33 -22.18 -53.79
C LEU B 499 0.47 -20.96 -53.34
N LEU B 500 1.18 -21.06 -52.22
CA LEU B 500 2.04 -19.95 -51.75
C LEU B 500 3.28 -19.87 -52.65
N ILE B 501 3.76 -21.01 -53.15
CA ILE B 501 4.97 -21.06 -53.99
C ILE B 501 4.64 -20.79 -55.45
N THR B 502 3.66 -21.51 -56.01
CA THR B 502 3.42 -21.47 -57.44
C THR B 502 2.09 -20.85 -57.83
N GLY B 503 1.17 -20.64 -56.90
CA GLY B 503 -0.11 -20.07 -57.25
C GLY B 503 0.00 -18.66 -57.79
N LYS B 504 0.74 -17.80 -57.10
CA LYS B 504 0.87 -16.40 -57.48
C LYS B 504 1.95 -15.74 -56.64
N HIS B 505 2.70 -14.84 -57.26
CA HIS B 505 3.78 -14.11 -56.60
C HIS B 505 3.19 -13.23 -55.49
N ASN B 506 3.95 -13.09 -54.40
CA ASN B 506 3.50 -12.31 -53.23
C ASN B 506 3.17 -10.86 -53.60
N GLY B 507 2.12 -10.29 -53.01
CA GLY B 507 1.73 -8.91 -53.18
C GLY B 507 2.31 -8.01 -52.12
N ASP B 508 1.47 -7.08 -51.64
CA ASP B 508 1.89 -6.12 -50.63
C ASP B 508 2.23 -6.82 -49.31
N SER B 509 1.42 -7.79 -48.91
CA SER B 509 1.67 -8.65 -47.76
C SER B 509 1.85 -7.84 -46.48
N ILE B 510 0.76 -7.19 -46.07
CA ILE B 510 0.73 -6.45 -44.81
C ILE B 510 -0.11 -7.17 -43.75
N ASP B 511 -0.99 -8.07 -44.20
CA ASP B 511 -1.84 -8.84 -43.27
C ASP B 511 -1.94 -10.26 -43.82
N SER B 512 -2.61 -11.17 -43.11
CA SER B 512 -2.80 -12.58 -43.55
C SER B 512 -3.60 -12.59 -44.85
N ALA B 513 -4.76 -11.94 -44.89
CA ALA B 513 -5.62 -11.86 -46.10
C ALA B 513 -5.02 -10.85 -47.06
N PHE B 514 -4.21 -9.91 -46.57
CA PHE B 514 -3.53 -8.88 -47.41
C PHE B 514 -2.15 -9.42 -47.76
N PHE B 515 -2.05 -10.27 -48.77
CA PHE B 515 -0.77 -10.93 -49.17
C PHE B 515 -0.57 -10.70 -50.67
N TYR B 516 -1.10 -11.57 -51.53
CA TYR B 516 -1.02 -11.43 -53.00
C TYR B 516 -2.43 -11.49 -53.58
N GLY B 517 -2.87 -10.44 -54.27
CA GLY B 517 -4.23 -10.37 -54.85
C GLY B 517 -5.26 -10.89 -53.86
N LYS B 518 -6.22 -11.70 -54.32
CA LYS B 518 -7.29 -12.27 -53.45
C LYS B 518 -7.30 -13.79 -53.56
N GLU B 519 -6.32 -14.40 -54.23
CA GLU B 519 -6.27 -15.84 -54.46
C GLU B 519 -6.10 -16.62 -53.16
N GLN B 520 -5.37 -16.00 -52.21
CA GLN B 520 -5.19 -16.60 -50.87
C GLN B 520 -6.53 -16.50 -50.16
N MET B 521 -7.39 -15.51 -50.46
CA MET B 521 -8.74 -15.30 -49.89
C MET B 521 -9.69 -16.22 -50.65
N ILE B 522 -9.34 -16.59 -51.89
CA ILE B 522 -10.09 -17.59 -52.68
C ILE B 522 -9.85 -18.92 -51.99
N THR B 523 -8.60 -19.28 -51.69
CA THR B 523 -8.29 -20.48 -50.94
C THR B 523 -8.77 -20.38 -49.50
N THR B 524 -8.73 -19.17 -48.96
CA THR B 524 -9.28 -18.91 -47.60
C THR B 524 -10.77 -19.21 -47.67
N ALA B 525 -11.42 -18.89 -48.78
CA ALA B 525 -12.84 -19.20 -48.94
C ALA B 525 -13.09 -20.70 -48.94
N VAL B 526 -12.20 -21.47 -49.58
CA VAL B 526 -12.39 -22.92 -49.66
C VAL B 526 -12.23 -23.61 -48.31
N THR B 527 -11.29 -23.16 -47.48
CA THR B 527 -10.90 -23.96 -46.32
C THR B 527 -12.01 -24.07 -45.28
N LEU B 528 -12.80 -23.01 -45.07
CA LEU B 528 -13.69 -23.05 -43.92
C LEU B 528 -15.03 -23.69 -44.23
N PHE B 529 -15.70 -23.24 -45.31
CA PHE B 529 -17.08 -23.68 -45.66
C PHE B 529 -17.15 -25.21 -45.74
N CYS B 530 -16.07 -25.88 -46.13
CA CYS B 530 -16.02 -27.33 -46.11
C CYS B 530 -16.19 -27.85 -44.69
N SER B 531 -15.50 -27.24 -43.73
CA SER B 531 -15.66 -27.64 -42.34
C SER B 531 -17.05 -27.34 -41.83
N ILE B 532 -17.57 -26.16 -42.22
CA ILE B 532 -18.90 -25.67 -41.75
C ILE B 532 -19.99 -26.60 -42.29
N LEU B 533 -19.88 -27.06 -43.54
CA LEU B 533 -20.91 -27.90 -44.12
C LEU B 533 -20.97 -29.28 -43.48
N ILE B 534 -19.90 -29.72 -42.82
CA ILE B 534 -19.98 -30.95 -42.05
C ILE B 534 -20.64 -30.68 -40.70
N ALA B 535 -20.38 -29.53 -40.10
CA ALA B 535 -20.99 -29.20 -38.82
C ALA B 535 -22.49 -28.95 -38.98
N GLY B 536 -22.92 -28.50 -40.15
CA GLY B 536 -24.31 -28.18 -40.38
C GLY B 536 -25.24 -29.38 -40.37
N ILE B 537 -24.67 -30.57 -40.64
CA ILE B 537 -25.46 -31.84 -40.74
C ILE B 537 -25.23 -32.70 -39.50
N SER B 538 -24.28 -32.34 -38.62
CA SER B 538 -24.11 -33.04 -37.36
C SER B 538 -25.24 -32.70 -36.39
N LEU B 539 -25.63 -31.42 -36.34
CA LEU B 539 -26.77 -31.04 -35.50
C LEU B 539 -28.03 -31.74 -35.95
N MET B 540 -28.25 -31.84 -37.27
CA MET B 540 -29.36 -32.64 -37.78
C MET B 540 -29.16 -34.12 -37.48
N CYS B 541 -27.92 -34.61 -37.60
CA CYS B 541 -27.63 -36.00 -37.29
C CYS B 541 -27.90 -36.31 -35.82
N MET B 542 -27.52 -35.39 -34.93
CA MET B 542 -27.85 -35.56 -33.51
C MET B 542 -29.36 -35.58 -33.29
N ASN B 543 -30.09 -34.76 -34.05
CA ASN B 543 -31.55 -34.78 -33.96
C ASN B 543 -32.10 -36.13 -34.41
N GLN B 544 -31.54 -36.69 -35.47
CA GLN B 544 -31.96 -38.00 -35.95
C GLN B 544 -31.59 -39.10 -34.96
N GLN B 654 -15.89 -34.23 -20.47
CA GLN B 654 -16.69 -33.12 -21.01
C GLN B 654 -16.88 -33.28 -22.52
N LEU B 655 -17.34 -34.46 -22.93
CA LEU B 655 -17.54 -34.73 -24.35
C LEU B 655 -18.63 -33.84 -24.93
N THR B 656 -19.71 -33.61 -24.16
CA THR B 656 -20.80 -32.76 -24.66
C THR B 656 -20.37 -31.30 -24.75
N ARG B 657 -19.39 -30.89 -23.94
CA ARG B 657 -18.96 -29.49 -23.96
C ARG B 657 -18.25 -29.14 -25.25
N HIS B 658 -17.52 -30.09 -25.85
CA HIS B 658 -16.82 -29.81 -27.10
C HIS B 658 -17.79 -29.48 -28.23
N VAL B 659 -19.02 -30.01 -28.16
CA VAL B 659 -20.04 -29.63 -29.13
C VAL B 659 -20.33 -28.14 -29.01
N LEU B 660 -20.44 -27.64 -27.77
CA LEU B 660 -20.61 -26.21 -27.57
C LEU B 660 -19.40 -25.43 -28.06
N LEU B 661 -18.21 -26.01 -27.94
CA LEU B 661 -16.99 -25.34 -28.40
C LEU B 661 -17.05 -25.08 -29.90
N CYS B 662 -17.49 -26.08 -30.68
CA CYS B 662 -17.58 -25.91 -32.12
C CYS B 662 -18.64 -24.87 -32.47
N LEU B 663 -19.75 -24.85 -31.74
CA LEU B 663 -20.82 -23.89 -32.03
C LEU B 663 -20.37 -22.46 -31.81
N LEU B 664 -19.58 -22.20 -30.77
CA LEU B 664 -19.10 -20.84 -30.51
C LEU B 664 -18.24 -20.32 -31.65
N LEU B 665 -17.34 -21.17 -32.16
CA LEU B 665 -16.47 -20.76 -33.26
C LEU B 665 -17.16 -20.85 -34.61
N ILE B 666 -18.27 -21.58 -34.68
CA ILE B 666 -19.03 -21.76 -35.96
C ILE B 666 -19.67 -20.43 -36.34
N ILE B 667 -19.97 -19.55 -35.37
CA ILE B 667 -20.48 -18.22 -35.65
C ILE B 667 -19.39 -17.35 -36.25
N GLY B 668 -18.19 -17.41 -35.68
CA GLY B 668 -17.06 -16.72 -36.28
C GLY B 668 -16.75 -17.26 -37.66
N LEU B 669 -16.83 -18.58 -37.84
CA LEU B 669 -16.66 -19.16 -39.17
C LEU B 669 -17.74 -18.65 -40.12
N PHE B 670 -18.98 -18.57 -39.64
CA PHE B 670 -20.03 -17.89 -40.41
C PHE B 670 -19.68 -16.42 -40.61
N ALA B 671 -19.17 -15.77 -39.56
CA ALA B 671 -18.71 -14.39 -39.70
C ALA B 671 -17.54 -14.32 -40.68
N ASN B 672 -16.61 -15.28 -40.60
CA ASN B 672 -15.54 -15.34 -41.58
C ASN B 672 -16.07 -15.71 -42.96
N LEU B 673 -17.14 -16.50 -42.98
CA LEU B 673 -17.81 -16.89 -44.25
C LEU B 673 -18.23 -15.59 -44.93
N SER B 674 -18.96 -14.73 -44.23
CA SER B 674 -19.33 -13.42 -44.76
C SER B 674 -18.08 -12.59 -45.04
N SER B 675 -17.08 -12.73 -44.18
CA SER B 675 -15.80 -12.02 -44.34
C SER B 675 -15.07 -12.57 -45.57
N CYS B 676 -15.29 -13.84 -45.91
CA CYS B 676 -14.61 -14.47 -47.04
C CYS B 676 -15.34 -14.29 -48.37
N LEU B 677 -16.54 -13.74 -48.35
CA LEU B 677 -17.33 -13.55 -49.57
C LEU B 677 -17.62 -12.10 -49.89
N TRP B 678 -17.51 -11.20 -48.92
CA TRP B 678 -17.84 -9.79 -49.13
C TRP B 678 -16.90 -9.18 -50.17
N TRP B 679 -15.60 -9.32 -49.97
CA TRP B 679 -14.63 -8.75 -50.91
C TRP B 679 -14.77 -9.38 -52.29
N LEU B 680 -15.00 -10.69 -52.33
CA LEU B 680 -15.18 -11.40 -53.60
C LEU B 680 -16.25 -10.75 -54.46
N PHE B 681 -17.39 -10.39 -53.85
CA PHE B 681 -18.42 -9.67 -54.59
C PHE B 681 -18.01 -8.24 -54.87
N ASN B 682 -17.48 -7.55 -53.86
CA ASN B 682 -17.11 -6.14 -54.01
C ASN B 682 -16.14 -5.77 -52.90
N GLN B 683 -15.13 -4.97 -53.25
CA GLN B 683 -14.08 -4.56 -52.31
C GLN B 683 -14.38 -3.24 -51.62
N GLU B 684 -15.66 -2.92 -51.39
CA GLU B 684 -16.05 -1.66 -50.78
C GLU B 684 -16.29 -1.83 -49.29
N PRO B 685 -15.48 -1.20 -48.43
CA PRO B 685 -15.78 -1.23 -46.99
C PRO B 685 -17.20 -0.81 -46.65
N GLY B 686 -17.59 0.41 -47.03
CA GLY B 686 -18.92 0.90 -46.74
C GLY B 686 -19.24 1.02 -45.27
N ARG B 687 -18.22 1.21 -44.42
CA ARG B 687 -18.31 1.37 -42.97
C ARG B 687 -18.77 0.09 -42.27
N LEU B 688 -19.13 -0.95 -43.01
CA LEU B 688 -19.55 -2.21 -42.42
C LEU B 688 -18.52 -3.31 -42.63
N TYR B 689 -17.93 -3.41 -43.81
CA TYR B 689 -16.90 -4.40 -44.07
C TYR B 689 -15.66 -4.17 -43.21
N VAL B 690 -15.43 -2.93 -42.78
CA VAL B 690 -14.33 -2.67 -41.85
C VAL B 690 -14.59 -3.34 -40.50
N GLU B 691 -15.82 -3.26 -39.99
CA GLU B 691 -16.13 -3.81 -38.68
C GLU B 691 -16.16 -5.32 -38.65
N LEU B 692 -16.37 -5.98 -39.78
CA LEU B 692 -16.20 -7.43 -39.82
C LEU B 692 -14.75 -7.85 -40.00
N GLN B 693 -13.91 -6.98 -40.57
CA GLN B 693 -12.46 -7.19 -40.48
C GLN B 693 -12.02 -7.18 -39.02
N PHE B 694 -12.53 -6.23 -38.24
CA PHE B 694 -12.28 -6.23 -36.81
C PHE B 694 -12.90 -7.47 -36.14
N PHE B 695 -14.07 -7.87 -36.60
CA PHE B 695 -14.64 -9.13 -36.12
C PHE B 695 -13.86 -10.33 -36.63
N CYS B 696 -13.25 -10.20 -37.82
CA CYS B 696 -12.37 -11.27 -38.31
C CYS B 696 -11.14 -11.41 -37.43
N ALA B 697 -10.57 -10.27 -37.01
CA ALA B 697 -9.36 -10.32 -36.18
C ALA B 697 -9.62 -10.99 -34.85
N VAL B 698 -10.70 -10.59 -34.17
CA VAL B 698 -11.02 -11.17 -32.87
C VAL B 698 -11.39 -12.63 -32.99
N PHE B 699 -11.84 -13.08 -34.17
CA PHE B 699 -12.08 -14.49 -34.40
C PHE B 699 -10.77 -15.21 -34.73
N ASN B 700 -10.09 -14.77 -35.79
CA ASN B 700 -8.90 -15.47 -36.27
C ASN B 700 -7.82 -15.52 -35.20
N PHE B 701 -7.36 -14.35 -34.76
CA PHE B 701 -6.31 -14.27 -33.75
C PHE B 701 -6.96 -13.90 -32.42
N GLY B 702 -7.05 -14.87 -31.53
CA GLY B 702 -7.69 -14.66 -30.24
C GLY B 702 -8.92 -15.51 -30.05
N GLN B 703 -8.92 -16.70 -30.66
CA GLN B 703 -10.09 -17.61 -30.58
C GLN B 703 -9.88 -18.58 -29.43
N GLY B 704 -8.69 -18.63 -28.82
CA GLY B 704 -8.48 -19.52 -27.68
C GLY B 704 -9.07 -18.99 -26.39
N PHE B 705 -9.51 -17.73 -26.37
CA PHE B 705 -10.10 -17.17 -25.17
C PHE B 705 -11.35 -17.93 -24.76
N ILE B 706 -12.24 -18.20 -25.73
CA ILE B 706 -13.39 -19.04 -25.43
C ILE B 706 -12.94 -20.49 -25.21
N SER B 707 -11.95 -20.94 -25.97
CA SER B 707 -11.48 -22.32 -25.85
C SER B 707 -11.02 -22.63 -24.42
N PHE B 708 -10.39 -21.67 -23.75
CA PHE B 708 -10.03 -21.87 -22.36
C PHE B 708 -11.26 -21.99 -21.47
N GLY B 709 -12.38 -21.42 -21.91
CA GLY B 709 -13.59 -21.48 -21.10
C GLY B 709 -14.08 -22.90 -20.88
N ILE B 710 -14.05 -23.71 -21.93
CA ILE B 710 -14.46 -25.13 -21.84
C ILE B 710 -13.49 -25.83 -20.90
N PHE B 711 -12.18 -25.56 -21.01
CA PHE B 711 -11.14 -26.28 -20.28
C PHE B 711 -10.63 -25.50 -19.07
N GLY B 712 -11.35 -24.47 -18.67
CA GLY B 712 -11.03 -23.74 -17.46
C GLY B 712 -12.12 -23.89 -16.42
N LEU B 713 -11.81 -23.59 -15.16
CA LEU B 713 -12.71 -23.64 -14.01
C LEU B 713 -13.16 -25.06 -13.69
N ASP B 714 -12.72 -26.07 -14.44
CA ASP B 714 -13.08 -27.46 -14.14
C ASP B 714 -12.15 -28.07 -13.10
N LYS B 715 -10.84 -28.02 -13.37
CA LYS B 715 -9.80 -28.48 -12.44
C LYS B 715 -10.03 -29.95 -12.05
N HIS B 716 -9.94 -30.80 -13.07
CA HIS B 716 -10.13 -32.25 -12.92
C HIS B 716 -11.50 -32.58 -12.34
P 3PE C . 25.37 -13.23 28.97
N 3PE C . 21.96 -12.02 25.39
O11 3PE C . 26.48 -12.25 28.31
O12 3PE C . 24.60 -12.44 29.99
O13 3PE C . 24.41 -13.57 27.74
O14 3PE C . 26.07 -14.50 29.38
C11 3PE C . 23.46 -12.58 27.27
C12 3PE C . 22.97 -12.96 25.90
C1 3PE C . 26.31 -10.82 28.42
C2 3PE C . 27.39 -10.10 27.64
C3 3PE C . 28.65 -10.93 27.47
O31 3PE C . 29.57 -10.21 26.61
O32 3PE C . 30.01 -8.70 28.19
C31 3PE C . 29.94 -9.01 27.02
C32 3PE C . 30.25 -8.10 25.87
C33 3PE C . 30.60 -6.71 26.30
C34 3PE C . 30.97 -5.81 25.13
C35 3PE C . 32.36 -6.04 24.60
C36 3PE C . 32.67 -5.31 23.32
C37 3PE C . 32.37 -3.83 23.37
C38 3PE C . 32.58 -3.12 22.05
C39 3PE C . 33.59 -2.01 22.11
C3A 3PE C . 33.41 -0.95 21.06
C3B 3PE C . 32.16 -0.13 21.25
C3C 3PE C . 32.13 1.15 20.44
C3D 3PE C . 30.93 2.02 20.71
C3E 3PE C . 31.08 3.45 20.27
C3F 3PE C . 31.71 4.36 21.30
C3G 3PE C . 33.13 4.02 21.66
C3H 3PE C . 33.25 3.04 22.80
C3I 3PE C . 34.59 2.34 22.84
O21 3PE C . 26.87 -9.74 26.33
O22 3PE C . 25.66 -11.46 25.57
C21 3PE C . 26.60 -10.73 25.46
C22 3PE C . 27.63 -10.79 24.38
C23 3PE C . 27.08 -10.53 23.02
C24 3PE C . 28.14 -10.66 21.94
C25 3PE C . 29.43 -9.95 22.26
C26 3PE C . 29.30 -8.47 22.38
C27 3PE C . 30.61 -7.76 22.44
C28 3PE C . 31.43 -7.87 21.18
C29 3PE C . 30.91 -7.02 20.04
C2A 3PE C . 31.12 -5.56 20.26
C2B 3PE C . 30.61 -4.68 19.15
C2C 3PE C . 30.65 -3.23 19.49
C2D 3PE C . 30.06 -2.34 18.43
C2E 3PE C . 30.76 -1.01 18.32
C2F 3PE C . 31.23 -0.67 16.93
C2G 3PE C . 32.70 -0.40 16.84
C2H 3PE C . 33.52 -1.63 16.54
C2I 3PE C . 33.13 -2.82 17.39
P 3PE D . -13.34 9.95 13.71
N 3PE D . -17.10 10.98 16.07
O11 3PE D . -12.08 8.89 13.74
O12 3PE D . -12.85 11.16 14.42
O13 3PE D . -14.44 9.16 14.66
O14 3PE D . -13.96 9.96 12.36
C11 3PE D . -15.81 9.47 14.59
C12 3PE D . -16.00 10.90 15.07
C1 3PE D . -11.29 8.70 12.60
C2 3PE D . -10.03 9.56 12.61
C3 3PE D . -10.31 11.02 12.34
O31 3PE D . -9.88 11.30 11.01
O32 3PE D . -11.96 11.09 10.21
C31 3PE D . -10.81 11.46 10.07
C32 3PE D . -10.25 12.15 8.86
C33 3PE D . -9.59 13.48 9.15
C34 3PE D . -9.23 14.22 7.87
C35 3PE D . -8.72 15.63 8.09
C36 3PE D . -7.26 15.66 8.53
C37 3PE D . -6.65 17.05 8.48
C38 3PE D . -7.37 18.04 9.39
C39 3PE D . -6.50 18.67 10.46
C3A 3PE D . -6.74 18.10 11.85
C3B 3PE D . -6.25 16.68 12.04
C3C 3PE D . -4.77 16.52 11.72
C3D 3PE D . -3.85 17.29 12.66
C3E 3PE D . -2.37 17.09 12.35
C3F 3PE D . -1.88 17.90 11.16
C3G 3PE D . -0.38 17.83 10.97
C3H 3PE D . 0.14 18.74 9.86
C3I 3PE D . 1.65 18.65 9.69
O21 3PE D . -9.24 9.51 13.82
O22 3PE D . -10.00 10.91 15.39
C21 3PE D . -9.68 9.80 15.03
C22 3PE D . -9.73 8.58 15.91
C23 3PE D . -9.20 8.81 17.31
C24 3PE D . -7.73 9.19 17.29
C25 3PE D . -6.85 8.12 16.64
C26 3PE D . -5.56 8.70 16.08
C27 3PE D . -4.69 9.39 17.12
C28 3PE D . -3.40 8.64 17.41
C29 3PE D . -2.22 9.55 17.71
C2A 3PE D . -1.97 10.56 16.60
C2B 3PE D . -0.99 11.65 17.00
C2C 3PE D . -0.43 12.44 15.81
C2D 3PE D . -1.45 13.37 15.16
C2E 3PE D . -0.81 14.67 14.68
C2F 3PE D . 0.36 14.46 13.72
C2G 3PE D . 1.66 15.09 14.20
C2H 3PE D . 2.60 14.10 14.87
C2I 3PE D . 4.02 14.65 15.03
C P5S E . 8.90 -13.84 0.95
N P5S E . 11.35 -13.94 1.27
O P5S E . 8.19 -12.82 0.89
C1 P5S E . 6.40 -15.36 -4.99
C2 P5S E . 7.43 -14.48 -5.67
C3 P5S E . 8.25 -13.67 -4.70
CA P5S E . 10.26 -13.79 0.25
CB P5S E . 10.40 -14.86 -0.81
OG P5S E . 9.79 -14.36 -2.03
P12 P5S E . 9.87 -15.28 -3.35
O13 P5S E . 11.29 -15.76 -3.48
O15 P5S E . 8.74 -16.27 -3.26
O16 P5S E . 9.58 -14.24 -4.54
C17 P5S E . 4.37 -15.07 -6.16
O18 P5S E . 3.83 -14.48 -5.26
O19 P5S E . 5.47 -15.82 -5.99
C20 P5S E . 3.91 -15.09 -7.59
C21 P5S E . 2.54 -15.64 -7.75
C22 P5S E . 2.15 -15.84 -9.21
C23 P5S E . 1.89 -14.56 -9.96
C24 P5S E . 3.08 -13.95 -10.64
C25 P5S E . 2.77 -12.63 -11.30
C26 P5S E . 3.76 -12.17 -12.32
C27 P5S E . 3.20 -11.19 -13.31
C28 P5S E . 2.18 -11.78 -14.24
C29 P5S E . 1.14 -10.81 -14.72
C30 P5S E . 1.64 -9.80 -15.72
C31 P5S E . 0.71 -8.64 -15.93
C32 P5S E . 0.83 -7.99 -17.27
C33 P5S E . 2.20 -7.44 -17.58
C34 P5S E . 2.58 -7.45 -19.03
C35 P5S E . 2.34 -8.76 -19.73
C36 P5S E . 3.08 -8.89 -21.03
O37 P5S E . 6.75 -13.58 -6.58
C38 P5S E . 7.42 -13.12 -7.64
C39 P5S E . 6.74 -13.47 -8.93
C40 P5S E . 6.40 -12.27 -9.73
C41 P5S E . 5.23 -11.49 -9.15
C42 P5S E . 5.09 -10.10 -9.69
C43 P5S E . 5.91 -9.08 -8.94
C44 P5S E . 6.95 -8.39 -9.76
C45 P5S E . 8.01 -9.29 -10.35
C46 P5S E . 9.15 -8.55 -11.00
O47 P5S E . 8.47 -12.55 -7.54
C48 P5S E . 10.33 -9.40 -11.33
C49 P5S E . 10.17 -10.24 -12.57
C50 P5S E . 11.35 -11.13 -12.86
C51 P5S E . 11.66 -12.11 -11.76
C52 P5S E . 10.58 -13.12 -11.51
C53 P5S E . 10.87 -14.03 -10.35
C54 P5S E . 9.81 -15.05 -10.08
C55 P5S E . 9.74 -15.50 -8.64
C56 P5S E . 8.62 -16.47 -8.36
OXT P5S E . 8.59 -14.90 1.53
O12 PC1 F . -22.78 -13.12 -16.54
P PC1 F . -23.05 -13.84 -17.81
O14 PC1 F . -24.41 -14.34 -18.20
O13 PC1 F . -22.05 -15.14 -17.96
C11 PC1 F . -21.07 -15.37 -16.98
C12 PC1 F . -20.67 -16.82 -17.16
N PC1 F . -19.49 -17.25 -16.33
C13 PC1 F . -19.77 -17.14 -14.89
C14 PC1 F . -19.22 -18.69 -16.66
C15 PC1 F . -18.28 -16.46 -16.67
O11 PC1 F . -22.45 -12.87 -19.00
C1 PC1 F . -22.75 -13.16 -20.35
C2 PC1 F . -21.55 -12.80 -21.21
O21 PC1 F . -20.37 -13.43 -20.72
C21 PC1 F . -19.75 -14.33 -21.50
O22 PC1 F . -19.94 -15.51 -21.43
C22 PC1 F . -18.79 -13.65 -22.43
C23 PC1 F . -17.84 -12.66 -21.74
C24 PC1 F . -17.02 -11.88 -22.75
C25 PC1 F . -17.87 -11.09 -23.73
C26 PC1 F . -17.05 -10.34 -24.77
C27 PC1 F . -17.87 -9.79 -25.93
C28 PC1 F . -18.64 -10.88 -26.66
C29 PC1 F . -19.34 -10.41 -27.92
C2A PC1 F . -20.46 -9.40 -27.66
C2B PC1 F . -21.01 -8.77 -28.93
C2C PC1 F . -19.99 -7.95 -29.69
C2D PC1 F . -19.70 -8.49 -31.09
C2E PC1 F . -20.90 -8.42 -32.03
C2F PC1 F . -21.15 -7.02 -32.58
C2G PC1 F . -22.30 -6.30 -31.88
C2H PC1 F . -22.14 -4.78 -31.86
C2I PC1 F . -23.23 -4.09 -31.05
C3 PC1 F . -21.27 -11.31 -21.18
O31 PC1 F . -22.35 -10.67 -21.86
C31 PC1 F . -22.80 -9.51 -21.39
O32 PC1 F . -22.38 -9.01 -20.39
C32 PC1 F . -23.89 -8.94 -22.25
C33 PC1 F . -23.43 -7.79 -23.13
C34 PC1 F . -22.35 -8.23 -24.10
C35 PC1 F . -21.40 -7.10 -24.49
C36 PC1 F . -21.77 -6.45 -25.83
C37 PC1 F . -20.75 -5.42 -26.28
C38 PC1 F . -21.02 -4.87 -27.67
C39 PC1 F . -19.83 -4.12 -28.26
C3A PC1 F . -20.23 -2.93 -29.11
C3B PC1 F . -19.10 -1.92 -29.29
C3C PC1 F . -19.42 -0.84 -30.32
C3D PC1 F . -20.57 0.08 -29.94
C3E PC1 F . -20.75 1.22 -30.92
C3F PC1 F . -22.10 1.92 -30.81
C3G PC1 F . -22.28 3.04 -31.83
C3H PC1 F . -23.67 3.67 -31.81
C3I PC1 F . -23.82 4.80 -32.80
C1 OLA G . -12.66 -16.84 -12.51
O1 OLA G . -13.06 -16.59 -11.35
O2 OLA G . -13.42 -17.44 -13.30
C2 OLA G . -11.28 -16.41 -12.95
C3 OLA G . -10.92 -17.11 -14.25
C4 OLA G . -10.74 -16.11 -15.37
C5 OLA G . -9.38 -15.42 -15.29
C6 OLA G . -9.48 -13.95 -15.66
C7 OLA G . -9.44 -13.76 -17.16
C8 OLA G . -8.94 -12.38 -17.53
C9 OLA G . -9.60 -11.93 -18.81
C10 OLA G . -8.93 -10.98 -19.70
C11 OLA G . -8.09 -9.85 -19.15
C12 OLA G . -7.35 -9.18 -20.30
C13 OLA G . -8.35 -8.56 -21.28
C14 OLA G . -8.19 -9.18 -22.67
C15 OLA G . -8.96 -8.37 -23.71
C16 OLA G . -9.45 -9.26 -24.85
C17 OLA G . -10.60 -10.14 -24.37
C18 OLA G . -11.08 -11.07 -25.49
P 3PE H . -40.06 -12.96 -9.59
N 3PE H . -35.47 -14.01 -7.97
O11 3PE H . -39.88 -14.21 -10.65
O12 3PE H . -41.39 -13.18 -8.95
O13 3PE H . -38.85 -13.28 -8.50
O14 3PE H . -39.66 -11.67 -10.23
C11 3PE H . -37.78 -14.10 -8.86
C12 3PE H . -36.89 -14.28 -7.65
C1 3PE H . -39.88 -13.94 -12.03
C2 3PE H . -38.44 -13.76 -12.50
C3 3PE H . -38.30 -14.08 -13.97
O31 3PE H . -36.90 -14.13 -14.25
O32 3PE H . -36.57 -13.99 -16.45
C31 3PE H . -36.44 -13.52 -15.34
C32 3PE H . -35.81 -12.21 -15.01
C33 3PE H . -36.73 -11.00 -15.11
C34 3PE H . -36.81 -10.47 -16.53
C35 3PE H . -37.90 -9.42 -16.73
C36 3PE H . -37.82 -8.73 -18.08
C37 3PE H . -36.77 -7.62 -18.14
C38 3PE H . -37.38 -6.22 -18.04
C39 3PE H . -37.79 -5.81 -16.64
C3A 3PE H . -39.29 -5.88 -16.41
C3B 3PE H . -40.10 -5.04 -17.39
C3C 3PE H . -41.61 -5.08 -17.11
C3D 3PE H . -41.97 -4.75 -15.67
C3E 3PE H . -43.47 -4.76 -15.42
C3F 3PE H . -44.17 -6.02 -15.92
C3G 3PE H . -45.55 -6.22 -15.31
C3H 3PE H . -45.52 -6.62 -13.84
C3I 3PE H . -46.90 -6.82 -13.24
O21 3PE H . -37.98 -12.42 -12.36
O22 3PE H . -36.03 -12.98 -11.46
C21 3PE H . -36.87 -12.14 -11.72
C22 3PE H . -36.76 -10.68 -11.37
C23 3PE H . -35.37 -10.22 -11.02
C24 3PE H . -35.36 -8.78 -10.54
C25 3PE H . -35.94 -7.79 -11.54
C26 3PE H . -35.18 -7.76 -12.86
C27 3PE H . -35.58 -6.60 -13.76
C28 3PE H . -34.94 -5.28 -13.34
C29 3PE H . -33.46 -5.20 -13.66
C2A 3PE H . -33.16 -5.15 -15.15
C2B 3PE H . -33.52 -3.83 -15.80
C2C 3PE H . -33.05 -3.70 -17.23
C2D 3PE H . -32.96 -2.26 -17.71
C2E 3PE H . -32.89 -2.11 -19.22
C2F 3PE H . -32.97 -0.65 -19.67
C2G 3PE H . -33.10 -0.48 -21.18
C2H 3PE H . -33.33 0.97 -21.60
C2I 3PE H . -33.39 1.15 -23.12
#